data_2BWK
# 
_entry.id   2BWK 
# 
_audit_conform.dict_name       mmcif_pdbx.dic 
_audit_conform.dict_version    5.398 
_audit_conform.dict_location   http://mmcif.pdb.org/dictionaries/ascii/mmcif_pdbx.dic 
# 
loop_
_database_2.database_id 
_database_2.database_code 
_database_2.pdbx_database_accession 
_database_2.pdbx_DOI 
PDB   2BWK         pdb_00002bwk 10.2210/pdb2bwk/pdb 
PDBE  EBI-24912    ?            ?                   
WWPDB D_1290024912 ?            ?                   
# 
loop_
_pdbx_audit_revision_history.ordinal 
_pdbx_audit_revision_history.data_content_type 
_pdbx_audit_revision_history.major_revision 
_pdbx_audit_revision_history.minor_revision 
_pdbx_audit_revision_history.revision_date 
1 'Structure model' 1 0 2005-11-30 
2 'Structure model' 1 1 2011-05-08 
3 'Structure model' 1 2 2011-07-13 
4 'Structure model' 1 3 2023-12-13 
5 'Structure model' 1 4 2024-11-13 
# 
_pdbx_audit_revision_details.ordinal             1 
_pdbx_audit_revision_details.revision_ordinal    1 
_pdbx_audit_revision_details.data_content_type   'Structure model' 
_pdbx_audit_revision_details.provider            repository 
_pdbx_audit_revision_details.type                'Initial release' 
_pdbx_audit_revision_details.description         ? 
_pdbx_audit_revision_details.details             ? 
# 
loop_
_pdbx_audit_revision_group.ordinal 
_pdbx_audit_revision_group.revision_ordinal 
_pdbx_audit_revision_group.data_content_type 
_pdbx_audit_revision_group.group 
1 2 'Structure model' 'Version format compliance' 
2 3 'Structure model' 'Version format compliance' 
3 4 'Structure model' 'Data collection'           
4 4 'Structure model' 'Database references'       
5 4 'Structure model' Other                       
6 4 'Structure model' 'Refinement description'    
7 5 'Structure model' 'Structure summary'         
# 
loop_
_pdbx_audit_revision_category.ordinal 
_pdbx_audit_revision_category.revision_ordinal 
_pdbx_audit_revision_category.data_content_type 
_pdbx_audit_revision_category.category 
1 4 'Structure model' chem_comp_atom                
2 4 'Structure model' chem_comp_bond                
3 4 'Structure model' database_2                    
4 4 'Structure model' pdbx_database_status          
5 4 'Structure model' pdbx_initial_refinement_model 
6 5 'Structure model' pdbx_entry_details            
7 5 'Structure model' pdbx_modification_feature     
# 
loop_
_pdbx_audit_revision_item.ordinal 
_pdbx_audit_revision_item.revision_ordinal 
_pdbx_audit_revision_item.data_content_type 
_pdbx_audit_revision_item.item 
1 4 'Structure model' '_database_2.pdbx_DOI'                 
2 4 'Structure model' '_database_2.pdbx_database_accession'  
3 4 'Structure model' '_pdbx_database_status.status_code_sf' 
# 
_pdbx_database_status.status_code                     REL 
_pdbx_database_status.entry_id                        2BWK 
_pdbx_database_status.deposit_site                    PDBE 
_pdbx_database_status.process_site                    PDBE 
_pdbx_database_status.SG_entry                        . 
_pdbx_database_status.recvd_initial_deposition_date   2005-07-15 
_pdbx_database_status.pdb_format_compatible           Y 
_pdbx_database_status.status_code_sf                  REL 
_pdbx_database_status.status_code_mr                  ? 
_pdbx_database_status.status_code_cs                  ? 
_pdbx_database_status.methods_development_category    ? 
_pdbx_database_status.status_code_nmr_data            ? 
# 
_pdbx_database_related.db_name        PDB 
_pdbx_database_related.db_id          2BWL 
_pdbx_database_related.content_type   unspecified 
_pdbx_database_related.details        'MURINE ANGIOGENIN, PHOSPHATE COMPLEX' 
# 
loop_
_audit_author.name 
_audit_author.pdbx_ordinal 
'Holloway, D.E.'  1 
'Chavali, G.B.'   2 
'Hares, M.C.'     3 
'Subramanian, V.' 4 
'Acharya, K.R.'   5 
# 
_citation.id                        primary 
_citation.title                     
'Structure of Murine Angiogenin: Features of the Substrate- and Cell-Binding Regions and Prospects for Inhibitor-Binding Studies.' 
_citation.journal_abbrev            'Acta Crystallogr.,Sect.D' 
_citation.journal_volume            61 
_citation.page_first                1568 
_citation.page_last                 ? 
_citation.year                      2005 
_citation.journal_id_ASTM           ABCRE6 
_citation.country                   DK 
_citation.journal_id_ISSN           0907-4449 
_citation.journal_id_CSD            0766 
_citation.book_publisher            ? 
_citation.pdbx_database_id_PubMed   16301790 
_citation.pdbx_database_id_DOI      10.1107/S0907444905029616 
# 
loop_
_citation_author.citation_id 
_citation_author.name 
_citation_author.ordinal 
_citation_author.identifier_ORCID 
primary 'Holloway, D.E.'  1 ? 
primary 'Chavali, G.B.'   2 ? 
primary 'Hares, M.C.'     3 ? 
primary 'Subramanian, V.' 4 ? 
primary 'Acharya, K.R.'   5 ? 
# 
loop_
_entity.id 
_entity.type 
_entity.src_method 
_entity.pdbx_description 
_entity.formula_weight 
_entity.pdbx_number_of_molecules 
_entity.pdbx_ec 
_entity.pdbx_mutation 
_entity.pdbx_fragment 
_entity.details 
1 polymer     man ANGIOGENIN    13792.662 1   3.1.27.5 ? ? ? 
2 non-polymer syn 'SULFATE ION' 96.063    2   ?        ? ? ? 
3 water       nat water         18.015    108 ?        ? ? ? 
# 
_entity_name_com.entity_id   1 
_entity_name_com.name        'RIBONUCLEASE 5, RNASE' 
# 
_entity_poly.entity_id                      1 
_entity_poly.type                           'polypeptide(L)' 
_entity_poly.nstd_linkage                   no 
_entity_poly.nstd_monomer                   no 
_entity_poly.pdbx_seq_one_letter_code       
;QDDSRYTKFLTQHHDAKPKGRDDRYCERMMKRRSLTSPCKDVNTFIHGNKSNIKAICGANGSPYRENLRMSKSPFQVTTC
KHTGGSPRPPCQYRASAGFRHVVIACENGLPVHFDESFFSL
;
_entity_poly.pdbx_seq_one_letter_code_can   
;QDDSRYTKFLTQHHDAKPKGRDDRYCERMMKRRSLTSPCKDVNTFIHGNKSNIKAICGANGSPYRENLRMSKSPFQVTTC
KHTGGSPRPPCQYRASAGFRHVVIACENGLPVHFDESFFSL
;
_entity_poly.pdbx_strand_id                 A 
_entity_poly.pdbx_target_identifier         ? 
# 
loop_
_pdbx_entity_nonpoly.entity_id 
_pdbx_entity_nonpoly.name 
_pdbx_entity_nonpoly.comp_id 
2 'SULFATE ION' SO4 
3 water         HOH 
# 
loop_
_entity_poly_seq.entity_id 
_entity_poly_seq.num 
_entity_poly_seq.mon_id 
_entity_poly_seq.hetero 
1 1   GLN n 
1 2   ASP n 
1 3   ASP n 
1 4   SER n 
1 5   ARG n 
1 6   TYR n 
1 7   THR n 
1 8   LYS n 
1 9   PHE n 
1 10  LEU n 
1 11  THR n 
1 12  GLN n 
1 13  HIS n 
1 14  HIS n 
1 15  ASP n 
1 16  ALA n 
1 17  LYS n 
1 18  PRO n 
1 19  LYS n 
1 20  GLY n 
1 21  ARG n 
1 22  ASP n 
1 23  ASP n 
1 24  ARG n 
1 25  TYR n 
1 26  CYS n 
1 27  GLU n 
1 28  ARG n 
1 29  MET n 
1 30  MET n 
1 31  LYS n 
1 32  ARG n 
1 33  ARG n 
1 34  SER n 
1 35  LEU n 
1 36  THR n 
1 37  SER n 
1 38  PRO n 
1 39  CYS n 
1 40  LYS n 
1 41  ASP n 
1 42  VAL n 
1 43  ASN n 
1 44  THR n 
1 45  PHE n 
1 46  ILE n 
1 47  HIS n 
1 48  GLY n 
1 49  ASN n 
1 50  LYS n 
1 51  SER n 
1 52  ASN n 
1 53  ILE n 
1 54  LYS n 
1 55  ALA n 
1 56  ILE n 
1 57  CYS n 
1 58  GLY n 
1 59  ALA n 
1 60  ASN n 
1 61  GLY n 
1 62  SER n 
1 63  PRO n 
1 64  TYR n 
1 65  ARG n 
1 66  GLU n 
1 67  ASN n 
1 68  LEU n 
1 69  ARG n 
1 70  MET n 
1 71  SER n 
1 72  LYS n 
1 73  SER n 
1 74  PRO n 
1 75  PHE n 
1 76  GLN n 
1 77  VAL n 
1 78  THR n 
1 79  THR n 
1 80  CYS n 
1 81  LYS n 
1 82  HIS n 
1 83  THR n 
1 84  GLY n 
1 85  GLY n 
1 86  SER n 
1 87  PRO n 
1 88  ARG n 
1 89  PRO n 
1 90  PRO n 
1 91  CYS n 
1 92  GLN n 
1 93  TYR n 
1 94  ARG n 
1 95  ALA n 
1 96  SER n 
1 97  ALA n 
1 98  GLY n 
1 99  PHE n 
1 100 ARG n 
1 101 HIS n 
1 102 VAL n 
1 103 VAL n 
1 104 ILE n 
1 105 ALA n 
1 106 CYS n 
1 107 GLU n 
1 108 ASN n 
1 109 GLY n 
1 110 LEU n 
1 111 PRO n 
1 112 VAL n 
1 113 HIS n 
1 114 PHE n 
1 115 ASP n 
1 116 GLU n 
1 117 SER n 
1 118 PHE n 
1 119 PHE n 
1 120 SER n 
1 121 LEU n 
# 
_entity_src_gen.entity_id                          1 
_entity_src_gen.pdbx_src_id                        1 
_entity_src_gen.pdbx_alt_source_flag               sample 
_entity_src_gen.pdbx_seq_type                      ? 
_entity_src_gen.pdbx_beg_seq_num                   ? 
_entity_src_gen.pdbx_end_seq_num                   ? 
_entity_src_gen.gene_src_common_name               MOUSE 
_entity_src_gen.gene_src_genus                     ? 
_entity_src_gen.pdbx_gene_src_gene                 ? 
_entity_src_gen.gene_src_species                   ? 
_entity_src_gen.gene_src_strain                    BALB/C 
_entity_src_gen.gene_src_tissue                    ? 
_entity_src_gen.gene_src_tissue_fraction           ? 
_entity_src_gen.gene_src_details                   ? 
_entity_src_gen.pdbx_gene_src_fragment             ? 
_entity_src_gen.pdbx_gene_src_scientific_name      'MUS MUSCULUS' 
_entity_src_gen.pdbx_gene_src_ncbi_taxonomy_id     10090 
_entity_src_gen.pdbx_gene_src_variant              ? 
_entity_src_gen.pdbx_gene_src_cell_line            ? 
_entity_src_gen.pdbx_gene_src_atcc                 ? 
_entity_src_gen.pdbx_gene_src_organ                ? 
_entity_src_gen.pdbx_gene_src_organelle            ? 
_entity_src_gen.pdbx_gene_src_cell                 ? 
_entity_src_gen.pdbx_gene_src_cellular_location    ? 
_entity_src_gen.host_org_common_name               ? 
_entity_src_gen.pdbx_host_org_scientific_name      'ESCHERICHIA COLI' 
_entity_src_gen.pdbx_host_org_ncbi_taxonomy_id     562 
_entity_src_gen.host_org_genus                     ? 
_entity_src_gen.pdbx_host_org_gene                 ? 
_entity_src_gen.pdbx_host_org_organ                ? 
_entity_src_gen.host_org_species                   ? 
_entity_src_gen.pdbx_host_org_tissue               ? 
_entity_src_gen.pdbx_host_org_tissue_fraction      ? 
_entity_src_gen.pdbx_host_org_strain               W3110 
_entity_src_gen.pdbx_host_org_variant              ? 
_entity_src_gen.pdbx_host_org_cell_line            ? 
_entity_src_gen.pdbx_host_org_atcc                 ? 
_entity_src_gen.pdbx_host_org_culture_collection   ? 
_entity_src_gen.pdbx_host_org_cell                 ? 
_entity_src_gen.pdbx_host_org_organelle            ? 
_entity_src_gen.pdbx_host_org_cellular_location    ? 
_entity_src_gen.pdbx_host_org_vector_type          ? 
_entity_src_gen.pdbx_host_org_vector               PUC 
_entity_src_gen.host_org_details                   ? 
_entity_src_gen.expression_system_id               ? 
_entity_src_gen.plasmid_name                       PMANG 
_entity_src_gen.plasmid_details                    ? 
_entity_src_gen.pdbx_description                   ? 
# 
loop_
_chem_comp.id 
_chem_comp.type 
_chem_comp.mon_nstd_flag 
_chem_comp.name 
_chem_comp.pdbx_synonyms 
_chem_comp.formula 
_chem_comp.formula_weight 
ALA 'L-peptide linking' y ALANINE         ? 'C3 H7 N O2'     89.093  
ARG 'L-peptide linking' y ARGININE        ? 'C6 H15 N4 O2 1' 175.209 
ASN 'L-peptide linking' y ASPARAGINE      ? 'C4 H8 N2 O3'    132.118 
ASP 'L-peptide linking' y 'ASPARTIC ACID' ? 'C4 H7 N O4'     133.103 
CYS 'L-peptide linking' y CYSTEINE        ? 'C3 H7 N O2 S'   121.158 
GLN 'L-peptide linking' y GLUTAMINE       ? 'C5 H10 N2 O3'   146.144 
GLU 'L-peptide linking' y 'GLUTAMIC ACID' ? 'C5 H9 N O4'     147.129 
GLY 'peptide linking'   y GLYCINE         ? 'C2 H5 N O2'     75.067  
HIS 'L-peptide linking' y HISTIDINE       ? 'C6 H10 N3 O2 1' 156.162 
HOH non-polymer         . WATER           ? 'H2 O'           18.015  
ILE 'L-peptide linking' y ISOLEUCINE      ? 'C6 H13 N O2'    131.173 
LEU 'L-peptide linking' y LEUCINE         ? 'C6 H13 N O2'    131.173 
LYS 'L-peptide linking' y LYSINE          ? 'C6 H15 N2 O2 1' 147.195 
MET 'L-peptide linking' y METHIONINE      ? 'C5 H11 N O2 S'  149.211 
PHE 'L-peptide linking' y PHENYLALANINE   ? 'C9 H11 N O2'    165.189 
PRO 'L-peptide linking' y PROLINE         ? 'C5 H9 N O2'     115.130 
SER 'L-peptide linking' y SERINE          ? 'C3 H7 N O3'     105.093 
SO4 non-polymer         . 'SULFATE ION'   ? 'O4 S -2'        96.063  
THR 'L-peptide linking' y THREONINE       ? 'C4 H9 N O3'     119.119 
TYR 'L-peptide linking' y TYROSINE        ? 'C9 H11 N O3'    181.189 
VAL 'L-peptide linking' y VALINE          ? 'C5 H11 N O2'    117.146 
# 
loop_
_pdbx_poly_seq_scheme.asym_id 
_pdbx_poly_seq_scheme.entity_id 
_pdbx_poly_seq_scheme.seq_id 
_pdbx_poly_seq_scheme.mon_id 
_pdbx_poly_seq_scheme.ndb_seq_num 
_pdbx_poly_seq_scheme.pdb_seq_num 
_pdbx_poly_seq_scheme.auth_seq_num 
_pdbx_poly_seq_scheme.pdb_mon_id 
_pdbx_poly_seq_scheme.auth_mon_id 
_pdbx_poly_seq_scheme.pdb_strand_id 
_pdbx_poly_seq_scheme.pdb_ins_code 
_pdbx_poly_seq_scheme.hetero 
A 1 1   GLN 1   1   ?   ?   ?   A . n 
A 1 2   ASP 2   2   ?   ?   ?   A . n 
A 1 3   ASP 3   3   3   ASP ASP A . n 
A 1 4   SER 4   4   4   SER SER A . n 
A 1 5   ARG 5   5   5   ARG ARG A . n 
A 1 6   TYR 6   6   6   TYR TYR A . n 
A 1 7   THR 7   7   7   THR THR A . n 
A 1 8   LYS 8   8   8   LYS LYS A . n 
A 1 9   PHE 9   9   9   PHE PHE A . n 
A 1 10  LEU 10  10  10  LEU LEU A . n 
A 1 11  THR 11  11  11  THR THR A . n 
A 1 12  GLN 12  12  12  GLN GLN A . n 
A 1 13  HIS 13  13  13  HIS HIS A . n 
A 1 14  HIS 14  14  14  HIS HIS A . n 
A 1 15  ASP 15  15  15  ASP ASP A . n 
A 1 16  ALA 16  16  16  ALA ALA A . n 
A 1 17  LYS 17  17  17  LYS LYS A . n 
A 1 18  PRO 18  18  18  PRO PRO A . n 
A 1 19  LYS 19  19  19  LYS LYS A . n 
A 1 20  GLY 20  20  20  GLY GLY A . n 
A 1 21  ARG 21  21  21  ARG ARG A . n 
A 1 22  ASP 22  22  22  ASP ASP A . n 
A 1 23  ASP 23  23  23  ASP ASP A . n 
A 1 24  ARG 24  24  24  ARG ARG A . n 
A 1 25  TYR 25  25  25  TYR TYR A . n 
A 1 26  CYS 26  26  26  CYS CYS A . n 
A 1 27  GLU 27  27  27  GLU GLU A . n 
A 1 28  ARG 28  28  28  ARG ARG A . n 
A 1 29  MET 29  29  29  MET MET A . n 
A 1 30  MET 30  30  30  MET MET A . n 
A 1 31  LYS 31  31  31  LYS LYS A . n 
A 1 32  ARG 32  32  32  ARG ARG A . n 
A 1 33  ARG 33  33  33  ARG ARG A . n 
A 1 34  SER 34  34  34  SER SER A . n 
A 1 35  LEU 35  35  35  LEU LEU A . n 
A 1 36  THR 36  36  36  THR THR A . n 
A 1 37  SER 37  37  37  SER SER A . n 
A 1 38  PRO 38  38  38  PRO PRO A . n 
A 1 39  CYS 39  39  39  CYS CYS A . n 
A 1 40  LYS 40  40  40  LYS LYS A . n 
A 1 41  ASP 41  41  41  ASP ASP A . n 
A 1 42  VAL 42  42  42  VAL VAL A . n 
A 1 43  ASN 43  43  43  ASN ASN A . n 
A 1 44  THR 44  44  44  THR THR A . n 
A 1 45  PHE 45  45  45  PHE PHE A . n 
A 1 46  ILE 46  46  46  ILE ILE A . n 
A 1 47  HIS 47  47  47  HIS HIS A . n 
A 1 48  GLY 48  48  48  GLY GLY A . n 
A 1 49  ASN 49  49  49  ASN ASN A . n 
A 1 50  LYS 50  50  50  LYS LYS A . n 
A 1 51  SER 51  51  51  SER SER A . n 
A 1 52  ASN 52  52  52  ASN ASN A . n 
A 1 53  ILE 53  53  53  ILE ILE A . n 
A 1 54  LYS 54  54  54  LYS LYS A . n 
A 1 55  ALA 55  55  55  ALA ALA A . n 
A 1 56  ILE 56  56  56  ILE ILE A . n 
A 1 57  CYS 57  57  57  CYS CYS A . n 
A 1 58  GLY 58  58  58  GLY GLY A . n 
A 1 59  ALA 59  59  59  ALA ALA A . n 
A 1 60  ASN 60  60  60  ASN ASN A . n 
A 1 61  GLY 61  61  61  GLY GLY A . n 
A 1 62  SER 62  62  62  SER SER A . n 
A 1 63  PRO 63  63  63  PRO PRO A . n 
A 1 64  TYR 64  64  64  TYR TYR A . n 
A 1 65  ARG 65  65  65  ARG ARG A . n 
A 1 66  GLU 66  66  66  GLU GLU A . n 
A 1 67  ASN 67  67  67  ASN ASN A . n 
A 1 68  LEU 68  68  68  LEU LEU A . n 
A 1 69  ARG 69  69  69  ARG ARG A . n 
A 1 70  MET 70  70  70  MET MET A . n 
A 1 71  SER 71  71  71  SER SER A . n 
A 1 72  LYS 72  72  72  LYS LYS A . n 
A 1 73  SER 73  73  73  SER SER A . n 
A 1 74  PRO 74  74  74  PRO PRO A . n 
A 1 75  PHE 75  75  75  PHE PHE A . n 
A 1 76  GLN 76  76  76  GLN GLN A . n 
A 1 77  VAL 77  77  77  VAL VAL A . n 
A 1 78  THR 78  78  78  THR THR A . n 
A 1 79  THR 79  79  79  THR THR A . n 
A 1 80  CYS 80  80  80  CYS CYS A . n 
A 1 81  LYS 81  81  81  LYS LYS A . n 
A 1 82  HIS 82  82  82  HIS HIS A . n 
A 1 83  THR 83  83  83  THR THR A . n 
A 1 84  GLY 84  84  84  GLY GLY A . n 
A 1 85  GLY 85  85  85  GLY GLY A . n 
A 1 86  SER 86  86  86  SER SER A . n 
A 1 87  PRO 87  87  87  PRO PRO A . n 
A 1 88  ARG 88  88  88  ARG ARG A . n 
A 1 89  PRO 89  89  89  PRO PRO A . n 
A 1 90  PRO 90  90  90  PRO PRO A . n 
A 1 91  CYS 91  91  91  CYS CYS A . n 
A 1 92  GLN 92  92  92  GLN GLN A . n 
A 1 93  TYR 93  93  93  TYR TYR A . n 
A 1 94  ARG 94  94  94  ARG ARG A . n 
A 1 95  ALA 95  95  95  ALA ALA A . n 
A 1 96  SER 96  96  96  SER SER A . n 
A 1 97  ALA 97  97  97  ALA ALA A . n 
A 1 98  GLY 98  98  98  GLY GLY A . n 
A 1 99  PHE 99  99  99  PHE PHE A . n 
A 1 100 ARG 100 100 100 ARG ARG A . n 
A 1 101 HIS 101 101 101 HIS HIS A . n 
A 1 102 VAL 102 102 102 VAL VAL A . n 
A 1 103 VAL 103 103 103 VAL VAL A . n 
A 1 104 ILE 104 104 104 ILE ILE A . n 
A 1 105 ALA 105 105 105 ALA ALA A . n 
A 1 106 CYS 106 106 106 CYS CYS A . n 
A 1 107 GLU 107 107 107 GLU GLU A . n 
A 1 108 ASN 108 108 108 ASN ASN A . n 
A 1 109 GLY 109 109 109 GLY GLY A . n 
A 1 110 LEU 110 110 110 LEU LEU A . n 
A 1 111 PRO 111 111 111 PRO PRO A . n 
A 1 112 VAL 112 112 112 VAL VAL A . n 
A 1 113 HIS 113 113 113 HIS HIS A . n 
A 1 114 PHE 114 114 114 PHE PHE A . n 
A 1 115 ASP 115 115 115 ASP ASP A . n 
A 1 116 GLU 116 116 116 GLU GLU A . n 
A 1 117 SER 117 117 117 SER SER A . n 
A 1 118 PHE 118 118 118 PHE PHE A . n 
A 1 119 PHE 119 119 119 PHE PHE A . n 
A 1 120 SER 120 120 120 SER SER A . n 
A 1 121 LEU 121 121 ?   ?   ?   A . n 
# 
loop_
_pdbx_nonpoly_scheme.asym_id 
_pdbx_nonpoly_scheme.entity_id 
_pdbx_nonpoly_scheme.mon_id 
_pdbx_nonpoly_scheme.ndb_seq_num 
_pdbx_nonpoly_scheme.pdb_seq_num 
_pdbx_nonpoly_scheme.auth_seq_num 
_pdbx_nonpoly_scheme.pdb_mon_id 
_pdbx_nonpoly_scheme.auth_mon_id 
_pdbx_nonpoly_scheme.pdb_strand_id 
_pdbx_nonpoly_scheme.pdb_ins_code 
B 2 SO4 1   1121 1121 SO4 SO4 A . 
C 2 SO4 1   1122 1122 SO4 SO4 A . 
D 3 HOH 1   2001 2001 HOH HOH A . 
D 3 HOH 2   2002 2002 HOH HOH A . 
D 3 HOH 3   2003 2003 HOH HOH A . 
D 3 HOH 4   2004 2004 HOH HOH A . 
D 3 HOH 5   2005 2005 HOH HOH A . 
D 3 HOH 6   2006 2006 HOH HOH A . 
D 3 HOH 7   2007 2007 HOH HOH A . 
D 3 HOH 8   2008 2008 HOH HOH A . 
D 3 HOH 9   2009 2009 HOH HOH A . 
D 3 HOH 10  2010 2010 HOH HOH A . 
D 3 HOH 11  2011 2011 HOH HOH A . 
D 3 HOH 12  2012 2012 HOH HOH A . 
D 3 HOH 13  2013 2013 HOH HOH A . 
D 3 HOH 14  2014 2014 HOH HOH A . 
D 3 HOH 15  2015 2015 HOH HOH A . 
D 3 HOH 16  2016 2016 HOH HOH A . 
D 3 HOH 17  2017 2017 HOH HOH A . 
D 3 HOH 18  2018 2018 HOH HOH A . 
D 3 HOH 19  2019 2019 HOH HOH A . 
D 3 HOH 20  2020 2020 HOH HOH A . 
D 3 HOH 21  2021 2021 HOH HOH A . 
D 3 HOH 22  2022 2022 HOH HOH A . 
D 3 HOH 23  2023 2023 HOH HOH A . 
D 3 HOH 24  2024 2024 HOH HOH A . 
D 3 HOH 25  2025 2025 HOH HOH A . 
D 3 HOH 26  2026 2026 HOH HOH A . 
D 3 HOH 27  2027 2027 HOH HOH A . 
D 3 HOH 28  2028 2028 HOH HOH A . 
D 3 HOH 29  2029 2029 HOH HOH A . 
D 3 HOH 30  2030 2030 HOH HOH A . 
D 3 HOH 31  2031 2031 HOH HOH A . 
D 3 HOH 32  2032 2032 HOH HOH A . 
D 3 HOH 33  2033 2033 HOH HOH A . 
D 3 HOH 34  2034 2034 HOH HOH A . 
D 3 HOH 35  2035 2035 HOH HOH A . 
D 3 HOH 36  2036 2036 HOH HOH A . 
D 3 HOH 37  2037 2037 HOH HOH A . 
D 3 HOH 38  2038 2038 HOH HOH A . 
D 3 HOH 39  2039 2039 HOH HOH A . 
D 3 HOH 40  2040 2040 HOH HOH A . 
D 3 HOH 41  2041 2041 HOH HOH A . 
D 3 HOH 42  2042 2042 HOH HOH A . 
D 3 HOH 43  2043 2043 HOH HOH A . 
D 3 HOH 44  2044 2044 HOH HOH A . 
D 3 HOH 45  2045 2045 HOH HOH A . 
D 3 HOH 46  2046 2046 HOH HOH A . 
D 3 HOH 47  2047 2047 HOH HOH A . 
D 3 HOH 48  2048 2048 HOH HOH A . 
D 3 HOH 49  2049 2049 HOH HOH A . 
D 3 HOH 50  2050 2050 HOH HOH A . 
D 3 HOH 51  2051 2051 HOH HOH A . 
D 3 HOH 52  2052 2052 HOH HOH A . 
D 3 HOH 53  2053 2053 HOH HOH A . 
D 3 HOH 54  2054 2054 HOH HOH A . 
D 3 HOH 55  2055 2055 HOH HOH A . 
D 3 HOH 56  2056 2056 HOH HOH A . 
D 3 HOH 57  2057 2057 HOH HOH A . 
D 3 HOH 58  2058 2058 HOH HOH A . 
D 3 HOH 59  2059 2059 HOH HOH A . 
D 3 HOH 60  2060 2060 HOH HOH A . 
D 3 HOH 61  2061 2061 HOH HOH A . 
D 3 HOH 62  2062 2062 HOH HOH A . 
D 3 HOH 63  2063 2063 HOH HOH A . 
D 3 HOH 64  2064 2064 HOH HOH A . 
D 3 HOH 65  2065 2065 HOH HOH A . 
D 3 HOH 66  2066 2066 HOH HOH A . 
D 3 HOH 67  2067 2067 HOH HOH A . 
D 3 HOH 68  2068 2068 HOH HOH A . 
D 3 HOH 69  2069 2069 HOH HOH A . 
D 3 HOH 70  2070 2070 HOH HOH A . 
D 3 HOH 71  2071 2071 HOH HOH A . 
D 3 HOH 72  2072 2072 HOH HOH A . 
D 3 HOH 73  2073 2073 HOH HOH A . 
D 3 HOH 74  2074 2074 HOH HOH A . 
D 3 HOH 75  2075 2075 HOH HOH A . 
D 3 HOH 76  2076 2076 HOH HOH A . 
D 3 HOH 77  2077 2077 HOH HOH A . 
D 3 HOH 78  2078 2078 HOH HOH A . 
D 3 HOH 79  2079 2079 HOH HOH A . 
D 3 HOH 80  2080 2080 HOH HOH A . 
D 3 HOH 81  2081 2081 HOH HOH A . 
D 3 HOH 82  2082 2082 HOH HOH A . 
D 3 HOH 83  2083 2083 HOH HOH A . 
D 3 HOH 84  2084 2084 HOH HOH A . 
D 3 HOH 85  2085 2085 HOH HOH A . 
D 3 HOH 86  2086 2086 HOH HOH A . 
D 3 HOH 87  2087 2087 HOH HOH A . 
D 3 HOH 88  2088 2088 HOH HOH A . 
D 3 HOH 89  2089 2089 HOH HOH A . 
D 3 HOH 90  2090 2090 HOH HOH A . 
D 3 HOH 91  2091 2091 HOH HOH A . 
D 3 HOH 92  2092 2092 HOH HOH A . 
D 3 HOH 93  2093 2093 HOH HOH A . 
D 3 HOH 94  2094 2094 HOH HOH A . 
D 3 HOH 95  2095 2095 HOH HOH A . 
D 3 HOH 96  2096 2096 HOH HOH A . 
D 3 HOH 97  2097 2097 HOH HOH A . 
D 3 HOH 98  2098 2098 HOH HOH A . 
D 3 HOH 99  2099 2099 HOH HOH A . 
D 3 HOH 100 2100 2100 HOH HOH A . 
D 3 HOH 101 2101 2101 HOH HOH A . 
D 3 HOH 102 2102 2102 HOH HOH A . 
D 3 HOH 103 2103 2103 HOH HOH A . 
D 3 HOH 104 2104 2104 HOH HOH A . 
D 3 HOH 105 2105 2105 HOH HOH A . 
D 3 HOH 106 2106 2106 HOH HOH A . 
D 3 HOH 107 2107 2107 HOH HOH A . 
D 3 HOH 108 2108 2108 HOH HOH A . 
# 
loop_
_pdbx_unobs_or_zero_occ_atoms.id 
_pdbx_unobs_or_zero_occ_atoms.PDB_model_num 
_pdbx_unobs_or_zero_occ_atoms.polymer_flag 
_pdbx_unobs_or_zero_occ_atoms.occupancy_flag 
_pdbx_unobs_or_zero_occ_atoms.auth_asym_id 
_pdbx_unobs_or_zero_occ_atoms.auth_comp_id 
_pdbx_unobs_or_zero_occ_atoms.auth_seq_id 
_pdbx_unobs_or_zero_occ_atoms.PDB_ins_code 
_pdbx_unobs_or_zero_occ_atoms.auth_atom_id 
_pdbx_unobs_or_zero_occ_atoms.label_alt_id 
_pdbx_unobs_or_zero_occ_atoms.label_asym_id 
_pdbx_unobs_or_zero_occ_atoms.label_comp_id 
_pdbx_unobs_or_zero_occ_atoms.label_seq_id 
_pdbx_unobs_or_zero_occ_atoms.label_atom_id 
1  1 Y 1 A ASP 3   ? N   ? A ASP 3   N   
2  1 Y 1 A ASP 3   ? CB  ? A ASP 3   CB  
3  1 Y 1 A ASP 3   ? CG  ? A ASP 3   CG  
4  1 Y 1 A ASP 3   ? OD1 ? A ASP 3   OD1 
5  1 Y 1 A ASP 3   ? OD2 ? A ASP 3   OD2 
6  1 Y 1 A ARG 5   ? CZ  ? A ARG 5   CZ  
7  1 Y 1 A ARG 5   ? NH1 ? A ARG 5   NH1 
8  1 Y 1 A ARG 5   ? NH2 ? A ARG 5   NH2 
9  1 Y 1 A LYS 8   ? CG  ? A LYS 8   CG  
10 1 Y 1 A LYS 8   ? CD  ? A LYS 8   CD  
11 1 Y 1 A LYS 8   ? CE  ? A LYS 8   CE  
12 1 Y 1 A LYS 8   ? NZ  ? A LYS 8   NZ  
13 1 Y 1 A LYS 17  ? CD  ? A LYS 17  CD  
14 1 Y 1 A LYS 17  ? CE  ? A LYS 17  CE  
15 1 Y 1 A LYS 17  ? NZ  ? A LYS 17  NZ  
16 1 Y 1 A LYS 19  ? CG  ? A LYS 19  CG  
17 1 Y 1 A LYS 19  ? CD  ? A LYS 19  CD  
18 1 Y 1 A LYS 19  ? CE  ? A LYS 19  CE  
19 1 Y 1 A LYS 19  ? NZ  ? A LYS 19  NZ  
20 1 Y 1 A ARG 24  ? NE  ? A ARG 24  NE  
21 1 Y 1 A ARG 24  ? CZ  ? A ARG 24  CZ  
22 1 Y 1 A ARG 24  ? NH1 ? A ARG 24  NH1 
23 1 Y 1 A ARG 24  ? NH2 ? A ARG 24  NH2 
24 1 Y 1 A ARG 28  ? CG  ? A ARG 28  CG  
25 1 Y 1 A ARG 28  ? CD  ? A ARG 28  CD  
26 1 Y 1 A ARG 28  ? NE  ? A ARG 28  NE  
27 1 Y 1 A ARG 28  ? CZ  ? A ARG 28  CZ  
28 1 Y 1 A ARG 28  ? NH1 ? A ARG 28  NH1 
29 1 Y 1 A ARG 28  ? NH2 ? A ARG 28  NH2 
30 1 Y 1 A LYS 31  ? CE  ? A LYS 31  CE  
31 1 Y 1 A LYS 31  ? NZ  ? A LYS 31  NZ  
32 1 Y 1 A ARG 32  ? CD  ? A ARG 32  CD  
33 1 Y 1 A ARG 32  ? NE  ? A ARG 32  NE  
34 1 Y 1 A ARG 32  ? CZ  ? A ARG 32  CZ  
35 1 Y 1 A ARG 32  ? NH1 ? A ARG 32  NH1 
36 1 Y 1 A ARG 32  ? NH2 ? A ARG 32  NH2 
37 1 Y 1 A SER 37  ? OG  ? A SER 37  OG  
38 1 Y 1 A ASP 41  ? CG  ? A ASP 41  CG  
39 1 Y 1 A ASP 41  ? OD1 ? A ASP 41  OD1 
40 1 Y 1 A ASP 41  ? OD2 ? A ASP 41  OD2 
41 1 Y 1 A ASN 67  ? OD1 ? A ASN 67  OD1 
42 1 Y 1 A ASN 67  ? ND2 ? A ASN 67  ND2 
43 1 Y 1 A LYS 81  ? CG  ? A LYS 81  CG  
44 1 Y 1 A LYS 81  ? CD  ? A LYS 81  CD  
45 1 Y 1 A LYS 81  ? CE  ? A LYS 81  CE  
46 1 Y 1 A LYS 81  ? NZ  ? A LYS 81  NZ  
47 1 Y 1 A SER 86  ? OG  ? A SER 86  OG  
48 1 Y 1 A ARG 88  ? CD  ? A ARG 88  CD  
49 1 Y 1 A ARG 88  ? NE  ? A ARG 88  NE  
50 1 Y 1 A ARG 88  ? CZ  ? A ARG 88  CZ  
51 1 Y 1 A GLN 92  ? CD  ? A GLN 92  CD  
52 1 Y 1 A GLN 92  ? OE1 ? A GLN 92  OE1 
53 1 Y 1 A GLN 92  ? NE2 ? A GLN 92  NE2 
54 1 Y 1 A ARG 94  ? CZ  ? A ARG 94  CZ  
55 1 Y 1 A ARG 94  ? NH1 ? A ARG 94  NH1 
56 1 Y 1 A ARG 94  ? NH2 ? A ARG 94  NH2 
57 1 Y 1 A GLU 107 ? CG  ? A GLU 107 CG  
58 1 Y 1 A GLU 107 ? CD  ? A GLU 107 CD  
59 1 Y 1 A GLU 107 ? OE1 ? A GLU 107 OE1 
60 1 Y 1 A GLU 107 ? OE2 ? A GLU 107 OE2 
61 1 Y 1 A SER 120 ? CA  ? A SER 120 CA  
62 1 Y 1 A SER 120 ? C   ? A SER 120 C   
63 1 Y 1 A SER 120 ? O   ? A SER 120 O   
64 1 Y 1 A SER 120 ? CB  ? A SER 120 CB  
65 1 Y 1 A SER 120 ? OG  ? A SER 120 OG  
# 
loop_
_software.name 
_software.classification 
_software.version 
_software.citation_id 
_software.pdbx_ordinal 
REFMAC    refinement       5.2.0003 ? 1 
DENZO     'data reduction' .        ? 2 
SCALEPACK 'data scaling'   .        ? 3 
AMoRE     phasing          .        ? 4 
# 
_cell.entry_id           2BWK 
_cell.length_a           63.762 
_cell.length_b           56.266 
_cell.length_c           35.343 
_cell.angle_alpha        90.00 
_cell.angle_beta         90.00 
_cell.angle_gamma        90.00 
_cell.Z_PDB              4 
_cell.pdbx_unique_axis   ? 
# 
_symmetry.entry_id                         2BWK 
_symmetry.space_group_name_H-M             'P 21 21 2' 
_symmetry.pdbx_full_space_group_name_H-M   ? 
_symmetry.cell_setting                     ? 
_symmetry.Int_Tables_number                18 
# 
_exptl.entry_id          2BWK 
_exptl.method            'X-RAY DIFFRACTION' 
_exptl.crystals_number   1 
# 
_exptl_crystal.id                    1 
_exptl_crystal.density_meas          ? 
_exptl_crystal.density_Matthews      2.3 
_exptl_crystal.density_percent_sol   46 
_exptl_crystal.description           ? 
# 
_exptl_crystal_grow.crystal_id      1 
_exptl_crystal_grow.method          ? 
_exptl_crystal_grow.temp            ? 
_exptl_crystal_grow.temp_details    ? 
_exptl_crystal_grow.pH              4.50 
_exptl_crystal_grow.pdbx_pH_range   ? 
_exptl_crystal_grow.pdbx_details    '25% PEG 4000, 0.2M (NH4)2SO4, UNBUFFERED, pH 4.50' 
# 
_diffrn.id                     1 
_diffrn.ambient_temp           293.0 
_diffrn.ambient_temp_details   ? 
_diffrn.crystal_id             1 
# 
_diffrn_detector.diffrn_id              1 
_diffrn_detector.detector               CCD 
_diffrn_detector.type                   'ADSC CCD' 
_diffrn_detector.pdbx_collection_date   1999-09-20 
_diffrn_detector.details                ? 
# 
_diffrn_radiation.diffrn_id                        1 
_diffrn_radiation.wavelength_id                    1 
_diffrn_radiation.pdbx_monochromatic_or_laue_m_l   M 
_diffrn_radiation.monochromator                    DARESBURY 
_diffrn_radiation.pdbx_diffrn_protocol             'SINGLE WAVELENGTH' 
_diffrn_radiation.pdbx_scattering_type             x-ray 
# 
_diffrn_radiation_wavelength.id           1 
_diffrn_radiation_wavelength.wavelength   0.87 
_diffrn_radiation_wavelength.wt           1.0 
# 
_diffrn_source.diffrn_id                   1 
_diffrn_source.source                      SYNCHROTRON 
_diffrn_source.type                        'SRS BEAMLINE PX9.6' 
_diffrn_source.pdbx_synchrotron_site       SRS 
_diffrn_source.pdbx_synchrotron_beamline   PX9.6 
_diffrn_source.pdbx_wavelength             0.87 
_diffrn_source.pdbx_wavelength_list        ? 
# 
_reflns.pdbx_diffrn_id               1 
_reflns.pdbx_ordinal                 1 
_reflns.entry_id                     2BWK 
_reflns.observed_criterion_sigma_I   0.000 
_reflns.observed_criterion_sigma_F   ? 
_reflns.d_resolution_low             40.000 
_reflns.d_resolution_high            1.500 
_reflns.number_obs                   20302 
_reflns.number_all                   ? 
_reflns.percent_possible_obs         96.3 
_reflns.pdbx_Rmerge_I_obs            0.07000 
_reflns.pdbx_Rsym_value              ? 
_reflns.pdbx_netI_over_sigmaI        17.0000 
_reflns.B_iso_Wilson_estimate        ? 
_reflns.pdbx_redundancy              6.400 
# 
_reflns_shell.pdbx_diffrn_id         1 
_reflns_shell.pdbx_ordinal           1 
_reflns_shell.d_res_high             1.50 
_reflns_shell.d_res_low              1.55 
_reflns_shell.percent_possible_all   83.4 
_reflns_shell.Rmerge_I_obs           0.22000 
_reflns_shell.pdbx_Rsym_value        ? 
_reflns_shell.meanI_over_sigI_obs    5.000 
_reflns_shell.pdbx_redundancy        ? 
# 
_refine.pdbx_refine_id                           'X-RAY DIFFRACTION' 
_refine.entry_id                                 2BWK 
_refine.pdbx_diffrn_id                           1 
_refine.pdbx_TLS_residual_ADP_flag               ? 
_refine.ls_number_reflns_obs                     19236 
_refine.ls_number_reflns_all                     ? 
_refine.pdbx_ls_sigma_I                          ? 
_refine.pdbx_ls_sigma_F                          ? 
_refine.pdbx_data_cutoff_high_absF               ? 
_refine.pdbx_data_cutoff_low_absF                ? 
_refine.pdbx_data_cutoff_high_rms_absF           ? 
_refine.ls_d_res_low                             42.18 
_refine.ls_d_res_high                            1.50 
_refine.ls_percent_reflns_obs                    96.4 
_refine.ls_R_factor_obs                          0.179 
_refine.ls_R_factor_all                          ? 
_refine.ls_R_factor_R_work                       0.178 
_refine.ls_R_factor_R_free                       0.191 
_refine.ls_R_factor_R_free_error                 ? 
_refine.ls_R_factor_R_free_error_details         ? 
_refine.ls_percent_reflns_R_free                 5.100 
_refine.ls_number_reflns_R_free                  1039 
_refine.ls_number_parameters                     ? 
_refine.ls_number_restraints                     ? 
_refine.occupancy_min                            ? 
_refine.occupancy_max                            ? 
_refine.correlation_coeff_Fo_to_Fc               0.955 
_refine.correlation_coeff_Fo_to_Fc_free          0.947 
_refine.B_iso_mean                               19.01 
_refine.aniso_B[1][1]                            0.25000 
_refine.aniso_B[2][2]                            0.13000 
_refine.aniso_B[3][3]                            -0.38000 
_refine.aniso_B[1][2]                            0.00000 
_refine.aniso_B[1][3]                            0.00000 
_refine.aniso_B[2][3]                            0.00000 
_refine.solvent_model_details                    'BABINET MODEL WITH MASK' 
_refine.solvent_model_param_ksol                 ? 
_refine.solvent_model_param_bsol                 ? 
_refine.pdbx_solvent_vdw_probe_radii             1.20 
_refine.pdbx_solvent_ion_probe_radii             0.80 
_refine.pdbx_solvent_shrinkage_radii             0.80 
_refine.pdbx_ls_cross_valid_method               THROUGHOUT 
_refine.details                                  'HYDROGENS HAVE BEEN ADDED IN THE RIDING POSITIONS.' 
_refine.pdbx_starting_model                      'PDB ENTRY 1AGI' 
_refine.pdbx_method_to_determine_struct          'MOLECULAR REPLACEMENT' 
_refine.pdbx_isotropic_thermal_model             ? 
_refine.pdbx_stereochemistry_target_values       'MAXIMUM LIKELIHOOD' 
_refine.pdbx_stereochem_target_val_spec_case     ? 
_refine.pdbx_R_Free_selection_details            RANDOM 
_refine.pdbx_overall_ESU_R                       0.074 
_refine.pdbx_overall_ESU_R_Free                  0.070 
_refine.overall_SU_ML                            0.032 
_refine.pdbx_overall_phase_error                 ? 
_refine.overall_SU_B                             0.817 
_refine.overall_SU_R_Cruickshank_DPI             ? 
_refine.pdbx_overall_SU_R_free_Cruickshank_DPI   ? 
_refine.pdbx_overall_SU_R_Blow_DPI               ? 
_refine.pdbx_overall_SU_R_free_Blow_DPI          ? 
# 
_refine_hist.pdbx_refine_id                   'X-RAY DIFFRACTION' 
_refine_hist.cycle_id                         LAST 
_refine_hist.pdbx_number_atoms_protein        873 
_refine_hist.pdbx_number_atoms_nucleic_acid   0 
_refine_hist.pdbx_number_atoms_ligand         10 
_refine_hist.number_atoms_solvent             108 
_refine_hist.number_atoms_total               991 
_refine_hist.d_res_high                       1.50 
_refine_hist.d_res_low                        42.18 
# 
loop_
_refine_ls_restr.type 
_refine_ls_restr.dev_ideal 
_refine_ls_restr.dev_ideal_target 
_refine_ls_restr.weight 
_refine_ls_restr.number 
_refine_ls_restr.pdbx_refine_id 
_refine_ls_restr.pdbx_restraint_function 
r_bond_refined_d             0.015  0.021  ? 991  'X-RAY DIFFRACTION' ? 
r_bond_other_d               ?      ?      ? ?    'X-RAY DIFFRACTION' ? 
r_angle_refined_deg          1.616  1.929  ? 1331 'X-RAY DIFFRACTION' ? 
r_angle_other_deg            ?      ?      ? ?    'X-RAY DIFFRACTION' ? 
r_dihedral_angle_1_deg       5.801  5.000  ? 117  'X-RAY DIFFRACTION' ? 
r_dihedral_angle_2_deg       29.170 21.667 ? 48   'X-RAY DIFFRACTION' ? 
r_dihedral_angle_3_deg       11.852 15.000 ? 178  'X-RAY DIFFRACTION' ? 
r_dihedral_angle_4_deg       13.661 15.000 ? 11   'X-RAY DIFFRACTION' ? 
r_chiral_restr               0.104  0.200  ? 131  'X-RAY DIFFRACTION' ? 
r_gen_planes_refined         0.008  0.020  ? 754  'X-RAY DIFFRACTION' ? 
r_gen_planes_other           ?      ?      ? ?    'X-RAY DIFFRACTION' ? 
r_nbd_refined                0.201  0.200  ? 340  'X-RAY DIFFRACTION' ? 
r_nbd_other                  ?      ?      ? ?    'X-RAY DIFFRACTION' ? 
r_nbtor_refined              0.306  0.200  ? 658  'X-RAY DIFFRACTION' ? 
r_nbtor_other                ?      ?      ? ?    'X-RAY DIFFRACTION' ? 
r_xyhbond_nbd_refined        0.115  0.200  ? 48   'X-RAY DIFFRACTION' ? 
r_xyhbond_nbd_other          ?      ?      ? ?    'X-RAY DIFFRACTION' ? 
r_metal_ion_refined          ?      ?      ? ?    'X-RAY DIFFRACTION' ? 
r_metal_ion_other            ?      ?      ? ?    'X-RAY DIFFRACTION' ? 
r_symmetry_vdw_refined       0.130  0.200  ? 18   'X-RAY DIFFRACTION' ? 
r_symmetry_vdw_other         ?      ?      ? ?    'X-RAY DIFFRACTION' ? 
r_symmetry_hbond_refined     0.217  0.200  ? 8    'X-RAY DIFFRACTION' ? 
r_symmetry_hbond_other       ?      ?      ? ?    'X-RAY DIFFRACTION' ? 
r_symmetry_metal_ion_refined ?      ?      ? ?    'X-RAY DIFFRACTION' ? 
r_symmetry_metal_ion_other   ?      ?      ? ?    'X-RAY DIFFRACTION' ? 
r_mcbond_it                  1.806  2.000  ? 607  'X-RAY DIFFRACTION' ? 
r_mcbond_other               ?      ?      ? ?    'X-RAY DIFFRACTION' ? 
r_mcangle_it                 2.682  3.000  ? 961  'X-RAY DIFFRACTION' ? 
r_mcangle_other              ?      ?      ? ?    'X-RAY DIFFRACTION' ? 
r_scbond_it                  3.004  4.500  ? 422  'X-RAY DIFFRACTION' ? 
r_scbond_other               ?      ?      ? ?    'X-RAY DIFFRACTION' ? 
r_scangle_it                 3.863  6.000  ? 370  'X-RAY DIFFRACTION' ? 
r_scangle_other              ?      ?      ? ?    'X-RAY DIFFRACTION' ? 
r_long_range_B_refined       ?      ?      ? ?    'X-RAY DIFFRACTION' ? 
r_long_range_B_other         ?      ?      ? ?    'X-RAY DIFFRACTION' ? 
r_rigid_bond_restr           ?      ?      ? ?    'X-RAY DIFFRACTION' ? 
r_sphericity_free            ?      ?      ? ?    'X-RAY DIFFRACTION' ? 
r_sphericity_bonded          ?      ?      ? ?    'X-RAY DIFFRACTION' ? 
# 
_refine_ls_shell.pdbx_refine_id                   'X-RAY DIFFRACTION' 
_refine_ls_shell.pdbx_total_number_of_bins_used   20 
_refine_ls_shell.d_res_high                       1.50 
_refine_ls_shell.d_res_low                        1.54 
_refine_ls_shell.number_reflns_R_work             1169 
_refine_ls_shell.R_factor_R_work                  0.1770 
_refine_ls_shell.percent_reflns_obs               ? 
_refine_ls_shell.R_factor_R_free                  0.1960 
_refine_ls_shell.R_factor_R_free_error            ? 
_refine_ls_shell.percent_reflns_R_free            ? 
_refine_ls_shell.number_reflns_R_free             73 
_refine_ls_shell.number_reflns_all                ? 
_refine_ls_shell.R_factor_all                     ? 
# 
_struct.entry_id                  2BWK 
_struct.title                     'Murine angiogenin, sulphate complex' 
_struct.pdbx_model_details        ? 
_struct.pdbx_CASP_flag            ? 
_struct.pdbx_model_type_details   ? 
# 
_struct_keywords.entry_id        2BWK 
_struct_keywords.pdbx_keywords   HYDROLASE 
_struct_keywords.text            'RIBONUCLEASE, ANGIOGENESIS, CANCER, HYDROLASE' 
# 
loop_
_struct_asym.id 
_struct_asym.pdbx_blank_PDB_chainid_flag 
_struct_asym.pdbx_modified 
_struct_asym.entity_id 
_struct_asym.details 
A N N 1 ? 
B N N 2 ? 
C N N 2 ? 
D N N 3 ? 
# 
_struct_ref.id                         1 
_struct_ref.db_name                    UNP 
_struct_ref.db_code                    ANG1_MOUSE 
_struct_ref.entity_id                  1 
_struct_ref.pdbx_seq_one_letter_code   ? 
_struct_ref.pdbx_align_begin           ? 
_struct_ref.pdbx_db_accession          P21570 
_struct_ref.pdbx_db_isoform            ? 
# 
_struct_ref_seq.align_id                      1 
_struct_ref_seq.ref_id                        1 
_struct_ref_seq.pdbx_PDB_id_code              2BWK 
_struct_ref_seq.pdbx_strand_id                A 
_struct_ref_seq.seq_align_beg                 1 
_struct_ref_seq.pdbx_seq_align_beg_ins_code   ? 
_struct_ref_seq.seq_align_end                 121 
_struct_ref_seq.pdbx_seq_align_end_ins_code   ? 
_struct_ref_seq.pdbx_db_accession             P21570 
_struct_ref_seq.db_align_beg                  25 
_struct_ref_seq.pdbx_db_align_beg_ins_code    ? 
_struct_ref_seq.db_align_end                  145 
_struct_ref_seq.pdbx_db_align_end_ins_code    ? 
_struct_ref_seq.pdbx_auth_seq_align_beg       1 
_struct_ref_seq.pdbx_auth_seq_align_end       121 
# 
_pdbx_struct_assembly.id                   1 
_pdbx_struct_assembly.details              author_and_software_defined_assembly 
_pdbx_struct_assembly.method_details       PQS 
_pdbx_struct_assembly.oligomeric_details   monomeric 
_pdbx_struct_assembly.oligomeric_count     1 
# 
_pdbx_struct_assembly_gen.assembly_id       1 
_pdbx_struct_assembly_gen.oper_expression   1 
_pdbx_struct_assembly_gen.asym_id_list      A,B,C,D 
# 
_pdbx_struct_oper_list.id                   1 
_pdbx_struct_oper_list.type                 'identity operation' 
_pdbx_struct_oper_list.name                 1_555 
_pdbx_struct_oper_list.symmetry_operation   x,y,z 
_pdbx_struct_oper_list.matrix[1][1]         1.0000000000 
_pdbx_struct_oper_list.matrix[1][2]         0.0000000000 
_pdbx_struct_oper_list.matrix[1][3]         0.0000000000 
_pdbx_struct_oper_list.vector[1]            0.0000000000 
_pdbx_struct_oper_list.matrix[2][1]         0.0000000000 
_pdbx_struct_oper_list.matrix[2][2]         1.0000000000 
_pdbx_struct_oper_list.matrix[2][3]         0.0000000000 
_pdbx_struct_oper_list.vector[2]            0.0000000000 
_pdbx_struct_oper_list.matrix[3][1]         0.0000000000 
_pdbx_struct_oper_list.matrix[3][2]         0.0000000000 
_pdbx_struct_oper_list.matrix[3][3]         1.0000000000 
_pdbx_struct_oper_list.vector[3]            0.0000000000 
# 
_struct_biol.id   1 
# 
loop_
_struct_conf.conf_type_id 
_struct_conf.id 
_struct_conf.pdbx_PDB_helix_id 
_struct_conf.beg_label_comp_id 
_struct_conf.beg_label_asym_id 
_struct_conf.beg_label_seq_id 
_struct_conf.pdbx_beg_PDB_ins_code 
_struct_conf.end_label_comp_id 
_struct_conf.end_label_asym_id 
_struct_conf.end_label_seq_id 
_struct_conf.pdbx_end_PDB_ins_code 
_struct_conf.beg_auth_comp_id 
_struct_conf.beg_auth_asym_id 
_struct_conf.beg_auth_seq_id 
_struct_conf.end_auth_comp_id 
_struct_conf.end_auth_asym_id 
_struct_conf.end_auth_seq_id 
_struct_conf.pdbx_PDB_helix_class 
_struct_conf.details 
_struct_conf.pdbx_PDB_helix_length 
HELX_P HELX_P1 1 SER A 4   ? HIS A 14  ? SER A 4   HIS A 14  1 ? 11 
HELX_P HELX_P2 2 ASP A 22  ? ARG A 33  ? ASP A 22  ARG A 33  1 ? 12 
HELX_P HELX_P3 3 ASN A 49  ? ALA A 55  ? ASN A 49  ALA A 55  1 ? 7  
HELX_P HELX_P4 4 ILE A 56  ? GLY A 58  ? ILE A 56  GLY A 58  5 ? 3  
HELX_P HELX_P5 5 GLU A 116 ? PHE A 119 ? GLU A 116 PHE A 119 5 ? 4  
# 
_struct_conf_type.id          HELX_P 
_struct_conf_type.criteria    ? 
_struct_conf_type.reference   ? 
# 
loop_
_struct_conn.id 
_struct_conn.conn_type_id 
_struct_conn.pdbx_leaving_atom_flag 
_struct_conn.pdbx_PDB_id 
_struct_conn.ptnr1_label_asym_id 
_struct_conn.ptnr1_label_comp_id 
_struct_conn.ptnr1_label_seq_id 
_struct_conn.ptnr1_label_atom_id 
_struct_conn.pdbx_ptnr1_label_alt_id 
_struct_conn.pdbx_ptnr1_PDB_ins_code 
_struct_conn.pdbx_ptnr1_standard_comp_id 
_struct_conn.ptnr1_symmetry 
_struct_conn.ptnr2_label_asym_id 
_struct_conn.ptnr2_label_comp_id 
_struct_conn.ptnr2_label_seq_id 
_struct_conn.ptnr2_label_atom_id 
_struct_conn.pdbx_ptnr2_label_alt_id 
_struct_conn.pdbx_ptnr2_PDB_ins_code 
_struct_conn.ptnr1_auth_asym_id 
_struct_conn.ptnr1_auth_comp_id 
_struct_conn.ptnr1_auth_seq_id 
_struct_conn.ptnr2_auth_asym_id 
_struct_conn.ptnr2_auth_comp_id 
_struct_conn.ptnr2_auth_seq_id 
_struct_conn.ptnr2_symmetry 
_struct_conn.pdbx_ptnr3_label_atom_id 
_struct_conn.pdbx_ptnr3_label_seq_id 
_struct_conn.pdbx_ptnr3_label_comp_id 
_struct_conn.pdbx_ptnr3_label_asym_id 
_struct_conn.pdbx_ptnr3_label_alt_id 
_struct_conn.pdbx_ptnr3_PDB_ins_code 
_struct_conn.details 
_struct_conn.pdbx_dist_value 
_struct_conn.pdbx_value_order 
_struct_conn.pdbx_role 
disulf1 disulf ? ? A CYS 26 SG ? ? ? 1_555 A CYS 80  SG ? ? A CYS 26 A CYS 80  1_555 ? ? ? ? ? ? ? 2.050 ? ? 
disulf2 disulf ? ? A CYS 39 SG ? ? ? 1_555 A CYS 91  SG ? ? A CYS 39 A CYS 91  1_555 ? ? ? ? ? ? ? 2.003 ? ? 
disulf3 disulf ? ? A CYS 57 SG ? ? ? 1_555 A CYS 106 SG ? ? A CYS 57 A CYS 106 1_555 ? ? ? ? ? ? ? 2.030 ? ? 
# 
_struct_conn_type.id          disulf 
_struct_conn_type.criteria    ? 
_struct_conn_type.reference   ? 
# 
loop_
_pdbx_modification_feature.ordinal 
_pdbx_modification_feature.label_comp_id 
_pdbx_modification_feature.label_asym_id 
_pdbx_modification_feature.label_seq_id 
_pdbx_modification_feature.label_alt_id 
_pdbx_modification_feature.modified_residue_label_comp_id 
_pdbx_modification_feature.modified_residue_label_asym_id 
_pdbx_modification_feature.modified_residue_label_seq_id 
_pdbx_modification_feature.modified_residue_label_alt_id 
_pdbx_modification_feature.auth_comp_id 
_pdbx_modification_feature.auth_asym_id 
_pdbx_modification_feature.auth_seq_id 
_pdbx_modification_feature.PDB_ins_code 
_pdbx_modification_feature.symmetry 
_pdbx_modification_feature.modified_residue_auth_comp_id 
_pdbx_modification_feature.modified_residue_auth_asym_id 
_pdbx_modification_feature.modified_residue_auth_seq_id 
_pdbx_modification_feature.modified_residue_PDB_ins_code 
_pdbx_modification_feature.modified_residue_symmetry 
_pdbx_modification_feature.comp_id_linking_atom 
_pdbx_modification_feature.modified_residue_id_linking_atom 
_pdbx_modification_feature.modified_residue_id 
_pdbx_modification_feature.ref_pcm_id 
_pdbx_modification_feature.ref_comp_id 
_pdbx_modification_feature.type 
_pdbx_modification_feature.category 
1 CYS A 26 ? CYS A 80  ? CYS A 26 ? 1_555 CYS A 80  ? 1_555 SG SG . . . None 'Disulfide bridge' 
2 CYS A 39 ? CYS A 91  ? CYS A 39 ? 1_555 CYS A 91  ? 1_555 SG SG . . . None 'Disulfide bridge' 
3 CYS A 57 ? CYS A 106 ? CYS A 57 ? 1_555 CYS A 106 ? 1_555 SG SG . . . None 'Disulfide bridge' 
# 
loop_
_struct_mon_prot_cis.pdbx_id 
_struct_mon_prot_cis.label_comp_id 
_struct_mon_prot_cis.label_seq_id 
_struct_mon_prot_cis.label_asym_id 
_struct_mon_prot_cis.label_alt_id 
_struct_mon_prot_cis.pdbx_PDB_ins_code 
_struct_mon_prot_cis.auth_comp_id 
_struct_mon_prot_cis.auth_seq_id 
_struct_mon_prot_cis.auth_asym_id 
_struct_mon_prot_cis.pdbx_label_comp_id_2 
_struct_mon_prot_cis.pdbx_label_seq_id_2 
_struct_mon_prot_cis.pdbx_label_asym_id_2 
_struct_mon_prot_cis.pdbx_PDB_ins_code_2 
_struct_mon_prot_cis.pdbx_auth_comp_id_2 
_struct_mon_prot_cis.pdbx_auth_seq_id_2 
_struct_mon_prot_cis.pdbx_auth_asym_id_2 
_struct_mon_prot_cis.pdbx_PDB_model_num 
_struct_mon_prot_cis.pdbx_omega_angle 
1 SER 37 A . ? SER 37 A PRO 38 A ? PRO 38 A 1 5.22 
2 PRO 89 A . ? PRO 89 A PRO 90 A ? PRO 90 A 1 0.17 
# 
loop_
_struct_sheet.id 
_struct_sheet.type 
_struct_sheet.number_strands 
_struct_sheet.details 
AA ? 3 ? 
AB ? 4 ? 
# 
loop_
_struct_sheet_order.sheet_id 
_struct_sheet_order.range_id_1 
_struct_sheet_order.range_id_2 
_struct_sheet_order.offset 
_struct_sheet_order.sense 
AA 1 2 ? anti-parallel 
AA 2 3 ? anti-parallel 
AB 1 2 ? anti-parallel 
AB 2 3 ? anti-parallel 
AB 3 4 ? anti-parallel 
# 
loop_
_struct_sheet_range.sheet_id 
_struct_sheet_range.id 
_struct_sheet_range.beg_label_comp_id 
_struct_sheet_range.beg_label_asym_id 
_struct_sheet_range.beg_label_seq_id 
_struct_sheet_range.pdbx_beg_PDB_ins_code 
_struct_sheet_range.end_label_comp_id 
_struct_sheet_range.end_label_asym_id 
_struct_sheet_range.end_label_seq_id 
_struct_sheet_range.pdbx_end_PDB_ins_code 
_struct_sheet_range.beg_auth_comp_id 
_struct_sheet_range.beg_auth_asym_id 
_struct_sheet_range.beg_auth_seq_id 
_struct_sheet_range.end_auth_comp_id 
_struct_sheet_range.end_auth_asym_id 
_struct_sheet_range.end_auth_seq_id 
AA 1 VAL A 42  ? ILE A 46  ? VAL A 42  ILE A 46  
AA 2 PHE A 75  ? THR A 83  ? PHE A 75  THR A 83  
AA 3 GLN A 92  ? ARG A 100 ? GLN A 92  ARG A 100 
AB 1 GLY A 61  ? TYR A 64  ? GLY A 61  TYR A 64  
AB 2 LEU A 68  ? SER A 71  ? LEU A 68  SER A 71  
AB 3 VAL A 103 ? GLU A 107 ? VAL A 103 GLU A 107 
AB 4 LEU A 110 ? PHE A 114 ? LEU A 110 PHE A 114 
# 
loop_
_pdbx_struct_sheet_hbond.sheet_id 
_pdbx_struct_sheet_hbond.range_id_1 
_pdbx_struct_sheet_hbond.range_id_2 
_pdbx_struct_sheet_hbond.range_1_label_atom_id 
_pdbx_struct_sheet_hbond.range_1_label_comp_id 
_pdbx_struct_sheet_hbond.range_1_label_asym_id 
_pdbx_struct_sheet_hbond.range_1_label_seq_id 
_pdbx_struct_sheet_hbond.range_1_PDB_ins_code 
_pdbx_struct_sheet_hbond.range_1_auth_atom_id 
_pdbx_struct_sheet_hbond.range_1_auth_comp_id 
_pdbx_struct_sheet_hbond.range_1_auth_asym_id 
_pdbx_struct_sheet_hbond.range_1_auth_seq_id 
_pdbx_struct_sheet_hbond.range_2_label_atom_id 
_pdbx_struct_sheet_hbond.range_2_label_comp_id 
_pdbx_struct_sheet_hbond.range_2_label_asym_id 
_pdbx_struct_sheet_hbond.range_2_label_seq_id 
_pdbx_struct_sheet_hbond.range_2_PDB_ins_code 
_pdbx_struct_sheet_hbond.range_2_auth_atom_id 
_pdbx_struct_sheet_hbond.range_2_auth_comp_id 
_pdbx_struct_sheet_hbond.range_2_auth_asym_id 
_pdbx_struct_sheet_hbond.range_2_auth_seq_id 
AA 1 2 N PHE A 45  ? N PHE A 45  O THR A 78  ? O THR A 78  
AA 2 3 N THR A 83  ? N THR A 83  O GLN A 92  ? O GLN A 92  
AB 1 2 N TYR A 64  ? N TYR A 64  O LEU A 68  ? O LEU A 68  
AB 2 3 N ARG A 69  ? N ARG A 69  O ILE A 104 ? O ILE A 104 
AB 3 4 N GLU A 107 ? N GLU A 107 O LEU A 110 ? O LEU A 110 
# 
loop_
_struct_site.id 
_struct_site.pdbx_evidence_code 
_struct_site.pdbx_auth_asym_id 
_struct_site.pdbx_auth_comp_id 
_struct_site.pdbx_auth_seq_id 
_struct_site.pdbx_auth_ins_code 
_struct_site.pdbx_num_residues 
_struct_site.details 
AC1 Software ? ? ? ? 8 'BINDING SITE FOR RESIDUE SO4 A1121' 
AC2 Software ? ? ? ? 6 'BINDING SITE FOR RESIDUE SO4 A1122' 
# 
loop_
_struct_site_gen.id 
_struct_site_gen.site_id 
_struct_site_gen.pdbx_num_res 
_struct_site_gen.label_comp_id 
_struct_site_gen.label_asym_id 
_struct_site_gen.label_seq_id 
_struct_site_gen.pdbx_auth_ins_code 
_struct_site_gen.auth_comp_id 
_struct_site_gen.auth_asym_id 
_struct_site_gen.auth_seq_id 
_struct_site_gen.label_atom_id 
_struct_site_gen.label_alt_id 
_struct_site_gen.symmetry 
_struct_site_gen.details 
1  AC1 8 GLN A 12  ? GLN A 12   . ? 1_555 ? 
2  AC1 8 HIS A 13  ? HIS A 13   . ? 1_555 ? 
3  AC1 8 LYS A 40  ? LYS A 40   . ? 1_555 ? 
4  AC1 8 HIS A 113 ? HIS A 113  . ? 1_555 ? 
5  AC1 8 PHE A 114 ? PHE A 114  . ? 1_555 ? 
6  AC1 8 HOH D .   ? HOH A 2009 . ? 1_555 ? 
7  AC1 8 HOH D .   ? HOH A 2105 . ? 1_555 ? 
8  AC1 8 HOH D .   ? HOH A 2106 . ? 1_555 ? 
9  AC2 6 TYR A 6   ? TYR A 6    . ? 1_555 ? 
10 AC2 6 LYS A 50  ? LYS A 50   . ? 1_555 ? 
11 AC2 6 LYS A 54  ? LYS A 54   . ? 1_555 ? 
12 AC2 6 ARG A 65  ? ARG A 65   . ? 1_555 ? 
13 AC2 6 HOH D .   ? HOH A 2107 . ? 1_555 ? 
14 AC2 6 HOH D .   ? HOH A 2108 . ? 1_555 ? 
# 
_pdbx_entry_details.entry_id                   2BWK 
_pdbx_entry_details.compound_details           ? 
_pdbx_entry_details.source_details             ? 
_pdbx_entry_details.nonpolymer_details         ? 
_pdbx_entry_details.sequence_details           ? 
_pdbx_entry_details.has_ligand_of_interest     ? 
_pdbx_entry_details.has_protein_modification   Y 
# 
loop_
_pdbx_validate_torsion.id 
_pdbx_validate_torsion.PDB_model_num 
_pdbx_validate_torsion.auth_comp_id 
_pdbx_validate_torsion.auth_asym_id 
_pdbx_validate_torsion.auth_seq_id 
_pdbx_validate_torsion.PDB_ins_code 
_pdbx_validate_torsion.label_alt_id 
_pdbx_validate_torsion.phi 
_pdbx_validate_torsion.psi 
1 1 ARG A 21 ? ? -155.28 37.46   
2 1 ARG A 65 ? ? 53.47   -150.04 
3 1 ASN A 67 ? ? -141.12 15.15   
# 
_pdbx_distant_solvent_atoms.id                                1 
_pdbx_distant_solvent_atoms.PDB_model_num                     1 
_pdbx_distant_solvent_atoms.auth_atom_id                      O 
_pdbx_distant_solvent_atoms.label_alt_id                      ? 
_pdbx_distant_solvent_atoms.auth_asym_id                      A 
_pdbx_distant_solvent_atoms.auth_comp_id                      HOH 
_pdbx_distant_solvent_atoms.auth_seq_id                       2019 
_pdbx_distant_solvent_atoms.PDB_ins_code                      ? 
_pdbx_distant_solvent_atoms.neighbor_macromolecule_distance   5.93 
_pdbx_distant_solvent_atoms.neighbor_ligand_distance          . 
# 
loop_
_pdbx_unobs_or_zero_occ_residues.id 
_pdbx_unobs_or_zero_occ_residues.PDB_model_num 
_pdbx_unobs_or_zero_occ_residues.polymer_flag 
_pdbx_unobs_or_zero_occ_residues.occupancy_flag 
_pdbx_unobs_or_zero_occ_residues.auth_asym_id 
_pdbx_unobs_or_zero_occ_residues.auth_comp_id 
_pdbx_unobs_or_zero_occ_residues.auth_seq_id 
_pdbx_unobs_or_zero_occ_residues.PDB_ins_code 
_pdbx_unobs_or_zero_occ_residues.label_asym_id 
_pdbx_unobs_or_zero_occ_residues.label_comp_id 
_pdbx_unobs_or_zero_occ_residues.label_seq_id 
1 1 Y 1 A GLN 1   ? A GLN 1   
2 1 Y 1 A ASP 2   ? A ASP 2   
3 1 Y 1 A LEU 121 ? A LEU 121 
# 
loop_
_chem_comp_atom.comp_id 
_chem_comp_atom.atom_id 
_chem_comp_atom.type_symbol 
_chem_comp_atom.pdbx_aromatic_flag 
_chem_comp_atom.pdbx_stereo_config 
_chem_comp_atom.pdbx_ordinal 
ALA N    N N N 1   
ALA CA   C N S 2   
ALA C    C N N 3   
ALA O    O N N 4   
ALA CB   C N N 5   
ALA OXT  O N N 6   
ALA H    H N N 7   
ALA H2   H N N 8   
ALA HA   H N N 9   
ALA HB1  H N N 10  
ALA HB2  H N N 11  
ALA HB3  H N N 12  
ALA HXT  H N N 13  
ARG N    N N N 14  
ARG CA   C N S 15  
ARG C    C N N 16  
ARG O    O N N 17  
ARG CB   C N N 18  
ARG CG   C N N 19  
ARG CD   C N N 20  
ARG NE   N N N 21  
ARG CZ   C N N 22  
ARG NH1  N N N 23  
ARG NH2  N N N 24  
ARG OXT  O N N 25  
ARG H    H N N 26  
ARG H2   H N N 27  
ARG HA   H N N 28  
ARG HB2  H N N 29  
ARG HB3  H N N 30  
ARG HG2  H N N 31  
ARG HG3  H N N 32  
ARG HD2  H N N 33  
ARG HD3  H N N 34  
ARG HE   H N N 35  
ARG HH11 H N N 36  
ARG HH12 H N N 37  
ARG HH21 H N N 38  
ARG HH22 H N N 39  
ARG HXT  H N N 40  
ASN N    N N N 41  
ASN CA   C N S 42  
ASN C    C N N 43  
ASN O    O N N 44  
ASN CB   C N N 45  
ASN CG   C N N 46  
ASN OD1  O N N 47  
ASN ND2  N N N 48  
ASN OXT  O N N 49  
ASN H    H N N 50  
ASN H2   H N N 51  
ASN HA   H N N 52  
ASN HB2  H N N 53  
ASN HB3  H N N 54  
ASN HD21 H N N 55  
ASN HD22 H N N 56  
ASN HXT  H N N 57  
ASP N    N N N 58  
ASP CA   C N S 59  
ASP C    C N N 60  
ASP O    O N N 61  
ASP CB   C N N 62  
ASP CG   C N N 63  
ASP OD1  O N N 64  
ASP OD2  O N N 65  
ASP OXT  O N N 66  
ASP H    H N N 67  
ASP H2   H N N 68  
ASP HA   H N N 69  
ASP HB2  H N N 70  
ASP HB3  H N N 71  
ASP HD2  H N N 72  
ASP HXT  H N N 73  
CYS N    N N N 74  
CYS CA   C N R 75  
CYS C    C N N 76  
CYS O    O N N 77  
CYS CB   C N N 78  
CYS SG   S N N 79  
CYS OXT  O N N 80  
CYS H    H N N 81  
CYS H2   H N N 82  
CYS HA   H N N 83  
CYS HB2  H N N 84  
CYS HB3  H N N 85  
CYS HG   H N N 86  
CYS HXT  H N N 87  
GLN N    N N N 88  
GLN CA   C N S 89  
GLN C    C N N 90  
GLN O    O N N 91  
GLN CB   C N N 92  
GLN CG   C N N 93  
GLN CD   C N N 94  
GLN OE1  O N N 95  
GLN NE2  N N N 96  
GLN OXT  O N N 97  
GLN H    H N N 98  
GLN H2   H N N 99  
GLN HA   H N N 100 
GLN HB2  H N N 101 
GLN HB3  H N N 102 
GLN HG2  H N N 103 
GLN HG3  H N N 104 
GLN HE21 H N N 105 
GLN HE22 H N N 106 
GLN HXT  H N N 107 
GLU N    N N N 108 
GLU CA   C N S 109 
GLU C    C N N 110 
GLU O    O N N 111 
GLU CB   C N N 112 
GLU CG   C N N 113 
GLU CD   C N N 114 
GLU OE1  O N N 115 
GLU OE2  O N N 116 
GLU OXT  O N N 117 
GLU H    H N N 118 
GLU H2   H N N 119 
GLU HA   H N N 120 
GLU HB2  H N N 121 
GLU HB3  H N N 122 
GLU HG2  H N N 123 
GLU HG3  H N N 124 
GLU HE2  H N N 125 
GLU HXT  H N N 126 
GLY N    N N N 127 
GLY CA   C N N 128 
GLY C    C N N 129 
GLY O    O N N 130 
GLY OXT  O N N 131 
GLY H    H N N 132 
GLY H2   H N N 133 
GLY HA2  H N N 134 
GLY HA3  H N N 135 
GLY HXT  H N N 136 
HIS N    N N N 137 
HIS CA   C N S 138 
HIS C    C N N 139 
HIS O    O N N 140 
HIS CB   C N N 141 
HIS CG   C Y N 142 
HIS ND1  N Y N 143 
HIS CD2  C Y N 144 
HIS CE1  C Y N 145 
HIS NE2  N Y N 146 
HIS OXT  O N N 147 
HIS H    H N N 148 
HIS H2   H N N 149 
HIS HA   H N N 150 
HIS HB2  H N N 151 
HIS HB3  H N N 152 
HIS HD1  H N N 153 
HIS HD2  H N N 154 
HIS HE1  H N N 155 
HIS HE2  H N N 156 
HIS HXT  H N N 157 
HOH O    O N N 158 
HOH H1   H N N 159 
HOH H2   H N N 160 
ILE N    N N N 161 
ILE CA   C N S 162 
ILE C    C N N 163 
ILE O    O N N 164 
ILE CB   C N S 165 
ILE CG1  C N N 166 
ILE CG2  C N N 167 
ILE CD1  C N N 168 
ILE OXT  O N N 169 
ILE H    H N N 170 
ILE H2   H N N 171 
ILE HA   H N N 172 
ILE HB   H N N 173 
ILE HG12 H N N 174 
ILE HG13 H N N 175 
ILE HG21 H N N 176 
ILE HG22 H N N 177 
ILE HG23 H N N 178 
ILE HD11 H N N 179 
ILE HD12 H N N 180 
ILE HD13 H N N 181 
ILE HXT  H N N 182 
LEU N    N N N 183 
LEU CA   C N S 184 
LEU C    C N N 185 
LEU O    O N N 186 
LEU CB   C N N 187 
LEU CG   C N N 188 
LEU CD1  C N N 189 
LEU CD2  C N N 190 
LEU OXT  O N N 191 
LEU H    H N N 192 
LEU H2   H N N 193 
LEU HA   H N N 194 
LEU HB2  H N N 195 
LEU HB3  H N N 196 
LEU HG   H N N 197 
LEU HD11 H N N 198 
LEU HD12 H N N 199 
LEU HD13 H N N 200 
LEU HD21 H N N 201 
LEU HD22 H N N 202 
LEU HD23 H N N 203 
LEU HXT  H N N 204 
LYS N    N N N 205 
LYS CA   C N S 206 
LYS C    C N N 207 
LYS O    O N N 208 
LYS CB   C N N 209 
LYS CG   C N N 210 
LYS CD   C N N 211 
LYS CE   C N N 212 
LYS NZ   N N N 213 
LYS OXT  O N N 214 
LYS H    H N N 215 
LYS H2   H N N 216 
LYS HA   H N N 217 
LYS HB2  H N N 218 
LYS HB3  H N N 219 
LYS HG2  H N N 220 
LYS HG3  H N N 221 
LYS HD2  H N N 222 
LYS HD3  H N N 223 
LYS HE2  H N N 224 
LYS HE3  H N N 225 
LYS HZ1  H N N 226 
LYS HZ2  H N N 227 
LYS HZ3  H N N 228 
LYS HXT  H N N 229 
MET N    N N N 230 
MET CA   C N S 231 
MET C    C N N 232 
MET O    O N N 233 
MET CB   C N N 234 
MET CG   C N N 235 
MET SD   S N N 236 
MET CE   C N N 237 
MET OXT  O N N 238 
MET H    H N N 239 
MET H2   H N N 240 
MET HA   H N N 241 
MET HB2  H N N 242 
MET HB3  H N N 243 
MET HG2  H N N 244 
MET HG3  H N N 245 
MET HE1  H N N 246 
MET HE2  H N N 247 
MET HE3  H N N 248 
MET HXT  H N N 249 
PHE N    N N N 250 
PHE CA   C N S 251 
PHE C    C N N 252 
PHE O    O N N 253 
PHE CB   C N N 254 
PHE CG   C Y N 255 
PHE CD1  C Y N 256 
PHE CD2  C Y N 257 
PHE CE1  C Y N 258 
PHE CE2  C Y N 259 
PHE CZ   C Y N 260 
PHE OXT  O N N 261 
PHE H    H N N 262 
PHE H2   H N N 263 
PHE HA   H N N 264 
PHE HB2  H N N 265 
PHE HB3  H N N 266 
PHE HD1  H N N 267 
PHE HD2  H N N 268 
PHE HE1  H N N 269 
PHE HE2  H N N 270 
PHE HZ   H N N 271 
PHE HXT  H N N 272 
PRO N    N N N 273 
PRO CA   C N S 274 
PRO C    C N N 275 
PRO O    O N N 276 
PRO CB   C N N 277 
PRO CG   C N N 278 
PRO CD   C N N 279 
PRO OXT  O N N 280 
PRO H    H N N 281 
PRO HA   H N N 282 
PRO HB2  H N N 283 
PRO HB3  H N N 284 
PRO HG2  H N N 285 
PRO HG3  H N N 286 
PRO HD2  H N N 287 
PRO HD3  H N N 288 
PRO HXT  H N N 289 
SER N    N N N 290 
SER CA   C N S 291 
SER C    C N N 292 
SER O    O N N 293 
SER CB   C N N 294 
SER OG   O N N 295 
SER OXT  O N N 296 
SER H    H N N 297 
SER H2   H N N 298 
SER HA   H N N 299 
SER HB2  H N N 300 
SER HB3  H N N 301 
SER HG   H N N 302 
SER HXT  H N N 303 
SO4 S    S N N 304 
SO4 O1   O N N 305 
SO4 O2   O N N 306 
SO4 O3   O N N 307 
SO4 O4   O N N 308 
THR N    N N N 309 
THR CA   C N S 310 
THR C    C N N 311 
THR O    O N N 312 
THR CB   C N R 313 
THR OG1  O N N 314 
THR CG2  C N N 315 
THR OXT  O N N 316 
THR H    H N N 317 
THR H2   H N N 318 
THR HA   H N N 319 
THR HB   H N N 320 
THR HG1  H N N 321 
THR HG21 H N N 322 
THR HG22 H N N 323 
THR HG23 H N N 324 
THR HXT  H N N 325 
TYR N    N N N 326 
TYR CA   C N S 327 
TYR C    C N N 328 
TYR O    O N N 329 
TYR CB   C N N 330 
TYR CG   C Y N 331 
TYR CD1  C Y N 332 
TYR CD2  C Y N 333 
TYR CE1  C Y N 334 
TYR CE2  C Y N 335 
TYR CZ   C Y N 336 
TYR OH   O N N 337 
TYR OXT  O N N 338 
TYR H    H N N 339 
TYR H2   H N N 340 
TYR HA   H N N 341 
TYR HB2  H N N 342 
TYR HB3  H N N 343 
TYR HD1  H N N 344 
TYR HD2  H N N 345 
TYR HE1  H N N 346 
TYR HE2  H N N 347 
TYR HH   H N N 348 
TYR HXT  H N N 349 
VAL N    N N N 350 
VAL CA   C N S 351 
VAL C    C N N 352 
VAL O    O N N 353 
VAL CB   C N N 354 
VAL CG1  C N N 355 
VAL CG2  C N N 356 
VAL OXT  O N N 357 
VAL H    H N N 358 
VAL H2   H N N 359 
VAL HA   H N N 360 
VAL HB   H N N 361 
VAL HG11 H N N 362 
VAL HG12 H N N 363 
VAL HG13 H N N 364 
VAL HG21 H N N 365 
VAL HG22 H N N 366 
VAL HG23 H N N 367 
VAL HXT  H N N 368 
# 
loop_
_chem_comp_bond.comp_id 
_chem_comp_bond.atom_id_1 
_chem_comp_bond.atom_id_2 
_chem_comp_bond.value_order 
_chem_comp_bond.pdbx_aromatic_flag 
_chem_comp_bond.pdbx_stereo_config 
_chem_comp_bond.pdbx_ordinal 
ALA N   CA   sing N N 1   
ALA N   H    sing N N 2   
ALA N   H2   sing N N 3   
ALA CA  C    sing N N 4   
ALA CA  CB   sing N N 5   
ALA CA  HA   sing N N 6   
ALA C   O    doub N N 7   
ALA C   OXT  sing N N 8   
ALA CB  HB1  sing N N 9   
ALA CB  HB2  sing N N 10  
ALA CB  HB3  sing N N 11  
ALA OXT HXT  sing N N 12  
ARG N   CA   sing N N 13  
ARG N   H    sing N N 14  
ARG N   H2   sing N N 15  
ARG CA  C    sing N N 16  
ARG CA  CB   sing N N 17  
ARG CA  HA   sing N N 18  
ARG C   O    doub N N 19  
ARG C   OXT  sing N N 20  
ARG CB  CG   sing N N 21  
ARG CB  HB2  sing N N 22  
ARG CB  HB3  sing N N 23  
ARG CG  CD   sing N N 24  
ARG CG  HG2  sing N N 25  
ARG CG  HG3  sing N N 26  
ARG CD  NE   sing N N 27  
ARG CD  HD2  sing N N 28  
ARG CD  HD3  sing N N 29  
ARG NE  CZ   sing N N 30  
ARG NE  HE   sing N N 31  
ARG CZ  NH1  sing N N 32  
ARG CZ  NH2  doub N N 33  
ARG NH1 HH11 sing N N 34  
ARG NH1 HH12 sing N N 35  
ARG NH2 HH21 sing N N 36  
ARG NH2 HH22 sing N N 37  
ARG OXT HXT  sing N N 38  
ASN N   CA   sing N N 39  
ASN N   H    sing N N 40  
ASN N   H2   sing N N 41  
ASN CA  C    sing N N 42  
ASN CA  CB   sing N N 43  
ASN CA  HA   sing N N 44  
ASN C   O    doub N N 45  
ASN C   OXT  sing N N 46  
ASN CB  CG   sing N N 47  
ASN CB  HB2  sing N N 48  
ASN CB  HB3  sing N N 49  
ASN CG  OD1  doub N N 50  
ASN CG  ND2  sing N N 51  
ASN ND2 HD21 sing N N 52  
ASN ND2 HD22 sing N N 53  
ASN OXT HXT  sing N N 54  
ASP N   CA   sing N N 55  
ASP N   H    sing N N 56  
ASP N   H2   sing N N 57  
ASP CA  C    sing N N 58  
ASP CA  CB   sing N N 59  
ASP CA  HA   sing N N 60  
ASP C   O    doub N N 61  
ASP C   OXT  sing N N 62  
ASP CB  CG   sing N N 63  
ASP CB  HB2  sing N N 64  
ASP CB  HB3  sing N N 65  
ASP CG  OD1  doub N N 66  
ASP CG  OD2  sing N N 67  
ASP OD2 HD2  sing N N 68  
ASP OXT HXT  sing N N 69  
CYS N   CA   sing N N 70  
CYS N   H    sing N N 71  
CYS N   H2   sing N N 72  
CYS CA  C    sing N N 73  
CYS CA  CB   sing N N 74  
CYS CA  HA   sing N N 75  
CYS C   O    doub N N 76  
CYS C   OXT  sing N N 77  
CYS CB  SG   sing N N 78  
CYS CB  HB2  sing N N 79  
CYS CB  HB3  sing N N 80  
CYS SG  HG   sing N N 81  
CYS OXT HXT  sing N N 82  
GLN N   CA   sing N N 83  
GLN N   H    sing N N 84  
GLN N   H2   sing N N 85  
GLN CA  C    sing N N 86  
GLN CA  CB   sing N N 87  
GLN CA  HA   sing N N 88  
GLN C   O    doub N N 89  
GLN C   OXT  sing N N 90  
GLN CB  CG   sing N N 91  
GLN CB  HB2  sing N N 92  
GLN CB  HB3  sing N N 93  
GLN CG  CD   sing N N 94  
GLN CG  HG2  sing N N 95  
GLN CG  HG3  sing N N 96  
GLN CD  OE1  doub N N 97  
GLN CD  NE2  sing N N 98  
GLN NE2 HE21 sing N N 99  
GLN NE2 HE22 sing N N 100 
GLN OXT HXT  sing N N 101 
GLU N   CA   sing N N 102 
GLU N   H    sing N N 103 
GLU N   H2   sing N N 104 
GLU CA  C    sing N N 105 
GLU CA  CB   sing N N 106 
GLU CA  HA   sing N N 107 
GLU C   O    doub N N 108 
GLU C   OXT  sing N N 109 
GLU CB  CG   sing N N 110 
GLU CB  HB2  sing N N 111 
GLU CB  HB3  sing N N 112 
GLU CG  CD   sing N N 113 
GLU CG  HG2  sing N N 114 
GLU CG  HG3  sing N N 115 
GLU CD  OE1  doub N N 116 
GLU CD  OE2  sing N N 117 
GLU OE2 HE2  sing N N 118 
GLU OXT HXT  sing N N 119 
GLY N   CA   sing N N 120 
GLY N   H    sing N N 121 
GLY N   H2   sing N N 122 
GLY CA  C    sing N N 123 
GLY CA  HA2  sing N N 124 
GLY CA  HA3  sing N N 125 
GLY C   O    doub N N 126 
GLY C   OXT  sing N N 127 
GLY OXT HXT  sing N N 128 
HIS N   CA   sing N N 129 
HIS N   H    sing N N 130 
HIS N   H2   sing N N 131 
HIS CA  C    sing N N 132 
HIS CA  CB   sing N N 133 
HIS CA  HA   sing N N 134 
HIS C   O    doub N N 135 
HIS C   OXT  sing N N 136 
HIS CB  CG   sing N N 137 
HIS CB  HB2  sing N N 138 
HIS CB  HB3  sing N N 139 
HIS CG  ND1  sing Y N 140 
HIS CG  CD2  doub Y N 141 
HIS ND1 CE1  doub Y N 142 
HIS ND1 HD1  sing N N 143 
HIS CD2 NE2  sing Y N 144 
HIS CD2 HD2  sing N N 145 
HIS CE1 NE2  sing Y N 146 
HIS CE1 HE1  sing N N 147 
HIS NE2 HE2  sing N N 148 
HIS OXT HXT  sing N N 149 
HOH O   H1   sing N N 150 
HOH O   H2   sing N N 151 
ILE N   CA   sing N N 152 
ILE N   H    sing N N 153 
ILE N   H2   sing N N 154 
ILE CA  C    sing N N 155 
ILE CA  CB   sing N N 156 
ILE CA  HA   sing N N 157 
ILE C   O    doub N N 158 
ILE C   OXT  sing N N 159 
ILE CB  CG1  sing N N 160 
ILE CB  CG2  sing N N 161 
ILE CB  HB   sing N N 162 
ILE CG1 CD1  sing N N 163 
ILE CG1 HG12 sing N N 164 
ILE CG1 HG13 sing N N 165 
ILE CG2 HG21 sing N N 166 
ILE CG2 HG22 sing N N 167 
ILE CG2 HG23 sing N N 168 
ILE CD1 HD11 sing N N 169 
ILE CD1 HD12 sing N N 170 
ILE CD1 HD13 sing N N 171 
ILE OXT HXT  sing N N 172 
LEU N   CA   sing N N 173 
LEU N   H    sing N N 174 
LEU N   H2   sing N N 175 
LEU CA  C    sing N N 176 
LEU CA  CB   sing N N 177 
LEU CA  HA   sing N N 178 
LEU C   O    doub N N 179 
LEU C   OXT  sing N N 180 
LEU CB  CG   sing N N 181 
LEU CB  HB2  sing N N 182 
LEU CB  HB3  sing N N 183 
LEU CG  CD1  sing N N 184 
LEU CG  CD2  sing N N 185 
LEU CG  HG   sing N N 186 
LEU CD1 HD11 sing N N 187 
LEU CD1 HD12 sing N N 188 
LEU CD1 HD13 sing N N 189 
LEU CD2 HD21 sing N N 190 
LEU CD2 HD22 sing N N 191 
LEU CD2 HD23 sing N N 192 
LEU OXT HXT  sing N N 193 
LYS N   CA   sing N N 194 
LYS N   H    sing N N 195 
LYS N   H2   sing N N 196 
LYS CA  C    sing N N 197 
LYS CA  CB   sing N N 198 
LYS CA  HA   sing N N 199 
LYS C   O    doub N N 200 
LYS C   OXT  sing N N 201 
LYS CB  CG   sing N N 202 
LYS CB  HB2  sing N N 203 
LYS CB  HB3  sing N N 204 
LYS CG  CD   sing N N 205 
LYS CG  HG2  sing N N 206 
LYS CG  HG3  sing N N 207 
LYS CD  CE   sing N N 208 
LYS CD  HD2  sing N N 209 
LYS CD  HD3  sing N N 210 
LYS CE  NZ   sing N N 211 
LYS CE  HE2  sing N N 212 
LYS CE  HE3  sing N N 213 
LYS NZ  HZ1  sing N N 214 
LYS NZ  HZ2  sing N N 215 
LYS NZ  HZ3  sing N N 216 
LYS OXT HXT  sing N N 217 
MET N   CA   sing N N 218 
MET N   H    sing N N 219 
MET N   H2   sing N N 220 
MET CA  C    sing N N 221 
MET CA  CB   sing N N 222 
MET CA  HA   sing N N 223 
MET C   O    doub N N 224 
MET C   OXT  sing N N 225 
MET CB  CG   sing N N 226 
MET CB  HB2  sing N N 227 
MET CB  HB3  sing N N 228 
MET CG  SD   sing N N 229 
MET CG  HG2  sing N N 230 
MET CG  HG3  sing N N 231 
MET SD  CE   sing N N 232 
MET CE  HE1  sing N N 233 
MET CE  HE2  sing N N 234 
MET CE  HE3  sing N N 235 
MET OXT HXT  sing N N 236 
PHE N   CA   sing N N 237 
PHE N   H    sing N N 238 
PHE N   H2   sing N N 239 
PHE CA  C    sing N N 240 
PHE CA  CB   sing N N 241 
PHE CA  HA   sing N N 242 
PHE C   O    doub N N 243 
PHE C   OXT  sing N N 244 
PHE CB  CG   sing N N 245 
PHE CB  HB2  sing N N 246 
PHE CB  HB3  sing N N 247 
PHE CG  CD1  doub Y N 248 
PHE CG  CD2  sing Y N 249 
PHE CD1 CE1  sing Y N 250 
PHE CD1 HD1  sing N N 251 
PHE CD2 CE2  doub Y N 252 
PHE CD2 HD2  sing N N 253 
PHE CE1 CZ   doub Y N 254 
PHE CE1 HE1  sing N N 255 
PHE CE2 CZ   sing Y N 256 
PHE CE2 HE2  sing N N 257 
PHE CZ  HZ   sing N N 258 
PHE OXT HXT  sing N N 259 
PRO N   CA   sing N N 260 
PRO N   CD   sing N N 261 
PRO N   H    sing N N 262 
PRO CA  C    sing N N 263 
PRO CA  CB   sing N N 264 
PRO CA  HA   sing N N 265 
PRO C   O    doub N N 266 
PRO C   OXT  sing N N 267 
PRO CB  CG   sing N N 268 
PRO CB  HB2  sing N N 269 
PRO CB  HB3  sing N N 270 
PRO CG  CD   sing N N 271 
PRO CG  HG2  sing N N 272 
PRO CG  HG3  sing N N 273 
PRO CD  HD2  sing N N 274 
PRO CD  HD3  sing N N 275 
PRO OXT HXT  sing N N 276 
SER N   CA   sing N N 277 
SER N   H    sing N N 278 
SER N   H2   sing N N 279 
SER CA  C    sing N N 280 
SER CA  CB   sing N N 281 
SER CA  HA   sing N N 282 
SER C   O    doub N N 283 
SER C   OXT  sing N N 284 
SER CB  OG   sing N N 285 
SER CB  HB2  sing N N 286 
SER CB  HB3  sing N N 287 
SER OG  HG   sing N N 288 
SER OXT HXT  sing N N 289 
SO4 S   O1   doub N N 290 
SO4 S   O2   doub N N 291 
SO4 S   O3   sing N N 292 
SO4 S   O4   sing N N 293 
THR N   CA   sing N N 294 
THR N   H    sing N N 295 
THR N   H2   sing N N 296 
THR CA  C    sing N N 297 
THR CA  CB   sing N N 298 
THR CA  HA   sing N N 299 
THR C   O    doub N N 300 
THR C   OXT  sing N N 301 
THR CB  OG1  sing N N 302 
THR CB  CG2  sing N N 303 
THR CB  HB   sing N N 304 
THR OG1 HG1  sing N N 305 
THR CG2 HG21 sing N N 306 
THR CG2 HG22 sing N N 307 
THR CG2 HG23 sing N N 308 
THR OXT HXT  sing N N 309 
TYR N   CA   sing N N 310 
TYR N   H    sing N N 311 
TYR N   H2   sing N N 312 
TYR CA  C    sing N N 313 
TYR CA  CB   sing N N 314 
TYR CA  HA   sing N N 315 
TYR C   O    doub N N 316 
TYR C   OXT  sing N N 317 
TYR CB  CG   sing N N 318 
TYR CB  HB2  sing N N 319 
TYR CB  HB3  sing N N 320 
TYR CG  CD1  doub Y N 321 
TYR CG  CD2  sing Y N 322 
TYR CD1 CE1  sing Y N 323 
TYR CD1 HD1  sing N N 324 
TYR CD2 CE2  doub Y N 325 
TYR CD2 HD2  sing N N 326 
TYR CE1 CZ   doub Y N 327 
TYR CE1 HE1  sing N N 328 
TYR CE2 CZ   sing Y N 329 
TYR CE2 HE2  sing N N 330 
TYR CZ  OH   sing N N 331 
TYR OH  HH   sing N N 332 
TYR OXT HXT  sing N N 333 
VAL N   CA   sing N N 334 
VAL N   H    sing N N 335 
VAL N   H2   sing N N 336 
VAL CA  C    sing N N 337 
VAL CA  CB   sing N N 338 
VAL CA  HA   sing N N 339 
VAL C   O    doub N N 340 
VAL C   OXT  sing N N 341 
VAL CB  CG1  sing N N 342 
VAL CB  CG2  sing N N 343 
VAL CB  HB   sing N N 344 
VAL CG1 HG11 sing N N 345 
VAL CG1 HG12 sing N N 346 
VAL CG1 HG13 sing N N 347 
VAL CG2 HG21 sing N N 348 
VAL CG2 HG22 sing N N 349 
VAL CG2 HG23 sing N N 350 
VAL OXT HXT  sing N N 351 
# 
_pdbx_initial_refinement_model.id               1 
_pdbx_initial_refinement_model.entity_id_list   ? 
_pdbx_initial_refinement_model.type             'experimental model' 
_pdbx_initial_refinement_model.source_name      PDB 
_pdbx_initial_refinement_model.accession_code   1AGI 
_pdbx_initial_refinement_model.details          'PDB ENTRY 1AGI' 
# 
_atom_sites.entry_id                    2BWK 
_atom_sites.fract_transf_matrix[1][1]   -0.01440885 
_atom_sites.fract_transf_matrix[1][2]   0.00016889 
_atom_sites.fract_transf_matrix[1][3]   -0.00618975 
_atom_sites.fract_transf_matrix[2][1]   0.00262348 
_atom_sites.fract_transf_matrix[2][2]   -0.01631154 
_atom_sites.fract_transf_matrix[2][3]   -0.00655215 
_atom_sites.fract_transf_matrix[3][1]   -0.01036112 
_atom_sites.fract_transf_matrix[3][2]   -0.01123172 
_atom_sites.fract_transf_matrix[3][3]   0.02381273 
_atom_sites.fract_transf_vector[1]      0.253801 
_atom_sites.fract_transf_vector[2]      0.319711 
_atom_sites.fract_transf_vector[3]      0.216408 
# 
loop_
_atom_type.symbol 
C 
N 
O 
S 
# 
loop_
_atom_site.group_PDB 
_atom_site.id 
_atom_site.type_symbol 
_atom_site.label_atom_id 
_atom_site.label_alt_id 
_atom_site.label_comp_id 
_atom_site.label_asym_id 
_atom_site.label_entity_id 
_atom_site.label_seq_id 
_atom_site.pdbx_PDB_ins_code 
_atom_site.Cartn_x 
_atom_site.Cartn_y 
_atom_site.Cartn_z 
_atom_site.occupancy 
_atom_site.B_iso_or_equiv 
_atom_site.pdbx_formal_charge 
_atom_site.auth_seq_id 
_atom_site.auth_comp_id 
_atom_site.auth_asym_id 
_atom_site.auth_atom_id 
_atom_site.pdbx_PDB_model_num 
ATOM   1    C CA  . ASP A 1 3   ? -2.394  13.198  -11.288 1.00 27.65 ? 3    ASP A CA  1 
ATOM   2    C C   . ASP A 1 3   ? -1.657  12.041  -11.955 1.00 25.15 ? 3    ASP A C   1 
ATOM   3    O O   . ASP A 1 3   ? -2.273  11.171  -12.568 1.00 27.69 ? 3    ASP A O   1 
ATOM   4    N N   . SER A 1 4   ? -0.327  12.038  -11.815 1.00 23.44 ? 4    SER A N   1 
ATOM   5    C CA  . SER A 1 4   ? 0.497   10.935  -12.281 1.00 18.96 ? 4    SER A CA  1 
ATOM   6    C C   . SER A 1 4   ? 0.242   9.706   -11.440 1.00 17.18 ? 4    SER A C   1 
ATOM   7    O O   . SER A 1 4   ? -0.229  9.793   -10.287 1.00 16.36 ? 4    SER A O   1 
ATOM   8    C CB  . SER A 1 4   ? 1.982   11.290  -12.217 1.00 18.46 ? 4    SER A CB  1 
ATOM   9    O OG  . SER A 1 4   ? 2.466   11.348  -10.870 1.00 18.78 ? 4    SER A OG  1 
ATOM   10   N N   . ARG A 1 5   ? 0.563   8.559   -12.016 1.00 15.74 ? 5    ARG A N   1 
ATOM   11   C CA  . ARG A 1 5   ? 0.390   7.301   -11.327 1.00 15.42 ? 5    ARG A CA  1 
ATOM   12   C C   . ARG A 1 5   ? 1.335   7.236   -10.130 1.00 12.92 ? 5    ARG A C   1 
ATOM   13   O O   . ARG A 1 5   ? 0.956   6.658   -9.119  1.00 12.88 ? 5    ARG A O   1 
ATOM   14   C CB  . ARG A 1 5   ? 0.661   6.124   -12.252 1.00 15.07 ? 5    ARG A CB  1 
ATOM   15   C CG  . ARG A 1 5   ? -0.476  5.920   -13.291 1.00 18.85 ? 5    ARG A CG  1 
ATOM   16   C CD  . ARG A 1 5   ? -0.212  4.751   -14.229 1.00 22.75 ? 5    ARG A CD  1 
ATOM   17   N NE  . ARG A 1 5   ? 0.969   5.009   -15.050 1.00 29.74 ? 5    ARG A NE  1 
ATOM   18   N N   . TYR A 1 6   ? 2.535   7.838   -10.186 1.00 11.03 ? 6    TYR A N   1 
ATOM   19   C CA  . TYR A 1 6   ? 3.426   7.856   -9.030  1.00 9.80  ? 6    TYR A CA  1 
ATOM   20   C C   . TYR A 1 6   ? 2.805   8.649   -7.839  1.00 11.90 ? 6    TYR A C   1 
ATOM   21   O O   . TYR A 1 6   ? 2.840   8.184   -6.694  1.00 11.11 ? 6    TYR A O   1 
ATOM   22   C CB  . TYR A 1 6   ? 4.812   8.370   -9.430  1.00 12.43 ? 6    TYR A CB  1 
ATOM   23   C CG  . TYR A 1 6   ? 5.737   8.588   -8.280  1.00 10.88 ? 6    TYR A CG  1 
ATOM   24   C CD1 . TYR A 1 6   ? 6.115   7.560   -7.400  1.00 12.23 ? 6    TYR A CD1 1 
ATOM   25   C CD2 . TYR A 1 6   ? 6.279   9.857   -8.055  1.00 13.41 ? 6    TYR A CD2 1 
ATOM   26   C CE1 . TYR A 1 6   ? 7.007   7.799   -6.341  1.00 14.06 ? 6    TYR A CE1 1 
ATOM   27   C CE2 . TYR A 1 6   ? 7.177   10.093  -6.984  1.00 15.26 ? 6    TYR A CE2 1 
ATOM   28   C CZ  . TYR A 1 6   ? 7.540   9.056   -6.154  1.00 16.08 ? 6    TYR A CZ  1 
ATOM   29   O OH  . TYR A 1 6   ? 8.394   9.257   -5.093  1.00 18.24 ? 6    TYR A OH  1 
ATOM   30   N N   . THR A 1 7   ? 2.243   9.826   -8.111  1.00 12.77 ? 7    THR A N   1 
ATOM   31   C CA  . THR A 1 7   ? 1.560   10.587  -7.084  1.00 12.63 ? 7    THR A CA  1 
ATOM   32   C C   . THR A 1 7   ? 0.416   9.781   -6.506  1.00 11.59 ? 7    THR A C   1 
ATOM   33   O O   . THR A 1 7   ? 0.273   9.769   -5.274  1.00 12.23 ? 7    THR A O   1 
ATOM   34   C CB  . THR A 1 7   ? 1.030   11.889  -7.753  1.00 13.40 ? 7    THR A CB  1 
ATOM   35   O OG1 . THR A 1 7   ? 2.134   12.780  -7.784  1.00 19.14 ? 7    THR A OG1 1 
ATOM   36   C CG2 . THR A 1 7   ? -0.017  12.531  -6.831  1.00 17.19 ? 7    THR A CG2 1 
ATOM   37   N N   . LYS A 1 8   ? -0.374  9.143   -7.344  1.00 11.99 ? 8    LYS A N   1 
ATOM   38   C CA  . LYS A 1 8   ? -1.486  8.290   -6.841  1.00 12.41 ? 8    LYS A CA  1 
ATOM   39   C C   . LYS A 1 8   ? -0.933  7.176   -5.911  1.00 11.91 ? 8    LYS A C   1 
ATOM   40   O O   . LYS A 1 8   ? -1.537  6.890   -4.849  1.00 13.00 ? 8    LYS A O   1 
ATOM   41   C CB  . LYS A 1 8   ? -2.338  7.702   -7.952  1.00 16.00 ? 8    LYS A CB  1 
ATOM   42   N N   . PHE A 1 9   ? 0.193   6.563   -6.291  1.00 10.86 ? 9    PHE A N   1 
ATOM   43   C CA  . PHE A 1 9   ? 0.771   5.497   -5.487  1.00 9.76  ? 9    PHE A CA  1 
ATOM   44   C C   . PHE A 1 9   ? 1.136   6.025   -4.115  1.00 9.53  ? 9    PHE A C   1 
ATOM   45   O O   . PHE A 1 9   ? 0.882   5.326   -3.116  1.00 10.31 ? 9    PHE A O   1 
ATOM   46   C CB  . PHE A 1 9   ? 1.994   4.905   -6.228  1.00 10.25 ? 9    PHE A CB  1 
ATOM   47   C CG  . PHE A 1 9   ? 2.688   3.833   -5.461  1.00 8.68  ? 9    PHE A CG  1 
ATOM   48   C CD1 . PHE A 1 9   ? 3.666   4.128   -4.483  1.00 10.88 ? 9    PHE A CD1 1 
ATOM   49   C CD2 . PHE A 1 9   ? 2.337   2.507   -5.660  1.00 10.33 ? 9    PHE A CD2 1 
ATOM   50   C CE1 . PHE A 1 9   ? 4.283   3.091   -3.730  1.00 11.89 ? 9    PHE A CE1 1 
ATOM   51   C CE2 . PHE A 1 9   ? 2.978   1.494   -4.895  1.00 12.63 ? 9    PHE A CE2 1 
ATOM   52   C CZ  . PHE A 1 9   ? 3.917   1.788   -3.970  1.00 11.98 ? 9    PHE A CZ  1 
ATOM   53   N N   . LEU A 1 10  ? 1.805   7.179   -3.995  1.00 8.27  ? 10   LEU A N   1 
ATOM   54   C CA  . LEU A 1 10  ? 2.170   7.709   -2.691  1.00 9.07  ? 10   LEU A CA  1 
ATOM   55   C C   . LEU A 1 10  ? 0.920   8.019   -1.848  1.00 9.97  ? 10   LEU A C   1 
ATOM   56   O O   . LEU A 1 10  ? 0.892   7.766   -0.626  1.00 11.06 ? 10   LEU A O   1 
ATOM   57   C CB  . LEU A 1 10  ? 3.035   8.970   -2.851  1.00 11.06 ? 10   LEU A CB  1 
ATOM   58   C CG  . LEU A 1 10  ? 4.417   8.771   -3.476  1.00 10.91 ? 10   LEU A CG  1 
ATOM   59   C CD1 . LEU A 1 10  ? 5.099   10.124  -3.605  1.00 15.42 ? 10   LEU A CD1 1 
ATOM   60   C CD2 . LEU A 1 10  ? 5.256   7.833   -2.614  1.00 13.76 ? 10   LEU A CD2 1 
ATOM   61   N N   . THR A 1 11  ? -0.098  8.613   -2.498  1.00 10.19 ? 11   THR A N   1 
ATOM   62   C CA  . THR A 1 11  ? -1.368  8.960   -1.806  1.00 10.86 ? 11   THR A CA  1 
ATOM   63   C C   . THR A 1 11  ? -2.035  7.713   -1.194  1.00 9.99  ? 11   THR A C   1 
ATOM   64   O O   . THR A 1 11  ? -2.481  7.720   -0.061  1.00 11.98 ? 11   THR A O   1 
ATOM   65   C CB  . THR A 1 11  ? -2.321  9.619   -2.772  1.00 11.67 ? 11   THR A CB  1 
ATOM   66   O OG1 . THR A 1 11  ? -1.694  10.801  -3.313  1.00 14.79 ? 11   THR A OG1 1 
ATOM   67   C CG2 . THR A 1 11  ? -3.546  10.165  -1.996  1.00 14.75 ? 11   THR A CG2 1 
ATOM   68   N N   . GLN A 1 12  ? -2.048  6.629   -1.958  1.00 10.72 ? 12   GLN A N   1 
ATOM   69   C CA  . GLN A 1 12  ? -2.742  5.390   -1.530  1.00 11.43 ? 12   GLN A CA  1 
ATOM   70   C C   . GLN A 1 12  ? -1.881  4.482   -0.694  1.00 11.67 ? 12   GLN A C   1 
ATOM   71   O O   . GLN A 1 12  ? -2.429  3.688   0.085   1.00 13.35 ? 12   GLN A O   1 
ATOM   72   C CB  . GLN A 1 12  ? -3.268  4.610   -2.745  1.00 12.72 ? 12   GLN A CB  1 
ATOM   73   C CG  A GLN A 1 12  ? -4.175  5.522   -3.587  0.50 15.81 ? 12   GLN A CG  1 
ATOM   74   C CG  B GLN A 1 12  ? -4.366  5.233   -3.574  0.50 13.16 ? 12   GLN A CG  1 
ATOM   75   C CD  A GLN A 1 12  ? -5.292  4.831   -4.341  0.50 21.96 ? 12   GLN A CD  1 
ATOM   76   C CD  B GLN A 1 12  ? -4.810  4.316   -4.714  0.50 13.17 ? 12   GLN A CD  1 
ATOM   77   O OE1 A GLN A 1 12  ? -5.626  3.659   -4.098  0.50 19.13 ? 12   GLN A OE1 1 
ATOM   78   O OE1 B GLN A 1 12  ? -5.987  3.956   -4.794  0.50 23.13 ? 12   GLN A OE1 1 
ATOM   79   N NE2 A GLN A 1 12  ? -5.921  5.582   -5.233  0.50 22.07 ? 12   GLN A NE2 1 
ATOM   80   N NE2 B GLN A 1 12  ? -3.893  3.910   -5.554  0.50 17.88 ? 12   GLN A NE2 1 
ATOM   81   N N   . HIS A 1 13  ? -0.543  4.529   -0.837  1.00 9.53  ? 13   HIS A N   1 
ATOM   82   C CA  . HIS A 1 13  ? 0.273   3.439   -0.295  1.00 9.24  ? 13   HIS A CA  1 
ATOM   83   C C   . HIS A 1 13  ? 1.482   3.822   0.537   1.00 11.26 ? 13   HIS A C   1 
ATOM   84   O O   . HIS A 1 13  ? 2.258   2.931   0.882   1.00 12.77 ? 13   HIS A O   1 
ATOM   85   C CB  . HIS A 1 13  ? 0.761   2.509   -1.414  1.00 9.60  ? 13   HIS A CB  1 
ATOM   86   C CG  . HIS A 1 13  ? -0.344  1.841   -2.151  1.00 9.26  ? 13   HIS A CG  1 
ATOM   87   N ND1 . HIS A 1 13  ? -1.157  0.883   -1.577  1.00 10.84 ? 13   HIS A ND1 1 
ATOM   88   C CD2 . HIS A 1 13  ? -0.765  1.978   -3.427  1.00 10.39 ? 13   HIS A CD2 1 
ATOM   89   C CE1 . HIS A 1 13  ? -2.056  0.475   -2.465  1.00 11.27 ? 13   HIS A CE1 1 
ATOM   90   N NE2 . HIS A 1 13  ? -1.833  1.129   -3.596  1.00 11.87 ? 13   HIS A NE2 1 
ATOM   91   N N   . HIS A 1 14  ? 1.729   5.098   0.812   1.00 9.64  ? 14   HIS A N   1 
ATOM   92   C CA  . HIS A 1 14  ? 2.860   5.468   1.663   1.00 10.14 ? 14   HIS A CA  1 
ATOM   93   C C   . HIS A 1 14  ? 2.466   6.253   2.925   1.00 9.52  ? 14   HIS A C   1 
ATOM   94   O O   . HIS A 1 14  ? 1.777   7.297   2.815   1.00 11.23 ? 14   HIS A O   1 
ATOM   95   C CB  . HIS A 1 14  ? 3.871   6.330   0.859   1.00 10.68 ? 14   HIS A CB  1 
ATOM   96   C CG  . HIS A 1 14  ? 5.115   6.609   1.631   1.00 9.64  ? 14   HIS A CG  1 
ATOM   97   N ND1 . HIS A 1 14  ? 5.725   7.848   1.676   1.00 12.45 ? 14   HIS A ND1 1 
ATOM   98   C CD2 . HIS A 1 14  ? 5.851   5.797   2.436   1.00 9.94  ? 14   HIS A CD2 1 
ATOM   99   C CE1 . HIS A 1 14  ? 6.803   7.777   2.439   1.00 13.58 ? 14   HIS A CE1 1 
ATOM   100  N NE2 . HIS A 1 14  ? 6.900   6.545   2.915   1.00 11.62 ? 14   HIS A NE2 1 
ATOM   101  N N   . ASP A 1 15  ? 2.852   5.755   4.088   1.00 9.30  ? 15   ASP A N   1 
ATOM   102  C CA  . ASP A 1 15  ? 2.735   6.506   5.348   1.00 10.77 ? 15   ASP A CA  1 
ATOM   103  C C   . ASP A 1 15  ? 4.018   6.241   6.108   1.00 10.51 ? 15   ASP A C   1 
ATOM   104  O O   . ASP A 1 15  ? 4.209   5.137   6.644   1.00 11.62 ? 15   ASP A O   1 
ATOM   105  C CB  . ASP A 1 15  ? 1.488   6.063   6.114   1.00 11.33 ? 15   ASP A CB  1 
ATOM   106  C CG  . ASP A 1 15  ? 1.282   6.869   7.371   1.00 13.37 ? 15   ASP A CG  1 
ATOM   107  O OD1 . ASP A 1 15  ? 1.823   7.995   7.457   1.00 17.79 ? 15   ASP A OD1 1 
ATOM   108  O OD2 . ASP A 1 15  ? 0.609   6.414   8.304   1.00 16.85 ? 15   ASP A OD2 1 
ATOM   109  N N   . ALA A 1 16  ? 4.937   7.213   6.138   1.00 12.80 ? 16   ALA A N   1 
ATOM   110  C CA  . ALA A 1 16  ? 6.281   6.972   6.637   1.00 14.54 ? 16   ALA A CA  1 
ATOM   111  C C   . ALA A 1 16  ? 6.345   6.556   8.080   1.00 15.96 ? 16   ALA A C   1 
ATOM   112  O O   . ALA A 1 16  ? 7.048   5.597   8.435   1.00 17.28 ? 16   ALA A O   1 
ATOM   113  C CB  . ALA A 1 16  ? 7.139   8.223   6.410   1.00 15.74 ? 16   ALA A CB  1 
ATOM   114  N N   . LYS A 1 17  ? 5.599   7.279   8.912   1.00 18.04 ? 17   LYS A N   1 
ATOM   115  C CA  . LYS A 1 17  ? 5.671   7.079   10.384  1.00 20.03 ? 17   LYS A CA  1 
ATOM   116  C C   . LYS A 1 17  ? 4.270   6.939   10.965  1.00 20.55 ? 17   LYS A C   1 
ATOM   117  O O   . LYS A 1 17  ? 3.648   7.895   11.453  1.00 22.10 ? 17   LYS A O   1 
ATOM   118  C CB  . LYS A 1 17  ? 6.483   8.198   11.063  1.00 21.06 ? 17   LYS A CB  1 
ATOM   119  C CG  . LYS A 1 17  ? 7.952   8.218   10.691  1.00 25.51 ? 17   LYS A CG  1 
ATOM   120  N N   . PRO A 1 18  ? 3.729   5.737   10.865  1.00 18.69 ? 18   PRO A N   1 
ATOM   121  C CA  . PRO A 1 18  ? 2.349   5.494   11.238  1.00 19.73 ? 18   PRO A CA  1 
ATOM   122  C C   . PRO A 1 18  ? 2.119   5.676   12.746  1.00 21.50 ? 18   PRO A C   1 
ATOM   123  O O   . PRO A 1 18  ? 2.924   5.218   13.561  1.00 22.67 ? 18   PRO A O   1 
ATOM   124  C CB  . PRO A 1 18  ? 2.137   4.032   10.833  1.00 20.33 ? 18   PRO A CB  1 
ATOM   125  C CG  . PRO A 1 18  ? 3.496   3.448   10.876  1.00 18.52 ? 18   PRO A CG  1 
ATOM   126  C CD  . PRO A 1 18  ? 4.425   4.519   10.407  1.00 19.25 ? 18   PRO A CD  1 
ATOM   127  N N   . LYS A 1 19  ? 0.985   6.304   13.049  1.00 25.67 ? 19   LYS A N   1 
ATOM   128  C CA  . LYS A 1 19  ? 0.552   6.614   14.402  1.00 28.39 ? 19   LYS A CA  1 
ATOM   129  C C   . LYS A 1 19  ? 0.122   5.376   15.165  1.00 28.69 ? 19   LYS A C   1 
ATOM   130  O O   . LYS A 1 19  ? 0.133   5.368   16.397  1.00 31.49 ? 19   LYS A O   1 
ATOM   131  C CB  . LYS A 1 19  ? -0.617  7.612   14.349  1.00 29.56 ? 19   LYS A CB  1 
ATOM   132  N N   . GLY A 1 20  ? -0.305  4.353   14.432  1.00 26.62 ? 20   GLY A N   1 
ATOM   133  C CA  . GLY A 1 20  ? -0.663  3.060   14.970  1.00 25.07 ? 20   GLY A CA  1 
ATOM   134  C C   . GLY A 1 20  ? -0.642  2.059   13.818  1.00 22.19 ? 20   GLY A C   1 
ATOM   135  O O   . GLY A 1 20  ? -0.197  2.365   12.709  1.00 24.22 ? 20   GLY A O   1 
ATOM   136  N N   . ARG A 1 21  ? -1.127  0.857   14.060  1.00 19.35 ? 21   ARG A N   1 
ATOM   137  C CA  . ARG A 1 21  ? -1.069  -0.194  13.044  1.00 18.51 ? 21   ARG A CA  1 
ATOM   138  C C   . ARG A 1 21  ? -2.156  -1.193  13.296  1.00 16.03 ? 21   ARG A C   1 
ATOM   139  O O   . ARG A 1 21  ? -2.053  -2.400  13.075  1.00 17.41 ? 21   ARG A O   1 
ATOM   140  C CB  . ARG A 1 21  ? 0.303   -0.798  12.999  1.00 21.04 ? 21   ARG A CB  1 
ATOM   141  C CG  . ARG A 1 21  ? 1.114   0.176   12.158  1.00 23.20 ? 21   ARG A CG  1 
ATOM   142  C CD  . ARG A 1 21  ? 2.500   -0.129  12.092  1.00 17.36 ? 21   ARG A CD  1 
ATOM   143  N NE  . ARG A 1 21  ? 2.685   -1.246  11.193  1.00 14.18 ? 21   ARG A NE  1 
ATOM   144  C CZ  . ARG A 1 21  ? 3.838   -1.892  11.117  1.00 14.32 ? 21   ARG A CZ  1 
ATOM   145  N NH1 . ARG A 1 21  ? 4.853   -1.496  11.879  1.00 18.23 ? 21   ARG A NH1 1 
ATOM   146  N NH2 . ARG A 1 21  ? 3.986   -2.887  10.264  1.00 14.43 ? 21   ARG A NH2 1 
ATOM   147  N N   . ASP A 1 22  ? -3.264  -0.622  13.718  1.00 15.45 ? 22   ASP A N   1 
ATOM   148  C CA  . ASP A 1 22  ? -4.445  -1.383  14.095  1.00 16.32 ? 22   ASP A CA  1 
ATOM   149  C C   . ASP A 1 22  ? -5.703  -0.991  13.318  1.00 15.11 ? 22   ASP A C   1 
ATOM   150  O O   . ASP A 1 22  ? -5.640  -0.194  12.379  1.00 14.46 ? 22   ASP A O   1 
ATOM   151  C CB  . ASP A 1 22  ? -4.654  -1.287  15.612  1.00 16.36 ? 22   ASP A CB  1 
ATOM   152  C CG  . ASP A 1 22  ? -4.924  0.120   16.083  1.00 19.68 ? 22   ASP A CG  1 
ATOM   153  O OD1 . ASP A 1 22  ? -4.949  1.091   15.280  1.00 19.04 ? 22   ASP A OD1 1 
ATOM   154  O OD2 . ASP A 1 22  ? -5.093  0.337   17.304  1.00 23.44 ? 22   ASP A OD2 1 
ATOM   155  N N   . ASP A 1 23  ? -6.865  -1.525  13.709  1.00 14.79 ? 23   ASP A N   1 
ATOM   156  C CA  . ASP A 1 23  ? -8.096  -1.277  12.992  1.00 15.45 ? 23   ASP A CA  1 
ATOM   157  C C   . ASP A 1 23  ? -8.425  0.225   12.953  1.00 14.66 ? 23   ASP A C   1 
ATOM   158  O O   . ASP A 1 23  ? -8.776  0.764   11.902  1.00 16.24 ? 23   ASP A O   1 
ATOM   159  C CB  . ASP A 1 23  ? -9.288  -2.015  13.656  1.00 15.68 ? 23   ASP A CB  1 
ATOM   160  C CG  . ASP A 1 23  ? -9.129  -3.503  13.651  1.00 21.52 ? 23   ASP A CG  1 
ATOM   161  O OD1 . ASP A 1 23  ? -8.242  -4.092  13.008  1.00 17.74 ? 23   ASP A OD1 1 
ATOM   162  O OD2 . ASP A 1 23  ? -9.903  -4.215  14.300  1.00 24.65 ? 23   ASP A OD2 1 
ATOM   163  N N   . ARG A 1 24  ? -8.307  0.911   14.075  1.00 15.77 ? 24   ARG A N   1 
ATOM   164  C CA  . ARG A 1 24  ? -8.615  2.350   14.107  1.00 15.42 ? 24   ARG A CA  1 
ATOM   165  C C   . ARG A 1 24  ? -7.672  3.178   13.222  1.00 14.12 ? 24   ARG A C   1 
ATOM   166  O O   . ARG A 1 24  ? -8.116  4.113   12.551  1.00 15.20 ? 24   ARG A O   1 
ATOM   167  C CB  . ARG A 1 24  ? -8.500  2.833   15.554  1.00 17.57 ? 24   ARG A CB  1 
ATOM   168  C CG  . ARG A 1 24  ? -9.013  4.243   15.784  1.00 23.10 ? 24   ARG A CG  1 
ATOM   169  C CD  . ARG A 1 24  ? -10.501 4.392   15.446  1.00 26.66 ? 24   ARG A CD  1 
ATOM   170  N N   . TYR A 1 25  ? -6.397  2.808   13.174  1.00 13.29 ? 25   TYR A N   1 
ATOM   171  C CA  . TYR A 1 25  ? -5.446  3.441   12.254  1.00 12.23 ? 25   TYR A CA  1 
ATOM   172  C C   . TYR A 1 25  ? -5.951  3.292   10.802  1.00 12.76 ? 25   TYR A C   1 
ATOM   173  O O   . TYR A 1 25  ? -5.993  4.267   10.036  1.00 13.21 ? 25   TYR A O   1 
ATOM   174  C CB  . TYR A 1 25  ? -4.061  2.805   12.419  1.00 14.35 ? 25   TYR A CB  1 
ATOM   175  C CG  . TYR A 1 25  ? -3.101  3.110   11.274  1.00 13.57 ? 25   TYR A CG  1 
ATOM   176  C CD1 . TYR A 1 25  ? -2.384  4.292   11.254  1.00 11.90 ? 25   TYR A CD1 1 
ATOM   177  C CD2 . TYR A 1 25  ? -2.961  2.219   10.194  1.00 14.49 ? 25   TYR A CD2 1 
ATOM   178  C CE1 . TYR A 1 25  ? -1.486  4.592   10.197  1.00 15.31 ? 25   TYR A CE1 1 
ATOM   179  C CE2 . TYR A 1 25  ? -2.102  2.518   9.136   1.00 14.13 ? 25   TYR A CE2 1 
ATOM   180  C CZ  . TYR A 1 25  ? -1.371  3.695   9.130   1.00 15.11 ? 25   TYR A CZ  1 
ATOM   181  O OH  . TYR A 1 25  ? -0.492  4.002   8.084   1.00 16.33 ? 25   TYR A OH  1 
ATOM   182  N N   . CYS A 1 26  ? -6.346  2.088   10.418  1.00 11.81 ? 26   CYS A N   1 
ATOM   183  C CA  . CYS A 1 26  ? -6.866  1.886   9.044   1.00 11.43 ? 26   CYS A CA  1 
ATOM   184  C C   . CYS A 1 26  ? -8.096  2.720   8.762   1.00 12.38 ? 26   CYS A C   1 
ATOM   185  O O   . CYS A 1 26  ? -8.219  3.325   7.686   1.00 13.35 ? 26   CYS A O   1 
ATOM   186  C CB  . CYS A 1 26  ? -7.236  0.429   8.800   1.00 12.36 ? 26   CYS A CB  1 
ATOM   187  S SG  . CYS A 1 26  ? -5.819  -0.643  8.438   1.00 13.37 ? 26   CYS A SG  1 
ATOM   188  N N   . GLU A 1 27  ? -9.031  2.771   9.717   1.00 13.91 ? 27   GLU A N   1 
ATOM   189  C CA  . GLU A 1 27  ? -10.249 3.549   9.489   1.00 15.12 ? 27   GLU A CA  1 
ATOM   190  C C   . GLU A 1 27  ? -9.949  5.041   9.289   1.00 15.38 ? 27   GLU A C   1 
ATOM   191  O O   . GLU A 1 27  ? -10.480 5.692   8.331   1.00 16.25 ? 27   GLU A O   1 
ATOM   192  C CB  . GLU A 1 27  ? -11.229 3.284   10.669  1.00 16.25 ? 27   GLU A CB  1 
ATOM   193  C CG  . GLU A 1 27  ? -11.787 1.877   10.561  1.00 18.51 ? 27   GLU A CG  1 
ATOM   194  C CD  . GLU A 1 27  ? -12.584 1.387   11.744  1.00 23.39 ? 27   GLU A CD  1 
ATOM   195  O OE1 . GLU A 1 27  ? -12.596 2.052   12.814  1.00 29.68 ? 27   GLU A OE1 1 
ATOM   196  O OE2 . GLU A 1 27  ? -13.158 0.282   11.594  1.00 23.60 ? 27   GLU A OE2 1 
ATOM   197  N N   . ARG A 1 28  ? -9.075  5.578   10.129  1.00 13.80 ? 28   ARG A N   1 
ATOM   198  C CA  . ARG A 1 28  ? -8.685  6.989   10.008  1.00 14.26 ? 28   ARG A CA  1 
ATOM   199  C C   . ARG A 1 28  ? -7.895  7.268   8.715   1.00 15.18 ? 28   ARG A C   1 
ATOM   200  O O   . ARG A 1 28  ? -8.147  8.276   8.018   1.00 15.21 ? 28   ARG A O   1 
ATOM   201  C CB  . ARG A 1 28  ? -7.849  7.434   11.211  1.00 16.22 ? 28   ARG A CB  1 
ATOM   202  N N   . MET A 1 29  ? -6.907  6.424   8.401   1.00 12.42 ? 29   MET A N   1 
ATOM   203  C CA  . MET A 1 29  ? -6.109  6.677   7.192   1.00 12.28 ? 29   MET A CA  1 
ATOM   204  C C   . MET A 1 29  ? -6.857  6.529   5.894   1.00 12.55 ? 29   MET A C   1 
ATOM   205  O O   . MET A 1 29  ? -6.605  7.270   4.954   1.00 13.80 ? 29   MET A O   1 
ATOM   206  C CB  . MET A 1 29  ? -4.890  5.724   7.172   1.00 14.38 ? 29   MET A CB  1 
ATOM   207  C CG  . MET A 1 29  ? -3.920  6.029   8.262   1.00 19.30 ? 29   MET A CG  1 
ATOM   208  S SD  . MET A 1 29  ? -3.213  7.702   8.183   1.00 25.47 ? 29   MET A SD  1 
ATOM   209  C CE  . MET A 1 29  ? -2.815  7.991   6.493   1.00 23.73 ? 29   MET A CE  1 
ATOM   210  N N   . MET A 1 30  ? -7.771  5.551   5.794   1.00 11.80 ? 30   MET A N   1 
ATOM   211  C CA  . MET A 1 30  ? -8.548  5.401   4.543   1.00 12.50 ? 30   MET A CA  1 
ATOM   212  C C   . MET A 1 30  ? -9.413  6.625   4.289   1.00 14.07 ? 30   MET A C   1 
ATOM   213  O O   . MET A 1 30  ? -9.487  7.090   3.165   1.00 16.05 ? 30   MET A O   1 
ATOM   214  C CB  . MET A 1 30  ? -9.379  4.111   4.577   1.00 14.22 ? 30   MET A CB  1 
ATOM   215  C CG  . MET A 1 30  ? -8.521  2.834   4.643   1.00 12.78 ? 30   MET A CG  1 
ATOM   216  S SD  . MET A 1 30  ? -7.518  2.543   3.176   1.00 13.28 ? 30   MET A SD  1 
ATOM   217  C CE  . MET A 1 30  ? -8.730  1.876   2.043   1.00 13.63 ? 30   MET A CE  1 
ATOM   218  N N   . LYS A 1 31  ? -9.995  7.178   5.353   1.00 14.54 ? 31   LYS A N   1 
ATOM   219  C CA  . LYS A 1 31  ? -10.724 8.433   5.228   1.00 16.73 ? 31   LYS A CA  1 
ATOM   220  C C   . LYS A 1 31  ? -9.806  9.608   4.857   1.00 15.64 ? 31   LYS A C   1 
ATOM   221  O O   . LYS A 1 31  ? -10.131 10.375  3.933   1.00 17.24 ? 31   LYS A O   1 
ATOM   222  C CB  . LYS A 1 31  ? -11.446 8.740   6.544   1.00 17.15 ? 31   LYS A CB  1 
ATOM   223  C CG  . LYS A 1 31  ? -12.425 9.927   6.487   1.00 22.50 ? 31   LYS A CG  1 
ATOM   224  C CD  . LYS A 1 31  ? -13.352 9.905   7.709   1.00 24.20 ? 31   LYS A CD  1 
ATOM   225  N N   . ARG A 1 32  ? -8.676  9.753   5.549   1.00 14.27 ? 32   ARG A N   1 
ATOM   226  C CA  . ARG A 1 32  ? -7.746  10.867  5.273   1.00 15.02 ? 32   ARG A CA  1 
ATOM   227  C C   . ARG A 1 32  ? -7.230  10.859  3.827   1.00 15.81 ? 32   ARG A C   1 
ATOM   228  O O   . ARG A 1 32  ? -7.003  11.929  3.218   1.00 18.17 ? 32   ARG A O   1 
ATOM   229  C CB  . ARG A 1 32  ? -6.567  10.856  6.250   1.00 17.20 ? 32   ARG A CB  1 
ATOM   230  C CG  . ARG A 1 32  ? -6.930  11.401  7.604   1.00 23.30 ? 32   ARG A CG  1 
ATOM   231  N N   . ARG A 1 33  ? -7.027  9.681   3.248   1.00 13.69 ? 33   ARG A N   1 
ATOM   232  C CA  . ARG A 1 33  ? -6.505  9.622   1.906   1.00 12.09 ? 33   ARG A CA  1 
ATOM   233  C C   . ARG A 1 33  ? -7.586  9.526   0.825   1.00 14.21 ? 33   ARG A C   1 
ATOM   234  O O   . ARG A 1 33  ? -7.313  9.301   -0.350  1.00 16.11 ? 33   ARG A O   1 
ATOM   235  C CB  . ARG A 1 33  ? -5.562  8.431   1.782   1.00 11.21 ? 33   ARG A CB  1 
ATOM   236  C CG  . ARG A 1 33  ? -4.317  8.466   2.696   1.00 11.55 ? 33   ARG A CG  1 
ATOM   237  C CD  . ARG A 1 33  ? -3.381  9.678   2.492   1.00 12.60 ? 33   ARG A CD  1 
ATOM   238  N NE  . ARG A 1 33  ? -2.260  9.696   3.435   1.00 12.24 ? 33   ARG A NE  1 
ATOM   239  C CZ  . ARG A 1 33  ? -1.113  9.046   3.251   1.00 12.92 ? 33   ARG A CZ  1 
ATOM   240  N NH1 . ARG A 1 33  ? -0.935  8.340   2.139   1.00 12.45 ? 33   ARG A NH1 1 
ATOM   241  N NH2 . ARG A 1 33  ? -0.139  9.140   4.151   1.00 13.87 ? 33   ARG A NH2 1 
ATOM   242  N N   . SER A 1 34  ? -8.845  9.707   1.258   1.00 14.53 ? 34   SER A N   1 
ATOM   243  C CA  . SER A 1 34  ? -10.008 9.761   0.360   1.00 15.89 ? 34   SER A CA  1 
ATOM   244  C C   . SER A 1 34  ? -10.247 8.440   -0.362  1.00 14.48 ? 34   SER A C   1 
ATOM   245  O O   . SER A 1 34  ? -10.501 8.396   -1.560  1.00 16.74 ? 34   SER A O   1 
ATOM   246  C CB  . SER A 1 34  ? -9.958  10.934  -0.632  1.00 17.45 ? 34   SER A CB  1 
ATOM   247  O OG  A SER A 1 34  ? -11.287 11.238  -1.020  0.50 19.53 ? 34   SER A OG  1 
ATOM   248  O OG  B SER A 1 34  ? -10.235 12.153  0.016   0.50 18.69 ? 34   SER A OG  1 
ATOM   249  N N   . LEU A 1 35  ? -10.209 7.344   0.405   1.00 14.41 ? 35   LEU A N   1 
ATOM   250  C CA  . LEU A 1 35  ? -10.414 6.013   -0.168  1.00 14.70 ? 35   LEU A CA  1 
ATOM   251  C C   . LEU A 1 35  ? -11.694 5.370   0.335   1.00 14.82 ? 35   LEU A C   1 
ATOM   252  O O   . LEU A 1 35  ? -11.829 4.129   0.369   1.00 15.76 ? 35   LEU A O   1 
ATOM   253  C CB  . LEU A 1 35  ? -9.221  5.097   0.123   1.00 13.59 ? 35   LEU A CB  1 
ATOM   254  C CG  . LEU A 1 35  ? -7.917  5.662   -0.452  1.00 14.60 ? 35   LEU A CG  1 
ATOM   255  C CD1 . LEU A 1 35  ? -6.746  4.817   0.024   1.00 17.30 ? 35   LEU A CD1 1 
ATOM   256  C CD2 . LEU A 1 35  ? -7.994  5.643   -1.985  1.00 20.61 ? 35   LEU A CD2 1 
ATOM   257  N N   . THR A 1 36  ? -12.674 6.228   0.632   1.00 17.26 ? 36   THR A N   1 
ATOM   258  C CA  . THR A 1 36  ? -13.921 5.783   1.290   1.00 20.34 ? 36   THR A CA  1 
ATOM   259  C C   . THR A 1 36  ? -15.205 6.107   0.514   1.00 22.71 ? 36   THR A C   1 
ATOM   260  O O   . THR A 1 36  ? -16.304 5.878   1.040   1.00 26.64 ? 36   THR A O   1 
ATOM   261  C CB  . THR A 1 36  ? -14.025 6.301   2.745   1.00 20.59 ? 36   THR A CB  1 
ATOM   262  O OG1 . THR A 1 36  ? -13.830 7.720   2.804   1.00 25.10 ? 36   THR A OG1 1 
ATOM   263  C CG2 . THR A 1 36  ? -12.918 5.748   3.613   1.00 21.78 ? 36   THR A CG2 1 
ATOM   264  N N   . SER A 1 37  ? -15.089 6.579   -0.725  1.00 24.00 ? 37   SER A N   1 
ATOM   265  C CA  . SER A 1 37  ? -16.281 6.869   -1.519  1.00 26.32 ? 37   SER A CA  1 
ATOM   266  C C   . SER A 1 37  ? -16.107 6.389   -2.966  1.00 26.98 ? 37   SER A C   1 
ATOM   267  O O   . SER A 1 37  ? -15.773 7.206   -3.839  1.00 30.08 ? 37   SER A O   1 
ATOM   268  C CB  . SER A 1 37  ? -16.594 8.378   -1.467  1.00 28.08 ? 37   SER A CB  1 
ATOM   269  N N   . PRO A 1 38  ? -16.333 5.104   -3.254  1.00 26.63 ? 38   PRO A N   1 
ATOM   270  C CA  . PRO A 1 38  ? -16.848 4.115   -2.300  1.00 24.65 ? 38   PRO A CA  1 
ATOM   271  C C   . PRO A 1 38  ? -15.728 3.447   -1.494  1.00 22.39 ? 38   PRO A C   1 
ATOM   272  O O   . PRO A 1 38  ? -14.547 3.618   -1.832  1.00 21.85 ? 38   PRO A O   1 
ATOM   273  C CB  . PRO A 1 38  ? -17.460 3.060   -3.214  1.00 27.04 ? 38   PRO A CB  1 
ATOM   274  C CG  . PRO A 1 38  ? -16.636 3.114   -4.490  1.00 28.82 ? 38   PRO A CG  1 
ATOM   275  C CD  . PRO A 1 38  ? -16.078 4.500   -4.578  1.00 27.26 ? 38   PRO A CD  1 
ATOM   276  N N   . CYS A 1 39  ? -16.085 2.670   -0.481  1.00 20.20 ? 39   CYS A N   1 
ATOM   277  C CA  . CYS A 1 39  ? -15.071 2.026   0.378   1.00 18.76 ? 39   CYS A CA  1 
ATOM   278  C C   . CYS A 1 39  ? -14.158 1.135   -0.466  1.00 18.92 ? 39   CYS A C   1 
ATOM   279  O O   . CYS A 1 39  ? -14.625 0.189   -1.117  1.00 20.23 ? 39   CYS A O   1 
ATOM   280  C CB  . CYS A 1 39  ? -15.723 1.147   1.437   1.00 17.03 ? 39   CYS A CB  1 
ATOM   281  S SG  . CYS A 1 39  ? -16.930 1.956   2.524   1.00 20.19 ? 39   CYS A SG  1 
ATOM   282  N N   . LYS A 1 40  ? -12.849 1.398   -0.432  1.00 16.56 ? 40   LYS A N   1 
ATOM   283  C CA  . LYS A 1 40  ? -11.911 0.538   -1.116  1.00 15.86 ? 40   LYS A CA  1 
ATOM   284  C C   . LYS A 1 40  ? -11.790 -0.796  -0.368  1.00 16.30 ? 40   LYS A C   1 
ATOM   285  O O   . LYS A 1 40  ? -11.694 -0.830  0.874   1.00 16.69 ? 40   LYS A O   1 
ATOM   286  C CB  . LYS A 1 40  ? -10.528 1.211   -1.221  1.00 16.09 ? 40   LYS A CB  1 
ATOM   287  C CG  . LYS A 1 40  ? -9.572  0.447   -2.131  1.00 18.70 ? 40   LYS A CG  1 
ATOM   288  C CD  . LYS A 1 40  ? -8.300  1.242   -2.452  1.00 18.88 ? 40   LYS A CD  1 
ATOM   289  C CE  . LYS A 1 40  ? -7.348  0.357   -3.270  1.00 19.26 ? 40   LYS A CE  1 
ATOM   290  N NZ  . LYS A 1 40  ? -6.042  1.056   -3.528  1.00 19.53 ? 40   LYS A NZ  1 
ATOM   291  N N   . ASP A 1 41  ? -11.810 -1.896  -1.116  1.00 15.76 ? 41   ASP A N   1 
ATOM   292  C CA  . ASP A 1 41  ? -11.874 -3.215  -0.497  1.00 17.46 ? 41   ASP A CA  1 
ATOM   293  C C   . ASP A 1 41  ? -10.611 -3.595  0.303   1.00 17.44 ? 41   ASP A C   1 
ATOM   294  O O   . ASP A 1 41  ? -10.687 -4.092  1.424   1.00 17.87 ? 41   ASP A O   1 
ATOM   295  C CB  . ASP A 1 41  ? -12.171 -4.264  -1.582  1.00 18.87 ? 41   ASP A CB  1 
ATOM   296  N N   . VAL A 1 42  ? -9.451  -3.401  -0.304  1.00 14.20 ? 42   VAL A N   1 
ATOM   297  C CA  . VAL A 1 42  ? -8.182  -3.803  0.345   1.00 14.56 ? 42   VAL A CA  1 
ATOM   298  C C   . VAL A 1 42  ? -7.144  -2.760  -0.052  1.00 12.49 ? 42   VAL A C   1 
ATOM   299  O O   . VAL A 1 42  ? -7.085  -2.343  -1.195  1.00 13.88 ? 42   VAL A O   1 
ATOM   300  C CB  . VAL A 1 42  ? -7.658  -5.242  -0.045  1.00 15.77 ? 42   VAL A CB  1 
ATOM   301  C CG1 A VAL A 1 42  ? -6.562  -5.648  0.900   0.50 16.60 ? 42   VAL A CG1 1 
ATOM   302  C CG1 B VAL A 1 42  ? -7.570  -5.430  -1.540  0.50 14.03 ? 42   VAL A CG1 1 
ATOM   303  C CG2 A VAL A 1 42  ? -8.733  -6.295  0.029   0.50 16.88 ? 42   VAL A CG2 1 
ATOM   304  C CG2 B VAL A 1 42  ? -6.340  -5.581  0.624   0.50 15.85 ? 42   VAL A CG2 1 
ATOM   305  N N   . ASN A 1 43  ? -6.344  -2.313  0.908   1.00 11.26 ? 43   ASN A N   1 
ATOM   306  C CA  . ASN A 1 43  ? -5.309  -1.289  0.635   1.00 10.70 ? 43   ASN A CA  1 
ATOM   307  C C   . ASN A 1 43  ? -4.183  -1.396  1.618   1.00 10.66 ? 43   ASN A C   1 
ATOM   308  O O   . ASN A 1 43  ? -4.376  -1.257  2.829   1.00 11.81 ? 43   ASN A O   1 
ATOM   309  C CB  . ASN A 1 43  ? -5.950  0.107   0.712   1.00 10.67 ? 43   ASN A CB  1 
ATOM   310  C CG  . ASN A 1 43  ? -4.997  1.200   0.211   1.00 11.98 ? 43   ASN A CG  1 
ATOM   311  O OD1 . ASN A 1 43  ? -4.786  1.326   -0.999  1.00 13.99 ? 43   ASN A OD1 1 
ATOM   312  N ND2 . ASN A 1 43  ? -4.403  1.931   1.120   1.00 12.72 ? 43   ASN A ND2 1 
ATOM   313  N N   . THR A 1 44  ? -2.963  -1.529  1.082   1.00 10.03 ? 44   THR A N   1 
ATOM   314  C CA  . THR A 1 44  ? -1.802  -1.607  1.966   1.00 9.79  ? 44   THR A CA  1 
ATOM   315  C C   . THR A 1 44  ? -1.014  -0.298  2.034   1.00 9.17  ? 44   THR A C   1 
ATOM   316  O O   . THR A 1 44  ? -0.679  0.304   0.981   1.00 11.89 ? 44   THR A O   1 
ATOM   317  C CB  . THR A 1 44  ? -0.859  -2.716  1.427   1.00 9.86  ? 44   THR A CB  1 
ATOM   318  O OG1 . THR A 1 44  ? -1.550  -3.959  1.532   1.00 11.89 ? 44   THR A OG1 1 
ATOM   319  C CG2 . THR A 1 44  ? 0.397   -2.934  2.295   1.00 13.28 ? 44   THR A CG2 1 
ATOM   320  N N   . PHE A 1 45  ? -0.651  0.117   3.241   1.00 9.56  ? 45   PHE A N   1 
ATOM   321  C CA  . PHE A 1 45  ? 0.283   1.212   3.437   1.00 8.84  ? 45   PHE A CA  1 
ATOM   322  C C   . PHE A 1 45  ? 1.679   0.702   3.746   1.00 10.56 ? 45   PHE A C   1 
ATOM   323  O O   . PHE A 1 45  ? 1.840   -0.211  4.584   1.00 11.46 ? 45   PHE A O   1 
ATOM   324  C CB  . PHE A 1 45  ? -0.184  2.064   4.621   1.00 11.30 ? 45   PHE A CB  1 
ATOM   325  C CG  . PHE A 1 45  ? -1.477  2.813   4.356   1.00 11.31 ? 45   PHE A CG  1 
ATOM   326  C CD1 . PHE A 1 45  ? -1.453  3.961   3.618   1.00 11.25 ? 45   PHE A CD1 1 
ATOM   327  C CD2 . PHE A 1 45  ? -2.692  2.324   4.808   1.00 13.09 ? 45   PHE A CD2 1 
ATOM   328  C CE1 . PHE A 1 45  ? -2.626  4.644   3.295   1.00 12.29 ? 45   PHE A CE1 1 
ATOM   329  C CE2 . PHE A 1 45  ? -3.875  2.999   4.534   1.00 13.68 ? 45   PHE A CE2 1 
ATOM   330  C CZ  . PHE A 1 45  ? -3.840  4.160   3.764   1.00 12.75 ? 45   PHE A CZ  1 
ATOM   331  N N   . ILE A 1 46  ? 2.676   1.226   3.053   1.00 10.08 ? 46   ILE A N   1 
ATOM   332  C CA  . ILE A 1 46  ? 4.086   0.840   3.282   1.00 9.41  ? 46   ILE A CA  1 
ATOM   333  C C   . ILE A 1 46  ? 4.707   1.922   4.155   1.00 10.12 ? 46   ILE A C   1 
ATOM   334  O O   . ILE A 1 46  ? 4.485   3.128   3.888   1.00 10.64 ? 46   ILE A O   1 
ATOM   335  C CB  . ILE A 1 46  ? 4.854   0.789   1.939   1.00 10.40 ? 46   ILE A CB  1 
ATOM   336  C CG1 . ILE A 1 46  ? 4.178   -0.115  0.925   1.00 12.74 ? 46   ILE A CG1 1 
ATOM   337  C CG2 . ILE A 1 46  ? 6.301   0.356   2.158   1.00 12.18 ? 46   ILE A CG2 1 
ATOM   338  C CD1 . ILE A 1 46  ? 4.805   0.021   -0.508  1.00 13.76 ? 46   ILE A CD1 1 
ATOM   339  N N   . HIS A 1 47  ? 5.442   1.553   5.194   1.00 10.15 ? 47   HIS A N   1 
ATOM   340  C CA  . HIS A 1 47  ? 6.070   2.514   6.102   1.00 10.83 ? 47   HIS A CA  1 
ATOM   341  C C   . HIS A 1 47  ? 7.542   2.690   5.801   1.00 12.39 ? 47   HIS A C   1 
ATOM   342  O O   . HIS A 1 47  ? 8.106   2.014   4.915   1.00 14.48 ? 47   HIS A O   1 
ATOM   343  C CB  . HIS A 1 47  ? 5.805   2.060   7.546   1.00 12.30 ? 47   HIS A CB  1 
ATOM   344  C CG  . HIS A 1 47  ? 4.362   1.703   7.774   1.00 10.32 ? 47   HIS A CG  1 
ATOM   345  N ND1 . HIS A 1 47  ? 3.334   2.583   7.497   1.00 10.39 ? 47   HIS A ND1 1 
ATOM   346  C CD2 . HIS A 1 47  ? 3.768   0.581   8.248   1.00 11.56 ? 47   HIS A CD2 1 
ATOM   347  C CE1 . HIS A 1 47  ? 2.174   2.018   7.787   1.00 11.43 ? 47   HIS A CE1 1 
ATOM   348  N NE2 . HIS A 1 47  ? 2.406   0.798   8.236   1.00 11.99 ? 47   HIS A NE2 1 
ATOM   349  N N   . GLY A 1 48  ? 8.168   3.592   6.546   1.00 13.26 ? 48   GLY A N   1 
ATOM   350  C CA  . GLY A 1 48  ? 9.578   3.944   6.244   1.00 13.70 ? 48   GLY A CA  1 
ATOM   351  C C   . GLY A 1 48  ? 9.735   4.981   5.154   1.00 15.37 ? 48   GLY A C   1 
ATOM   352  O O   . GLY A 1 48  ? 8.758   5.551   4.691   1.00 16.18 ? 48   GLY A O   1 
ATOM   353  N N   . ASN A 1 49  ? 10.961  5.223   4.708   1.00 15.99 ? 49   ASN A N   1 
ATOM   354  C CA  . ASN A 1 49  ? 11.155  6.324   3.769   1.00 16.05 ? 49   ASN A CA  1 
ATOM   355  C C   . ASN A 1 49  ? 10.815  6.036   2.298   1.00 16.38 ? 49   ASN A C   1 
ATOM   356  O O   . ASN A 1 49  ? 10.774  4.865   1.870   1.00 18.31 ? 49   ASN A O   1 
ATOM   357  C CB  . ASN A 1 49  ? 12.588  6.872   3.958   1.00 17.29 ? 49   ASN A CB  1 
ATOM   358  C CG  . ASN A 1 49  ? 13.646  5.957   3.416   0.50 16.54 ? 49   ASN A CG  1 
ATOM   359  O OD1 . ASN A 1 49  ? 13.437  5.219   2.447   0.50 18.15 ? 49   ASN A OD1 1 
ATOM   360  N ND2 . ASN A 1 49  ? 14.831  6.012   4.031   0.50 23.66 ? 49   ASN A ND2 1 
ATOM   361  N N   . LYS A 1 50  ? 10.541  7.082   1.525   1.00 15.79 ? 50   LYS A N   1 
ATOM   362  C CA  . LYS A 1 50  ? 10.225  6.950   0.103   1.00 17.07 ? 50   LYS A CA  1 
ATOM   363  C C   . LYS A 1 50  ? 11.351  6.371   -0.718  1.00 14.84 ? 50   LYS A C   1 
ATOM   364  O O   . LYS A 1 50  ? 11.099  5.612   -1.654  1.00 15.56 ? 50   LYS A O   1 
ATOM   365  C CB  . LYS A 1 50  ? 9.896   8.323   -0.552  1.00 20.86 ? 50   LYS A CB  1 
ATOM   366  C CG  . LYS A 1 50  ? 8.564   8.893   -0.300  1.00 27.32 ? 50   LYS A CG  1 
ATOM   367  C CD  . LYS A 1 50  ? 8.355   10.084  -1.245  1.00 27.24 ? 50   LYS A CD  1 
ATOM   368  C CE  . LYS A 1 50  ? 9.280   11.245  -0.912  1.00 29.99 ? 50   LYS A CE  1 
ATOM   369  N NZ  . LYS A 1 50  ? 8.788   12.439  -1.685  1.00 30.20 ? 50   LYS A NZ  1 
ATOM   370  N N   . SER A 1 51  ? 12.588  6.773   -0.419  1.00 15.37 ? 51   SER A N   1 
ATOM   371  C CA  . SER A 1 51  ? 13.736  6.349   -1.223  1.00 15.24 ? 51   SER A CA  1 
ATOM   372  C C   . SER A 1 51  ? 13.857  4.827   -1.272  1.00 15.13 ? 51   SER A C   1 
ATOM   373  O O   . SER A 1 51  ? 14.151  4.277   -2.348  1.00 15.00 ? 51   SER A O   1 
ATOM   374  C CB  . SER A 1 51  ? 15.047  6.995   -0.706  1.00 18.19 ? 51   SER A CB  1 
ATOM   375  O OG  A SER A 1 51  ? 14.840  8.370   -0.511  0.34 20.80 ? 51   SER A OG  1 
ATOM   376  O OG  B SER A 1 51  ? 15.260  6.701   0.653   0.33 18.69 ? 51   SER A OG  1 
ATOM   377  O OG  C SER A 1 51  ? 16.185  6.442   -1.330  0.33 21.00 ? 51   SER A OG  1 
ATOM   378  N N   . ASN A 1 52  ? 13.593  4.155   -0.155  1.00 14.35 ? 52   ASN A N   1 
ATOM   379  C CA  . ASN A 1 52  ? 13.719  2.682   -0.147  1.00 13.63 ? 52   ASN A CA  1 
ATOM   380  C C   . ASN A 1 52  ? 12.641  2.035   -1.040  1.00 12.47 ? 52   ASN A C   1 
ATOM   381  O O   . ASN A 1 52  ? 12.865  0.962   -1.624  1.00 13.62 ? 52   ASN A O   1 
ATOM   382  C CB  . ASN A 1 52  ? 13.678  2.114   1.285   1.00 15.12 ? 52   ASN A CB  1 
ATOM   383  C CG  . ASN A 1 52  ? 14.939  2.390   2.070   1.00 22.96 ? 52   ASN A CG  1 
ATOM   384  O OD1 . ASN A 1 52  ? 15.978  2.763   1.511   1.00 30.41 ? 52   ASN A OD1 1 
ATOM   385  N ND2 . ASN A 1 52  ? 14.873  2.164   3.362   1.00 27.98 ? 52   ASN A ND2 1 
ATOM   386  N N   . ILE A 1 53  ? 11.468  2.675   -1.135  1.00 11.92 ? 53   ILE A N   1 
ATOM   387  C CA  . ILE A 1 53  ? 10.425  2.150   -2.010  1.00 12.37 ? 53   ILE A CA  1 
ATOM   388  C C   . ILE A 1 53  ? 10.772  2.358   -3.476  1.00 13.10 ? 53   ILE A C   1 
ATOM   389  O O   . ILE A 1 53  ? 10.660  1.442   -4.287  1.00 13.15 ? 53   ILE A O   1 
ATOM   390  C CB  . ILE A 1 53  ? 9.065   2.802   -1.677  1.00 13.19 ? 53   ILE A CB  1 
ATOM   391  C CG1 . ILE A 1 53  ? 8.692   2.523   -0.235  1.00 15.35 ? 53   ILE A CG1 1 
ATOM   392  C CG2 . ILE A 1 53  ? 8.028   2.246   -2.645  1.00 16.29 ? 53   ILE A CG2 1 
ATOM   393  C CD1 . ILE A 1 53  ? 7.504   3.365   0.271   1.00 18.29 ? 53   ILE A CD1 1 
ATOM   394  N N   . LYS A 1 54  ? 11.223  3.559   -3.842  1.00 11.98 ? 54   LYS A N   1 
ATOM   395  C CA  . LYS A 1 54  ? 11.658  3.778   -5.205  1.00 13.51 ? 54   LYS A CA  1 
ATOM   396  C C   . LYS A 1 54  ? 12.771  2.825   -5.633  1.00 12.47 ? 54   LYS A C   1 
ATOM   397  O O   . LYS A 1 54  ? 12.802  2.426   -6.812  1.00 14.03 ? 54   LYS A O   1 
ATOM   398  C CB  . LYS A 1 54  ? 12.153  5.226   -5.364  1.00 14.42 ? 54   LYS A CB  1 
ATOM   399  C CG  . LYS A 1 54  ? 11.018  6.254   -5.240  1.00 18.15 ? 54   LYS A CG  1 
ATOM   400  C CD  . LYS A 1 54  ? 11.517  7.700   -5.091  1.00 21.43 ? 54   LYS A CD  1 
ATOM   401  C CE  . LYS A 1 54  ? 12.038  8.198   -6.386  1.00 25.92 ? 54   LYS A CE  1 
ATOM   402  N NZ  . LYS A 1 54  ? 12.406  9.642   -6.210  0.50 19.51 ? 54   LYS A NZ  1 
ATOM   403  N N   . ALA A 1 55  ? 13.650  2.439   -4.706  1.00 12.51 ? 55   ALA A N   1 
ATOM   404  C CA  . ALA A 1 55  ? 14.775  1.545   -5.052  1.00 11.90 ? 55   ALA A CA  1 
ATOM   405  C C   . ALA A 1 55  ? 14.328  0.147   -5.458  1.00 11.70 ? 55   ALA A C   1 
ATOM   406  O O   . ALA A 1 55  ? 15.113  -0.590  -6.076  1.00 12.10 ? 55   ALA A O   1 
ATOM   407  C CB  . ALA A 1 55  ? 15.752  1.478   -3.895  1.00 13.97 ? 55   ALA A CB  1 
ATOM   408  N N   . ILE A 1 56  ? 13.110  -0.241  -5.130  1.00 11.30 ? 56   ILE A N   1 
ATOM   409  C CA  . ILE A 1 56  ? 12.583  -1.534  -5.613  1.00 10.55 ? 56   ILE A CA  1 
ATOM   410  C C   . ILE A 1 56  ? 12.588  -1.557  -7.143  1.00 11.72 ? 56   ILE A C   1 
ATOM   411  O O   . ILE A 1 56  ? 12.751  -2.607  -7.755  1.00 13.14 ? 56   ILE A O   1 
ATOM   412  C CB  . ILE A 1 56  ? 11.159  -1.793  -5.045  1.00 9.86  ? 56   ILE A CB  1 
ATOM   413  C CG1 . ILE A 1 56  ? 11.219  -1.860  -3.522  1.00 11.17 ? 56   ILE A CG1 1 
ATOM   414  C CG2 . ILE A 1 56  ? 10.560  -3.082  -5.634  1.00 12.52 ? 56   ILE A CG2 1 
ATOM   415  C CD1 . ILE A 1 56  ? 9.772   -1.789  -2.913  1.00 13.11 ? 56   ILE A CD1 1 
ATOM   416  N N   . CYS A 1 57  ? 12.369  -0.390  -7.763  1.00 10.98 ? 57   CYS A N   1 
ATOM   417  C CA  . CYS A 1 57  ? 12.322  -0.323  -9.235  1.00 10.60 ? 57   CYS A CA  1 
ATOM   418  C C   . CYS A 1 57  ? 13.711  -0.454  -9.877  1.00 12.62 ? 57   CYS A C   1 
ATOM   419  O O   . CYS A 1 57  ? 13.815  -0.643  -11.107 1.00 17.27 ? 57   CYS A O   1 
ATOM   420  C CB  . CYS A 1 57  ? 11.696  1.036   -9.675  1.00 11.41 ? 57   CYS A CB  1 
ATOM   421  S SG  . CYS A 1 57  ? 9.985   1.202   -9.131  1.00 13.85 ? 57   CYS A SG  1 
ATOM   422  N N   . GLY A 1 58  ? 14.763  -0.393  -9.054  1.00 11.94 ? 58   GLY A N   1 
ATOM   423  C CA  . GLY A 1 58  ? 16.175  -0.565  -9.498  1.00 13.71 ? 58   GLY A CA  1 
ATOM   424  C C   . GLY A 1 58  ? 16.792  -1.789  -8.845  1.00 13.25 ? 58   GLY A C   1 
ATOM   425  O O   . GLY A 1 58  ? 16.210  -2.877  -8.811  1.00 14.68 ? 58   GLY A O   1 
ATOM   426  N N   . ALA A 1 59  ? 17.953  -1.593  -8.247  1.00 13.55 ? 59   ALA A N   1 
ATOM   427  C CA  . ALA A 1 59  ? 18.753  -2.704  -7.747  1.00 14.32 ? 59   ALA A CA  1 
ATOM   428  C C   . ALA A 1 59  ? 18.218  -3.405  -6.510  1.00 13.02 ? 59   ALA A C   1 
ATOM   429  O O   . ALA A 1 59  ? 18.716  -4.478  -6.143  1.00 13.60 ? 59   ALA A O   1 
ATOM   430  C CB  . ALA A 1 59  ? 20.203  -2.248  -7.508  1.00 16.80 ? 59   ALA A CB  1 
ATOM   431  N N   . ASN A 1 60  ? 17.193  -2.837  -5.868  1.00 11.71 ? 60   ASN A N   1 
ATOM   432  C CA  . ASN A 1 60  ? 16.647  -3.452  -4.662  1.00 11.42 ? 60   ASN A CA  1 
ATOM   433  C C   . ASN A 1 60  ? 15.343  -4.202  -4.934  1.00 11.52 ? 60   ASN A C   1 
ATOM   434  O O   . ASN A 1 60  ? 14.624  -4.561  -4.003  1.00 13.28 ? 60   ASN A O   1 
ATOM   435  C CB  . ASN A 1 60  ? 16.449  -2.421  -3.535  1.00 10.50 ? 60   ASN A CB  1 
ATOM   436  C CG  . ASN A 1 60  ? 17.771  -1.936  -2.932  1.00 15.84 ? 60   ASN A CG  1 
ATOM   437  O OD1 . ASN A 1 60  ? 18.869  -2.374  -3.335  1.00 15.98 ? 60   ASN A OD1 1 
ATOM   438  N ND2 . ASN A 1 60  ? 17.683  -1.028  -1.962  1.00 17.92 ? 60   ASN A ND2 1 
ATOM   439  N N   . GLY A 1 61  ? 15.077  -4.483  -6.206  1.00 10.18 ? 61   GLY A N   1 
ATOM   440  C CA  . GLY A 1 61  ? 13.941  -5.350  -6.587  1.00 11.13 ? 61   GLY A CA  1 
ATOM   441  C C   . GLY A 1 61  ? 14.404  -6.317  -7.666  1.00 11.22 ? 61   GLY A C   1 
ATOM   442  O O   . GLY A 1 61  ? 15.400  -6.116  -8.342  1.00 13.88 ? 61   GLY A O   1 
ATOM   443  N N   . SER A 1 62  ? 13.606  -7.357  -7.869  1.00 12.29 ? 62   SER A N   1 
ATOM   444  C CA  . SER A 1 62  ? 13.893  -8.350  -8.943  1.00 14.34 ? 62   SER A CA  1 
ATOM   445  C C   . SER A 1 62  ? 12.611  -8.543  -9.726  1.00 13.16 ? 62   SER A C   1 
ATOM   446  O O   . SER A 1 62  ? 11.525  -8.478  -9.158  1.00 12.50 ? 62   SER A O   1 
ATOM   447  C CB  . SER A 1 62  ? 14.299  -9.725  -8.383  1.00 16.72 ? 62   SER A CB  1 
ATOM   448  O OG  A SER A 1 62  ? 13.412  -10.241 -7.426  0.50 17.59 ? 62   SER A OG  1 
ATOM   449  O OG  B SER A 1 62  ? 15.360  -9.655  -7.465  0.50 18.22 ? 62   SER A OG  1 
ATOM   450  N N   . PRO A 1 63  ? 12.676  -8.841  -11.005 1.00 12.26 ? 63   PRO A N   1 
ATOM   451  C CA  . PRO A 1 63  ? 11.490  -9.136  -11.797 1.00 12.07 ? 63   PRO A CA  1 
ATOM   452  C C   . PRO A 1 63  ? 10.664  -10.275 -11.211 1.00 12.74 ? 63   PRO A C   1 
ATOM   453  O O   . PRO A 1 63  ? 11.196  -11.288 -10.762 1.00 14.82 ? 63   PRO A O   1 
ATOM   454  C CB  . PRO A 1 63  ? 12.097  -9.543  -13.153 1.00 14.34 ? 63   PRO A CB  1 
ATOM   455  C CG  . PRO A 1 63  ? 13.350  -8.710  -13.201 1.00 16.75 ? 63   PRO A CG  1 
ATOM   456  C CD  . PRO A 1 63  ? 13.925  -8.864  -11.795 1.00 14.78 ? 63   PRO A CD  1 
ATOM   457  N N   . TYR A 1 64  ? 9.347   -10.073 -11.167 1.00 11.89 ? 64   TYR A N   1 
ATOM   458  C CA  . TYR A 1 64  ? 8.426   -11.060 -10.625 1.00 12.35 ? 64   TYR A CA  1 
ATOM   459  C C   . TYR A 1 64  ? 7.287   -11.196 -11.610 1.00 13.36 ? 64   TYR A C   1 
ATOM   460  O O   . TYR A 1 64  ? 6.568   -10.241 -11.953 1.00 13.87 ? 64   TYR A O   1 
ATOM   461  C CB  . TYR A 1 64  ? 7.900   -10.602 -9.236  1.00 13.45 ? 64   TYR A CB  1 
ATOM   462  C CG  . TYR A 1 64  ? 6.904   -11.516 -8.587  1.00 13.68 ? 64   TYR A CG  1 
ATOM   463  C CD1 . TYR A 1 64  ? 7.328   -12.618 -7.861  1.00 15.94 ? 64   TYR A CD1 1 
ATOM   464  C CD2 . TYR A 1 64  ? 5.527   -11.278 -8.689  1.00 14.67 ? 64   TYR A CD2 1 
ATOM   465  C CE1 . TYR A 1 64  ? 6.409   -13.479 -7.255  1.00 17.28 ? 64   TYR A CE1 1 
ATOM   466  C CE2 . TYR A 1 64  ? 4.598   -12.152 -8.092  1.00 14.07 ? 64   TYR A CE2 1 
ATOM   467  C CZ  . TYR A 1 64  ? 5.063   -13.236 -7.381  1.00 15.33 ? 64   TYR A CZ  1 
ATOM   468  O OH  . TYR A 1 64  ? 4.194   -14.105 -6.745  1.00 20.22 ? 64   TYR A OH  1 
ATOM   469  N N   . ARG A 1 65  ? 7.152   -12.417 -12.104 1.00 13.15 ? 65   ARG A N   1 
ATOM   470  C CA  . ARG A 1 65  ? 6.225   -12.688 -13.209 1.00 15.21 ? 65   ARG A CA  1 
ATOM   471  C C   . ARG A 1 65  ? 6.469   -11.773 -14.409 1.00 14.70 ? 65   ARG A C   1 
ATOM   472  O O   . ARG A 1 65  ? 7.611   -11.377 -14.657 1.00 15.72 ? 65   ARG A O   1 
ATOM   473  C CB  . ARG A 1 65  ? 4.800   -12.733 -12.717 1.00 16.38 ? 65   ARG A CB  1 
ATOM   474  C CG  . ARG A 1 65  ? 4.714   -13.823 -11.676 1.00 18.25 ? 65   ARG A CG  1 
ATOM   475  C CD  . ARG A 1 65  ? 3.345   -14.106 -11.245 1.00 21.22 ? 65   ARG A CD  1 
ATOM   476  N NE  . ARG A 1 65  ? 3.358   -15.241 -10.344 0.50 12.73 ? 65   ARG A NE  1 
ATOM   477  C CZ  . ARG A 1 65  ? 2.273   -15.938 -10.034 0.50 19.54 ? 65   ARG A CZ  1 
ATOM   478  N NH1 . ARG A 1 65  ? 1.108   -15.596 -10.560 0.50 19.76 ? 65   ARG A NH1 1 
ATOM   479  N NH2 . ARG A 1 65  ? 2.356   -16.966 -9.202  0.50 19.52 ? 65   ARG A NH2 1 
ATOM   480  N N   . GLU A 1 66  ? 5.446   -11.455 -15.182 1.00 14.24 ? 66   GLU A N   1 
ATOM   481  C CA  . GLU A 1 66  ? 5.681   -10.801 -16.468 1.00 14.23 ? 66   GLU A CA  1 
ATOM   482  C C   . GLU A 1 66  ? 6.021   -9.315  -16.330 1.00 16.65 ? 66   GLU A C   1 
ATOM   483  O O   . GLU A 1 66  ? 6.837   -8.772  -17.087 1.00 20.02 ? 66   GLU A O   1 
ATOM   484  C CB  . GLU A 1 66  ? 4.493   -10.986 -17.437 1.00 16.13 ? 66   GLU A CB  1 
ATOM   485  C CG  . GLU A 1 66  ? 4.173   -12.460 -17.705 1.00 14.95 ? 66   GLU A CG  1 
ATOM   486  C CD  . GLU A 1 66  ? 3.122   -13.033 -16.771 1.00 14.60 ? 66   GLU A CD  1 
ATOM   487  O OE1 . GLU A 1 66  ? 2.883   -12.536 -15.635 1.00 15.33 ? 66   GLU A OE1 1 
ATOM   488  O OE2 . GLU A 1 66  ? 2.497   -14.024 -17.131 1.00 14.56 ? 66   GLU A OE2 1 
ATOM   489  N N   . ASN A 1 67  ? 5.362   -8.623  -15.404 1.00 16.38 ? 67   ASN A N   1 
ATOM   490  C CA  . ASN A 1 67  ? 5.505   -7.170  -15.397 1.00 17.79 ? 67   ASN A CA  1 
ATOM   491  C C   . ASN A 1 67  ? 5.586   -6.544  -14.021 1.00 15.73 ? 67   ASN A C   1 
ATOM   492  O O   . ASN A 1 67  ? 5.439   -5.307  -13.899 1.00 18.76 ? 67   ASN A O   1 
ATOM   493  C CB  . ASN A 1 67  ? 4.344   -6.566  -16.169 1.00 20.79 ? 67   ASN A CB  1 
ATOM   494  C CG  . ASN A 1 67  ? 3.029   -6.819  -15.492 1.00 22.74 ? 67   ASN A CG  1 
ATOM   495  N N   . LEU A 1 68  ? 5.831   -7.359  -13.009 1.00 11.90 ? 68   LEU A N   1 
ATOM   496  C CA  . LEU A 1 68  ? 5.923   -6.857  -11.620 1.00 11.11 ? 68   LEU A CA  1 
ATOM   497  C C   . LEU A 1 68  ? 7.344   -6.977  -11.087 1.00 11.71 ? 68   LEU A C   1 
ATOM   498  O O   . LEU A 1 68  ? 8.271   -7.462  -11.756 1.00 12.14 ? 68   LEU A O   1 
ATOM   499  C CB  . LEU A 1 68  ? 4.930   -7.639  -10.723 1.00 12.83 ? 68   LEU A CB  1 
ATOM   500  C CG  . LEU A 1 68  ? 3.445   -7.584  -11.109 1.00 14.58 ? 68   LEU A CG  1 
ATOM   501  C CD1 . LEU A 1 68  ? 2.619   -8.652  -10.407 1.00 18.23 ? 68   LEU A CD1 1 
ATOM   502  C CD2 . LEU A 1 68  ? 2.859   -6.218  -10.734 1.00 19.68 ? 68   LEU A CD2 1 
ATOM   503  N N   . ARG A 1 69  ? 7.552   -6.494  -9.850  1.00 11.61 ? 69   ARG A N   1 
ATOM   504  C CA  . ARG A 1 69  ? 8.841   -6.480  -9.215  1.00 11.78 ? 69   ARG A CA  1 
ATOM   505  C C   . ARG A 1 69  ? 8.679   -6.803  -7.754  1.00 10.41 ? 69   ARG A C   1 
ATOM   506  O O   . ARG A 1 69  ? 7.840   -6.218  -7.096  1.00 12.07 ? 69   ARG A O   1 
ATOM   507  C CB  . ARG A 1 69  ? 9.431   -5.075  -9.321  1.00 15.18 ? 69   ARG A CB  1 
ATOM   508  C CG  . ARG A 1 69  ? 10.856  -5.094  -9.529  1.00 23.09 ? 69   ARG A CG  1 
ATOM   509  C CD  . ARG A 1 69  ? 11.312  -3.964  -10.444 1.00 22.41 ? 69   ARG A CD  1 
ATOM   510  N NE  . ARG A 1 69  ? 12.726  -3.878  -10.328 1.00 21.73 ? 69   ARG A NE  1 
ATOM   511  C CZ  . ARG A 1 69  ? 13.568  -4.348  -11.213 1.00 19.47 ? 69   ARG A CZ  1 
ATOM   512  N NH1 . ARG A 1 69  ? 13.117  -4.926  -12.319 1.00 18.85 ? 69   ARG A NH1 1 
ATOM   513  N NH2 . ARG A 1 69  ? 14.865  -4.208  -11.018 1.00 21.12 ? 69   ARG A NH2 1 
ATOM   514  N N   . MET A 1 70  ? 9.528   -7.660  -7.217  1.00 10.54 ? 70   MET A N   1 
ATOM   515  C CA  . MET A 1 70  ? 9.511   -8.052  -5.830  1.00 10.90 ? 70   MET A CA  1 
ATOM   516  C C   . MET A 1 70  ? 10.668  -7.399  -5.089  1.00 11.73 ? 70   MET A C   1 
ATOM   517  O O   . MET A 1 70  ? 11.817  -7.464  -5.545  1.00 11.35 ? 70   MET A O   1 
ATOM   518  C CB  . MET A 1 70  ? 9.582   -9.589  -5.743  1.00 13.16 ? 70   MET A CB  1 
ATOM   519  C CG  A MET A 1 70  ? 9.466   -9.997  -4.299  0.67 11.22 ? 70   MET A CG  1 
ATOM   520  C CG  B MET A 1 70  ? 10.251  -10.090 -4.560  0.33 13.25 ? 70   MET A CG  1 
ATOM   521  S SD  A MET A 1 70  ? 9.443   -11.782 -4.017  0.67 19.63 ? 70   MET A SD  1 
ATOM   522  S SD  B MET A 1 70  ? 8.921   -10.259 -3.439  0.33 18.82 ? 70   MET A SD  1 
ATOM   523  C CE  A MET A 1 70  ? 7.786   -12.193 -4.374  0.67 23.72 ? 70   MET A CE  1 
ATOM   524  C CE  B MET A 1 70  ? 9.480   -11.788 -2.749  0.33 13.54 ? 70   MET A CE  1 
ATOM   525  N N   . SER A 1 71  ? 10.409  -6.881  -3.886  1.00 10.17 ? 71   SER A N   1 
ATOM   526  C CA  . SER A 1 71  ? 11.485  -6.300  -3.097  1.00 10.33 ? 71   SER A CA  1 
ATOM   527  C C   . SER A 1 71  ? 12.471  -7.370  -2.619  1.00 10.96 ? 71   SER A C   1 
ATOM   528  O O   . SER A 1 71  ? 12.074  -8.480  -2.275  1.00 13.19 ? 71   SER A O   1 
ATOM   529  C CB  . SER A 1 71  ? 10.878  -5.520  -1.909  1.00 10.74 ? 71   SER A CB  1 
ATOM   530  O OG  . SER A 1 71  ? 10.289  -6.389  -0.940  1.00 10.91 ? 71   SER A OG  1 
ATOM   531  N N   . LYS A 1 72  ? 13.751  -6.972  -2.578  1.00 11.26 ? 72   LYS A N   1 
ATOM   532  C CA  . LYS A 1 72  ? 14.767  -7.902  -2.055  1.00 12.47 ? 72   LYS A CA  1 
ATOM   533  C C   . LYS A 1 72  ? 14.771  -7.945  -0.543  1.00 15.98 ? 72   LYS A C   1 
ATOM   534  O O   . LYS A 1 72  ? 15.171  -8.962  0.040   1.00 19.84 ? 72   LYS A O   1 
ATOM   535  C CB  . LYS A 1 72  ? 16.146  -7.527  -2.626  1.00 13.18 ? 72   LYS A CB  1 
ATOM   536  C CG  . LYS A 1 72  ? 16.252  -7.863  -4.120  1.00 13.83 ? 72   LYS A CG  1 
ATOM   537  C CD  . LYS A 1 72  ? 17.634  -7.499  -4.671  1.00 12.98 ? 72   LYS A CD  1 
ATOM   538  C CE  . LYS A 1 72  ? 17.609  -7.738  -6.162  1.00 14.84 ? 72   LYS A CE  1 
ATOM   539  N NZ  . LYS A 1 72  ? 18.894  -7.277  -6.810  1.00 15.80 ? 72   LYS A NZ  1 
ATOM   540  N N   . SER A 1 73  ? 14.301  -6.900  0.124   1.00 15.17 ? 73   SER A N   1 
ATOM   541  C CA  . SER A 1 73  ? 14.191  -6.991  1.573   1.00 17.22 ? 73   SER A CA  1 
ATOM   542  C C   . SER A 1 73  ? 12.771  -6.702  2.020   1.00 14.87 ? 73   SER A C   1 
ATOM   543  O O   . SER A 1 73  ? 11.947  -6.217  1.235   1.00 13.50 ? 73   SER A O   1 
ATOM   544  C CB  . SER A 1 73  ? 15.114  -5.992  2.206   1.00 20.83 ? 73   SER A CB  1 
ATOM   545  O OG  . SER A 1 73  ? 14.660  -4.698  1.922   1.00 28.39 ? 73   SER A OG  1 
ATOM   546  N N   . PRO A 1 74  ? 12.460  -7.053  3.250   1.00 12.83 ? 74   PRO A N   1 
ATOM   547  C CA  . PRO A 1 74  ? 11.127  -6.802  3.762   1.00 12.39 ? 74   PRO A CA  1 
ATOM   548  C C   . PRO A 1 74  ? 10.933  -5.336  4.137   1.00 11.64 ? 74   PRO A C   1 
ATOM   549  O O   . PRO A 1 74  ? 11.882  -4.585  4.325   1.00 12.31 ? 74   PRO A O   1 
ATOM   550  C CB  . PRO A 1 74  ? 11.053  -7.680  5.011   1.00 14.19 ? 74   PRO A CB  1 
ATOM   551  C CG  . PRO A 1 74  ? 12.269  -8.591  4.914   1.00 16.80 ? 74   PRO A CG  1 
ATOM   552  C CD  . PRO A 1 74  ? 13.305  -7.823  4.208   1.00 14.43 ? 74   PRO A CD  1 
ATOM   553  N N   . PHE A 1 75  ? 9.644   -4.964  4.224   1.00 10.52 ? 75   PHE A N   1 
ATOM   554  C CA  . PHE A 1 75  ? 9.212   -3.626  4.677   1.00 10.03 ? 75   PHE A CA  1 
ATOM   555  C C   . PHE A 1 75  ? 8.189   -3.752  5.764   1.00 10.19 ? 75   PHE A C   1 
ATOM   556  O O   . PHE A 1 75  ? 7.418   -4.723  5.783   1.00 10.30 ? 75   PHE A O   1 
ATOM   557  C CB  . PHE A 1 75  ? 8.531   -2.890  3.494   1.00 12.14 ? 75   PHE A CB  1 
ATOM   558  C CG  . PHE A 1 75  ? 9.498   -2.363  2.469   1.00 8.90  ? 75   PHE A CG  1 
ATOM   559  C CD1 . PHE A 1 75  ? 10.092  -3.217  1.555   1.00 12.08 ? 75   PHE A CD1 1 
ATOM   560  C CD2 . PHE A 1 75  ? 9.805   -1.009  2.409   1.00 10.94 ? 75   PHE A CD2 1 
ATOM   561  C CE1 . PHE A 1 75  ? 11.023  -2.734  0.615   1.00 12.52 ? 75   PHE A CE1 1 
ATOM   562  C CE2 . PHE A 1 75  ? 10.712  -0.506  1.441   1.00 13.44 ? 75   PHE A CE2 1 
ATOM   563  C CZ  . PHE A 1 75  ? 11.332  -1.388  0.550   1.00 13.44 ? 75   PHE A CZ  1 
ATOM   564  N N   . GLN A 1 76  ? 8.151   -2.762  6.650   1.00 10.94 ? 76   GLN A N   1 
ATOM   565  C CA  . GLN A 1 76  ? 7.006   -2.656  7.559   1.00 10.73 ? 76   GLN A CA  1 
ATOM   566  C C   . GLN A 1 76  ? 5.784   -2.209  6.740   1.00 10.30 ? 76   GLN A C   1 
ATOM   567  O O   . GLN A 1 76  ? 5.848   -1.181  6.009   1.00 11.77 ? 76   GLN A O   1 
ATOM   568  C CB  . GLN A 1 76  ? 7.314   -1.647  8.685   1.00 12.33 ? 76   GLN A CB  1 
ATOM   569  C CG  . GLN A 1 76  ? 8.427   -2.107  9.653   1.00 14.34 ? 76   GLN A CG  1 
ATOM   570  C CD  . GLN A 1 76  ? 8.018   -3.219  10.605  1.00 15.34 ? 76   GLN A CD  1 
ATOM   571  O OE1 . GLN A 1 76  ? 6.846   -3.552  10.760  1.00 16.80 ? 76   GLN A OE1 1 
ATOM   572  N NE2 . GLN A 1 76  ? 9.024   -3.820  11.246  1.00 19.01 ? 76   GLN A NE2 1 
ATOM   573  N N   . VAL A 1 77  ? 4.701   -2.972  6.833   1.00 10.02 ? 77   VAL A N   1 
ATOM   574  C CA  . VAL A 1 77  ? 3.443   -2.693  6.124   1.00 9.55  ? 77   VAL A CA  1 
ATOM   575  C C   . VAL A 1 77  ? 2.244   -2.830  7.016   1.00 10.28 ? 77   VAL A C   1 
ATOM   576  O O   . VAL A 1 77  ? 2.290   -3.562  8.060   1.00 10.99 ? 77   VAL A O   1 
ATOM   577  C CB  . VAL A 1 77  ? 3.219   -3.560  4.901   1.00 10.06 ? 77   VAL A CB  1 
ATOM   578  C CG1 . VAL A 1 77  ? 4.349   -3.372  3.860   1.00 13.66 ? 77   VAL A CG1 1 
ATOM   579  C CG2 . VAL A 1 77  ? 3.154   -5.041  5.257   1.00 15.09 ? 77   VAL A CG2 1 
ATOM   580  N N   . THR A 1 78  ? 1.181   -2.120  6.665   1.00 9.88  ? 78   THR A N   1 
ATOM   581  C CA  . THR A 1 78  ? -0.148  -2.366  7.274   1.00 9.99  ? 78   THR A CA  1 
ATOM   582  C C   . THR A 1 78  ? -1.183  -2.505  6.193   1.00 11.06 ? 78   THR A C   1 
ATOM   583  O O   . THR A 1 78  ? -1.428  -1.538  5.437   1.00 11.32 ? 78   THR A O   1 
ATOM   584  C CB  . THR A 1 78  ? -0.521  -1.199  8.208   1.00 10.04 ? 78   THR A CB  1 
ATOM   585  O OG1 . THR A 1 78  ? 0.530   -0.994  9.160   1.00 12.11 ? 78   THR A OG1 1 
ATOM   586  C CG2 . THR A 1 78  ? -1.766  -1.581  9.060   1.00 12.56 ? 78   THR A CG2 1 
ATOM   587  N N   . THR A 1 79  ? -1.810  -3.663  6.109   1.00 11.32 ? 79   THR A N   1 
ATOM   588  C CA  . THR A 1 79  ? -2.866  -3.892  5.144   1.00 10.83 ? 79   THR A CA  1 
ATOM   589  C C   . THR A 1 79  ? -4.231  -3.632  5.771   1.00 13.40 ? 79   THR A C   1 
ATOM   590  O O   . THR A 1 79  ? -4.514  -4.165  6.836   1.00 13.85 ? 79   THR A O   1 
ATOM   591  C CB  . THR A 1 79  ? -2.806  -5.336  4.597   1.00 13.27 ? 79   THR A CB  1 
ATOM   592  O OG1 . THR A 1 79  ? -1.549  -5.515  3.920   1.00 14.04 ? 79   THR A OG1 1 
ATOM   593  C CG2 . THR A 1 79  ? -3.912  -5.626  3.558   1.00 14.01 ? 79   THR A CG2 1 
ATOM   594  N N   . CYS A 1 80  ? -5.077  -2.855  5.092   1.00 10.15 ? 80   CYS A N   1 
ATOM   595  C CA  . CYS A 1 80  ? -6.426  -2.519  5.607   1.00 11.01 ? 80   CYS A CA  1 
ATOM   596  C C   . CYS A 1 80  ? -7.463  -3.236  4.758   1.00 12.21 ? 80   CYS A C   1 
ATOM   597  O O   . CYS A 1 80  ? -7.471  -3.085  3.522   1.00 13.86 ? 80   CYS A O   1 
ATOM   598  C CB  . CYS A 1 80  ? -6.629  -0.999  5.527   1.00 10.91 ? 80   CYS A CB  1 
ATOM   599  S SG  . CYS A 1 80  ? -5.408  -0.077  6.511   1.00 12.95 ? 80   CYS A SG  1 
ATOM   600  N N   . LYS A 1 81  ? -8.320  -4.053  5.372   1.00 13.17 ? 81   LYS A N   1 
ATOM   601  C CA  . LYS A 1 81  ? -9.304  -4.856  4.638   1.00 15.75 ? 81   LYS A CA  1 
ATOM   602  C C   . LYS A 1 81  ? -10.714 -4.460  5.084   1.00 15.81 ? 81   LYS A C   1 
ATOM   603  O O   . LYS A 1 81  ? -11.017 -4.396  6.275   1.00 16.21 ? 81   LYS A O   1 
ATOM   604  C CB  . LYS A 1 81  ? -9.084  -6.347  4.946   1.00 16.71 ? 81   LYS A CB  1 
ATOM   605  N N   . HIS A 1 82  ? -11.546 -4.084  4.115   1.00 17.20 ? 82   HIS A N   1 
ATOM   606  C CA  . HIS A 1 82  ? -12.912 -3.644  4.385   1.00 19.93 ? 82   HIS A CA  1 
ATOM   607  C C   . HIS A 1 82  ? -13.752 -4.796  4.900   1.00 23.64 ? 82   HIS A C   1 
ATOM   608  O O   . HIS A 1 82  ? -13.670 -5.904  4.369   1.00 23.88 ? 82   HIS A O   1 
ATOM   609  C CB  . HIS A 1 82  ? -13.529 -3.089  3.098   1.00 20.11 ? 82   HIS A CB  1 
ATOM   610  C CG  . HIS A 1 82  ? -14.903 -2.544  3.280   1.00 21.21 ? 82   HIS A CG  1 
ATOM   611  N ND1 . HIS A 1 82  ? -15.909 -2.757  2.360   1.00 28.41 ? 82   HIS A ND1 1 
ATOM   612  C CD2 . HIS A 1 82  ? -15.454 -1.822  4.281   1.00 22.60 ? 82   HIS A CD2 1 
ATOM   613  C CE1 . HIS A 1 82  ? -17.021 -2.188  2.791   1.00 25.22 ? 82   HIS A CE1 1 
ATOM   614  N NE2 . HIS A 1 82  ? -16.775 -1.608  3.950   1.00 28.05 ? 82   HIS A NE2 1 
ATOM   615  N N   . THR A 1 83  ? -14.531 -4.504  5.940   1.00 25.36 ? 83   THR A N   1 
ATOM   616  C CA  . THR A 1 83  ? -15.491 -5.464  6.525   1.00 30.54 ? 83   THR A CA  1 
ATOM   617  C C   . THR A 1 83  ? -16.883 -4.853  6.522   1.00 33.51 ? 83   THR A C   1 
ATOM   618  O O   . THR A 1 83  ? -17.033 -3.634  6.564   1.00 33.74 ? 83   THR A O   1 
ATOM   619  C CB  . THR A 1 83  ? -15.103 -5.821  7.979   1.00 30.59 ? 83   THR A CB  1 
ATOM   620  O OG1 . THR A 1 83  ? -15.053 -4.632  8.786   1.00 33.67 ? 83   THR A OG1 1 
ATOM   621  C CG2 . THR A 1 83  ? -13.704 -6.363  8.049   1.00 32.28 ? 83   THR A CG2 1 
ATOM   622  N N   . GLY A 1 84  ? -17.901 -5.708  6.525   1.00 36.95 ? 84   GLY A N   1 
ATOM   623  C CA  . GLY A 1 84  ? -19.290 -5.251  6.505   1.00 39.59 ? 84   GLY A CA  1 
ATOM   624  C C   . GLY A 1 84  ? -19.852 -5.272  5.095   1.00 42.04 ? 84   GLY A C   1 
ATOM   625  O O   . GLY A 1 84  ? -21.066 -5.386  4.906   1.00 43.28 ? 84   GLY A O   1 
ATOM   626  N N   . GLY A 1 85  ? -18.969 -5.132  4.104   1.00 43.54 ? 85   GLY A N   1 
ATOM   627  C CA  . GLY A 1 85  ? -19.318 -5.338  2.696   1.00 45.46 ? 85   GLY A CA  1 
ATOM   628  C C   . GLY A 1 85  ? -20.124 -4.248  2.004   1.00 46.08 ? 85   GLY A C   1 
ATOM   629  O O   . GLY A 1 85  ? -20.385 -4.338  0.797   1.00 47.80 ? 85   GLY A O   1 
ATOM   630  N N   . SER A 1 86  ? -20.532 -3.225  2.752   1.00 45.82 ? 86   SER A N   1 
ATOM   631  C CA  . SER A 1 86  ? -21.239 -2.088  2.162   1.00 44.11 ? 86   SER A CA  1 
ATOM   632  C C   . SER A 1 86  ? -20.263 -1.173  1.431   1.00 42.45 ? 86   SER A C   1 
ATOM   633  O O   . SER A 1 86  ? -19.272 -0.750  2.016   1.00 43.71 ? 86   SER A O   1 
ATOM   634  C CB  . SER A 1 86  ? -21.966 -1.294  3.244   1.00 44.88 ? 86   SER A CB  1 
ATOM   635  N N   . PRO A 1 87  ? -20.522 -0.868  0.160   1.00 39.98 ? 87   PRO A N   1 
ATOM   636  C CA  . PRO A 1 87  ? -19.709 0.122   -0.557  1.00 37.51 ? 87   PRO A CA  1 
ATOM   637  C C   . PRO A 1 87  ? -19.839 1.542   0.003   1.00 34.00 ? 87   PRO A C   1 
ATOM   638  O O   . PRO A 1 87  ? -19.019 2.390   -0.306  1.00 32.94 ? 87   PRO A O   1 
ATOM   639  C CB  . PRO A 1 87  ? -20.259 0.065   -1.995  1.00 38.65 ? 87   PRO A CB  1 
ATOM   640  C CG  . PRO A 1 87  ? -20.988 -1.248  -2.069  1.00 39.98 ? 87   PRO A CG  1 
ATOM   641  C CD  . PRO A 1 87  ? -21.571 -1.448  -0.702  1.00 40.36 ? 87   PRO A CD  1 
ATOM   642  N N   . ARG A 1 88  ? -20.863 1.798   0.811   1.00 30.75 ? 88   ARG A N   1 
ATOM   643  C CA  . ARG A 1 88  ? -21.138 3.144   1.311   1.00 29.12 ? 88   ARG A CA  1 
ATOM   644  C C   . ARG A 1 88  ? -20.518 3.407   2.689   1.00 26.60 ? 88   ARG A C   1 
ATOM   645  O O   . ARG A 1 88  ? -20.574 2.552   3.568   1.00 26.96 ? 88   ARG A O   1 
ATOM   646  C CB  . ARG A 1 88  ? -22.653 3.379   1.377   1.00 29.87 ? 88   ARG A CB  1 
ATOM   647  C CG  . ARG A 1 88  ? -23.379 3.312   0.033   1.00 32.51 ? 88   ARG A CG  1 
ATOM   648  N NH1 . ARG A 1 88  ? -20.559 4.183   -2.344  1.00 41.76 ? 88   ARG A NH1 1 
ATOM   649  N NH2 . ARG A 1 88  ? -21.628 3.119   -4.078  1.00 40.57 ? 88   ARG A NH2 1 
ATOM   650  N N   . PRO A 1 89  ? -19.937 4.591   2.893   1.00 24.09 ? 89   PRO A N   1 
ATOM   651  C CA  . PRO A 1 89  ? -19.361 4.926   4.194   1.00 21.74 ? 89   PRO A CA  1 
ATOM   652  C C   . PRO A 1 89  ? -20.439 5.152   5.286   1.00 22.21 ? 89   PRO A C   1 
ATOM   653  O O   . PRO A 1 89  ? -21.644 5.368   4.943   1.00 22.80 ? 89   PRO A O   1 
ATOM   654  C CB  . PRO A 1 89  ? -18.564 6.200   3.910   1.00 22.62 ? 89   PRO A CB  1 
ATOM   655  C CG  . PRO A 1 89  ? -19.217 6.794   2.712   1.00 23.20 ? 89   PRO A CG  1 
ATOM   656  C CD  . PRO A 1 89  ? -19.734 5.650   1.883   1.00 23.18 ? 89   PRO A CD  1 
ATOM   657  N N   . PRO A 1 90  ? -20.064 5.123   6.571   1.00 21.82 ? 90   PRO A N   1 
ATOM   658  C CA  . PRO A 1 90  ? -18.692 4.893   7.069   1.00 22.84 ? 90   PRO A CA  1 
ATOM   659  C C   . PRO A 1 90  ? -18.125 3.508   6.736   1.00 21.05 ? 90   PRO A C   1 
ATOM   660  O O   . PRO A 1 90  ? -18.834 2.492   6.731   1.00 23.24 ? 90   PRO A O   1 
ATOM   661  C CB  . PRO A 1 90  ? -18.828 5.026   8.593   1.00 24.77 ? 90   PRO A CB  1 
ATOM   662  C CG  . PRO A 1 90  ? -20.112 5.760   8.836   1.00 25.89 ? 90   PRO A CG  1 
ATOM   663  C CD  . PRO A 1 90  ? -21.010 5.400   7.685   1.00 21.37 ? 90   PRO A CD  1 
ATOM   664  N N   . CYS A 1 91  ? -16.828 3.491   6.436   1.00 19.03 ? 91   CYS A N   1 
ATOM   665  C CA  . CYS A 1 91  ? -16.130 2.275   6.034   1.00 19.40 ? 91   CYS A CA  1 
ATOM   666  C C   . CYS A 1 91  ? -15.347 1.707   7.199   1.00 20.62 ? 91   CYS A C   1 
ATOM   667  O O   . CYS A 1 91  ? -14.427 2.354   7.714   1.00 22.57 ? 91   CYS A O   1 
ATOM   668  C CB  . CYS A 1 91  ? -15.166 2.616   4.893   1.00 19.00 ? 91   CYS A CB  1 
ATOM   669  S SG  . CYS A 1 91  ? -15.911 3.400   3.466   1.00 18.56 ? 91   CYS A SG  1 
ATOM   670  N N   . GLN A 1 92  ? -15.703 0.496   7.607   1.00 21.02 ? 92   GLN A N   1 
ATOM   671  C CA  . GLN A 1 92  ? -14.974 -0.188  8.656   1.00 20.47 ? 92   GLN A CA  1 
ATOM   672  C C   . GLN A 1 92  ? -13.874 -1.072  8.076   1.00 18.63 ? 92   GLN A C   1 
ATOM   673  O O   . GLN A 1 92  ? -14.033 -1.636  7.011   1.00 18.70 ? 92   GLN A O   1 
ATOM   674  C CB  . GLN A 1 92  ? -15.938 -0.999  9.513   1.00 23.05 ? 92   GLN A CB  1 
ATOM   675  C CG  . GLN A 1 92  ? -16.981 -0.096  10.203  1.00 26.34 ? 92   GLN A CG  1 
ATOM   676  N N   . TYR A 1 93  ? -12.754 -1.139  8.793   1.00 17.00 ? 93   TYR A N   1 
ATOM   677  C CA  . TYR A 1 93  ? -11.571 -1.867  8.313   1.00 15.87 ? 93   TYR A CA  1 
ATOM   678  C C   . TYR A 1 93  ? -10.967 -2.685  9.415   1.00 15.56 ? 93   TYR A C   1 
ATOM   679  O O   . TYR A 1 93  ? -11.019 -2.290  10.580  1.00 18.63 ? 93   TYR A O   1 
ATOM   680  C CB  . TYR A 1 93  ? -10.483 -0.870  7.805   1.00 14.91 ? 93   TYR A CB  1 
ATOM   681  C CG  . TYR A 1 93  ? -10.862 -0.304  6.439   1.00 14.16 ? 93   TYR A CG  1 
ATOM   682  C CD1 . TYR A 1 93  ? -10.589 -0.998  5.275   1.00 12.92 ? 93   TYR A CD1 1 
ATOM   683  C CD2 . TYR A 1 93  ? -11.522 0.904   6.342   1.00 14.46 ? 93   TYR A CD2 1 
ATOM   684  C CE1 . TYR A 1 93  ? -10.972 -0.506  4.025   1.00 13.80 ? 93   TYR A CE1 1 
ATOM   685  C CE2 . TYR A 1 93  ? -11.930 1.405   5.117   1.00 14.36 ? 93   TYR A CE2 1 
ATOM   686  C CZ  . TYR A 1 93  ? -11.667 0.704   3.958   1.00 13.68 ? 93   TYR A CZ  1 
ATOM   687  O OH  . TYR A 1 93  ? -12.078 1.148   2.729   1.00 15.33 ? 93   TYR A OH  1 
ATOM   688  N N   . ARG A 1 94  ? -10.418 -3.830  9.023   1.00 16.10 ? 94   ARG A N   1 
ATOM   689  C CA  . ARG A 1 94  ? -9.562  -4.658  9.894   1.00 17.73 ? 94   ARG A CA  1 
ATOM   690  C C   . ARG A 1 94  ? -8.106  -4.598  9.389   1.00 15.95 ? 94   ARG A C   1 
ATOM   691  O O   . ARG A 1 94  ? -7.873  -4.696  8.149   1.00 16.59 ? 94   ARG A O   1 
ATOM   692  C CB  . ARG A 1 94  ? -10.054 -6.105  9.880   1.00 19.54 ? 94   ARG A CB  1 
ATOM   693  C CG  . ARG A 1 94  ? -11.360 -6.271  10.702  1.00 26.09 ? 94   ARG A CG  1 
ATOM   694  C CD  . ARG A 1 94  ? -11.816 -7.709  10.852  1.00 26.19 ? 94   ARG A CD  1 
ATOM   695  N NE  . ARG A 1 94  ? -13.150 -7.802  11.465  1.00 32.13 ? 94   ARG A NE  1 
ATOM   696  N N   . ALA A 1 95  ? -7.158  -4.387  10.303  1.00 14.20 ? 95   ALA A N   1 
ATOM   697  C CA  . ALA A 1 95  ? -5.722  -4.226  9.983   1.00 14.11 ? 95   ALA A CA  1 
ATOM   698  C C   . ALA A 1 95  ? -4.976  -5.546  10.065  1.00 16.07 ? 95   ALA A C   1 
ATOM   699  O O   . ALA A 1 95  ? -5.286  -6.409  10.928  1.00 15.64 ? 95   ALA A O   1 
ATOM   700  C CB  . ALA A 1 95  ? -5.112  -3.262  10.922  1.00 14.92 ? 95   ALA A CB  1 
ATOM   701  N N   . SER A 1 96  ? -3.968  -5.717  9.199   1.00 14.80 ? 96   SER A N   1 
ATOM   702  C CA  . SER A 1 96  ? -3.011  -6.793  9.325   1.00 14.59 ? 96   SER A CA  1 
ATOM   703  C C   . SER A 1 96  ? -1.625  -6.182  9.105   1.00 12.38 ? 96   SER A C   1 
ATOM   704  O O   . SER A 1 96  ? -1.258  -5.836  7.921   1.00 13.54 ? 96   SER A O   1 
ATOM   705  C CB  . SER A 1 96  ? -3.257  -7.879  8.292   1.00 16.00 ? 96   SER A CB  1 
ATOM   706  O OG  A SER A 1 96  ? -2.221  -8.841  8.413   0.50 16.46 ? 96   SER A OG  1 
ATOM   707  O OG  B SER A 1 96  ? -4.557  -8.427  8.427   0.50 21.07 ? 96   SER A OG  1 
ATOM   708  N N   . ALA A 1 97  ? -0.852  -6.018  10.183  1.00 12.80 ? 97   ALA A N   1 
ATOM   709  C CA  . ALA A 1 97  ? 0.479   -5.402  10.117  1.00 12.22 ? 97   ALA A CA  1 
ATOM   710  C C   . ALA A 1 97  ? 1.513   -6.497  10.075  1.00 15.27 ? 97   ALA A C   1 
ATOM   711  O O   . ALA A 1 97  ? 1.339   -7.566  10.702  1.00 19.34 ? 97   ALA A O   1 
ATOM   712  C CB  . ALA A 1 97  ? 0.728   -4.485  11.323  1.00 16.63 ? 97   ALA A CB  1 
ATOM   713  N N   . GLY A 1 98  ? 2.613   -6.253  9.375   1.00 12.85 ? 98   GLY A N   1 
ATOM   714  C CA  . GLY A 1 98  ? 3.707   -7.216  9.353   1.00 13.34 ? 98   GLY A CA  1 
ATOM   715  C C   . GLY A 1 98  ? 4.968   -6.654  8.741   1.00 12.66 ? 98   GLY A C   1 
ATOM   716  O O   . GLY A 1 98  ? 5.051   -5.447  8.397   1.00 13.10 ? 98   GLY A O   1 
ATOM   717  N N   . PHE A 1 99  ? 6.006   -7.496  8.660   1.00 13.59 ? 99   PHE A N   1 
ATOM   718  C CA  . PHE A 1 99  ? 7.297   -7.127  8.081   1.00 12.07 ? 99   PHE A CA  1 
ATOM   719  C C   . PHE A 1 99  ? 7.478   -8.131  6.960   1.00 13.33 ? 99   PHE A C   1 
ATOM   720  O O   . PHE A 1 99  ? 7.831   -9.287  7.194   1.00 15.05 ? 99   PHE A O   1 
ATOM   721  C CB  . PHE A 1 99  ? 8.389   -7.276  9.157   1.00 13.47 ? 99   PHE A CB  1 
ATOM   722  C CG  . PHE A 1 99  ? 9.753   -6.818  8.728   1.00 12.73 ? 99   PHE A CG  1 
ATOM   723  C CD1 . PHE A 1 99  ? 9.987   -5.490  8.340   1.00 13.21 ? 99   PHE A CD1 1 
ATOM   724  C CD2 . PHE A 1 99  ? 10.833  -7.710  8.778   1.00 14.33 ? 99   PHE A CD2 1 
ATOM   725  C CE1 . PHE A 1 99  ? 11.273  -5.067  7.993   1.00 15.42 ? 99   PHE A CE1 1 
ATOM   726  C CE2 . PHE A 1 99  ? 12.108  -7.277  8.404   1.00 14.51 ? 99   PHE A CE2 1 
ATOM   727  C CZ  . PHE A 1 99  ? 12.322  -5.983  8.036   1.00 17.26 ? 99   PHE A CZ  1 
ATOM   728  N N   . ARG A 1 100 ? 7.219   -7.677  5.726   1.00 11.77 ? 100  ARG A N   1 
ATOM   729  C CA  . ARG A 1 100 ? 6.950   -8.548  4.577   1.00 13.90 ? 100  ARG A CA  1 
ATOM   730  C C   . ARG A 1 100 ? 7.656   -8.018  3.329   1.00 13.20 ? 100  ARG A C   1 
ATOM   731  O O   . ARG A 1 100 ? 7.786   -6.818  3.126   1.00 11.70 ? 100  ARG A O   1 
ATOM   732  C CB  . ARG A 1 100 ? 5.415   -8.524  4.271   1.00 16.17 ? 100  ARG A CB  1 
ATOM   733  C CG  . ARG A 1 100 ? 4.523   -8.944  5.413   1.00 18.08 ? 100  ARG A CG  1 
ATOM   734  C CD  . ARG A 1 100 ? 3.116   -9.187  4.994   1.00 22.13 ? 100  ARG A CD  1 
ATOM   735  N NE  . ARG A 1 100 ? 3.014   -10.529 4.409   1.00 34.20 ? 100  ARG A NE  1 
ATOM   736  C CZ  . ARG A 1 100 ? 1.904   -11.266 4.361   1.00 38.29 ? 100  ARG A CZ  1 
ATOM   737  N NH1 . ARG A 1 100 ? 0.759   -10.810 4.860   1.00 39.90 ? 100  ARG A NH1 1 
ATOM   738  N NH2 . ARG A 1 100 ? 1.943   -12.473 3.808   1.00 39.54 ? 100  ARG A NH2 1 
ATOM   739  N N   . HIS A 1 101 ? 8.015   -8.924  2.418   1.00 12.46 ? 101  HIS A N   1 
ATOM   740  C CA  . HIS A 1 101 ? 8.383   -8.471  1.065   1.00 11.32 ? 101  HIS A CA  1 
ATOM   741  C C   . HIS A 1 101 ? 7.156   -7.965  0.348   1.00 12.23 ? 101  HIS A C   1 
ATOM   742  O O   . HIS A 1 101 ? 6.043   -8.417  0.632   1.00 13.80 ? 101  HIS A O   1 
ATOM   743  C CB  . HIS A 1 101 ? 8.986   -9.619  0.240   1.00 13.55 ? 101  HIS A CB  1 
ATOM   744  C CG  . HIS A 1 101 ? 10.264  -10.139 0.809   1.00 13.89 ? 101  HIS A CG  1 
ATOM   745  N ND1 . HIS A 1 101 ? 11.501  -9.827  0.284   1.00 17.43 ? 101  HIS A ND1 1 
ATOM   746  C CD2 . HIS A 1 101 ? 10.493  -10.946 1.878   1.00 17.01 ? 101  HIS A CD2 1 
ATOM   747  C CE1 . HIS A 1 101 ? 12.438  -10.434 1.002   1.00 18.05 ? 101  HIS A CE1 1 
ATOM   748  N NE2 . HIS A 1 101 ? 11.855  -11.096 1.979   1.00 22.62 ? 101  HIS A NE2 1 
ATOM   749  N N   . VAL A 1 102 ? 7.355   -7.004  -0.549  1.00 11.56 ? 102  VAL A N   1 
ATOM   750  C CA  . VAL A 1 102 ? 6.217   -6.412  -1.293  1.00 12.06 ? 102  VAL A CA  1 
ATOM   751  C C   . VAL A 1 102 ? 6.443   -6.599  -2.794  1.00 11.58 ? 102  VAL A C   1 
ATOM   752  O O   . VAL A 1 102 ? 7.599   -6.709  -3.259  1.00 12.45 ? 102  VAL A O   1 
ATOM   753  C CB  . VAL A 1 102 ? 6.008   -4.931  -0.985  1.00 13.96 ? 102  VAL A CB  1 
ATOM   754  C CG1 . VAL A 1 102 ? 5.727   -4.682  0.535   1.00 15.75 ? 102  VAL A CG1 1 
ATOM   755  C CG2 . VAL A 1 102 ? 7.214   -4.090  -1.394  1.00 14.61 ? 102  VAL A CG2 1 
ATOM   756  N N   . VAL A 1 103 ? 5.348   -6.667  -3.518  1.00 10.35 ? 103  VAL A N   1 
ATOM   757  C CA  . VAL A 1 103 ? 5.369   -6.765  -4.967  1.00 10.30 ? 103  VAL A CA  1 
ATOM   758  C C   . VAL A 1 103 ? 4.670   -5.535  -5.527  1.00 10.39 ? 103  VAL A C   1 
ATOM   759  O O   . VAL A 1 103 ? 3.544   -5.216  -5.120  1.00 11.31 ? 103  VAL A O   1 
ATOM   760  C CB  . VAL A 1 103 ? 4.643   -8.043  -5.447  1.00 10.72 ? 103  VAL A CB  1 
ATOM   761  C CG1 . VAL A 1 103 ? 4.553   -8.031  -6.976  1.00 13.35 ? 103  VAL A CG1 1 
ATOM   762  C CG2 . VAL A 1 103 ? 5.458   -9.298  -5.011  1.00 15.37 ? 103  VAL A CG2 1 
ATOM   763  N N   . ILE A 1 104 ? 5.340   -4.803  -6.398  1.00 9.76  ? 104  ILE A N   1 
ATOM   764  C CA  . ILE A 1 104 ? 4.779   -3.584  -7.059  1.00 9.85  ? 104  ILE A CA  1 
ATOM   765  C C   . ILE A 1 104 ? 4.979   -3.625  -8.562  1.00 11.61 ? 104  ILE A C   1 
ATOM   766  O O   . ILE A 1 104 ? 5.712   -4.480  -9.061  1.00 12.44 ? 104  ILE A O   1 
ATOM   767  C CB  . ILE A 1 104 ? 5.434   -2.305  -6.455  1.00 10.64 ? 104  ILE A CB  1 
ATOM   768  C CG1 . ILE A 1 104 ? 6.925   -2.260  -6.775  1.00 11.65 ? 104  ILE A CG1 1 
ATOM   769  C CG2 . ILE A 1 104 ? 5.216   -2.251  -4.899  1.00 11.41 ? 104  ILE A CG2 1 
ATOM   770  C CD1 . ILE A 1 104 ? 7.629   -0.941  -6.335  1.00 14.49 ? 104  ILE A CD1 1 
ATOM   771  N N   . ALA A 1 105 ? 4.367   -2.689  -9.276  1.00 11.22 ? 105  ALA A N   1 
ATOM   772  C CA  . ALA A 1 105 ? 4.751   -2.423  -10.675 1.00 11.07 ? 105  ALA A CA  1 
ATOM   773  C C   . ALA A 1 105 ? 5.438   -1.077  -10.758 1.00 11.63 ? 105  ALA A C   1 
ATOM   774  O O   . ALA A 1 105 ? 5.054   -0.157  -10.024 1.00 12.31 ? 105  ALA A O   1 
ATOM   775  C CB  . ALA A 1 105 ? 3.530   -2.401  -11.588 1.00 14.77 ? 105  ALA A CB  1 
ATOM   776  N N   . CYS A 1 106 ? 6.458   -0.977  -11.611 1.00 11.38 ? 106  CYS A N   1 
ATOM   777  C CA  . CYS A 1 106 ? 7.209   0.268   -11.824 1.00 11.92 ? 106  CYS A CA  1 
ATOM   778  C C   . CYS A 1 106 ? 7.039   0.693   -13.277 1.00 14.10 ? 106  CYS A C   1 
ATOM   779  O O   . CYS A 1 106 ? 6.958   -0.154  -14.189 1.00 15.94 ? 106  CYS A O   1 
ATOM   780  C CB  . CYS A 1 106 ? 8.673   0.016   -11.616 1.00 12.68 ? 106  CYS A CB  1 
ATOM   781  S SG  . CYS A 1 106 ? 9.039   -0.427  -9.888  1.00 14.53 ? 106  CYS A SG  1 
ATOM   782  N N   . GLU A 1 107 ? 7.071   2.002   -13.502 1.00 12.82 ? 107  GLU A N   1 
ATOM   783  C CA  . GLU A 1 107 ? 7.075   2.582   -14.865 1.00 14.39 ? 107  GLU A CA  1 
ATOM   784  C C   . GLU A 1 107 ? 8.013   3.792   -14.752 1.00 12.48 ? 107  GLU A C   1 
ATOM   785  O O   . GLU A 1 107 ? 7.894   4.606   -13.839 1.00 13.35 ? 107  GLU A O   1 
ATOM   786  C CB  . GLU A 1 107 ? 5.679   3.034   -15.334 1.00 17.18 ? 107  GLU A CB  1 
ATOM   787  N N   . ASN A 1 108 ? 8.952   3.932   -15.691 1.00 13.34 ? 108  ASN A N   1 
ATOM   788  C CA  . ASN A 1 108 ? 9.905   5.060   -15.668 1.00 12.62 ? 108  ASN A CA  1 
ATOM   789  C C   . ASN A 1 108 ? 10.655  5.192   -14.346 1.00 12.56 ? 108  ASN A C   1 
ATOM   790  O O   . ASN A 1 108 ? 11.018  6.280   -13.904 1.00 14.30 ? 108  ASN A O   1 
ATOM   791  C CB  . ASN A 1 108 ? 9.187   6.404   -16.041 1.00 13.51 ? 108  ASN A CB  1 
ATOM   792  C CG  . ASN A 1 108 ? 10.151  7.526   -16.438 1.00 15.20 ? 108  ASN A CG  1 
ATOM   793  O OD1 . ASN A 1 108 ? 11.227  7.278   -16.983 1.00 17.84 ? 108  ASN A OD1 1 
ATOM   794  N ND2 . ASN A 1 108 ? 9.787   8.757   -16.111 1.00 15.29 ? 108  ASN A ND2 1 
ATOM   795  N N   . GLY A 1 109 ? 10.963  4.033   -13.740 1.00 12.67 ? 109  GLY A N   1 
ATOM   796  C CA  . GLY A 1 109 ? 11.759  4.017   -12.523 1.00 13.06 ? 109  GLY A CA  1 
ATOM   797  C C   . GLY A 1 109 ? 10.993  4.325   -11.251 1.00 12.74 ? 109  GLY A C   1 
ATOM   798  O O   . GLY A 1 109 ? 11.611  4.484   -10.211 1.00 15.37 ? 109  GLY A O   1 
ATOM   799  N N   . LEU A 1 110 ? 9.670   4.426   -11.360 1.00 11.95 ? 110  LEU A N   1 
ATOM   800  C CA  . LEU A 1 110 ? 8.860   4.899   -10.226 1.00 11.24 ? 110  LEU A CA  1 
ATOM   801  C C   . LEU A 1 110 ? 7.770   3.873   -9.930  1.00 9.71  ? 110  LEU A C   1 
ATOM   802  O O   . LEU A 1 110 ? 7.218   3.248   -10.825 1.00 10.61 ? 110  LEU A O   1 
ATOM   803  C CB  . LEU A 1 110 ? 8.177   6.239   -10.597 1.00 11.52 ? 110  LEU A CB  1 
ATOM   804  C CG  . LEU A 1 110 ? 9.174   7.377   -10.829 1.00 12.98 ? 110  LEU A CG  1 
ATOM   805  C CD1 . LEU A 1 110 ? 8.353   8.550   -11.484 1.00 19.07 ? 110  LEU A CD1 1 
ATOM   806  C CD2 . LEU A 1 110 ? 9.879   7.788   -9.564  1.00 16.75 ? 110  LEU A CD2 1 
ATOM   807  N N   . PRO A 1 111 ? 7.424   3.677   -8.670  1.00 8.66  ? 111  PRO A N   1 
ATOM   808  C CA  . PRO A 1 111 ? 6.318   2.779   -8.312  1.00 9.65  ? 111  PRO A CA  1 
ATOM   809  C C   . PRO A 1 111 ? 4.964   3.328   -8.773  1.00 10.43 ? 111  PRO A C   1 
ATOM   810  O O   . PRO A 1 111 ? 4.644   4.507   -8.527  1.00 12.28 ? 111  PRO A O   1 
ATOM   811  C CB  . PRO A 1 111 ? 6.386   2.712   -6.775  1.00 11.63 ? 111  PRO A CB  1 
ATOM   812  C CG  . PRO A 1 111 ? 7.163   3.915   -6.376  1.00 18.14 ? 111  PRO A CG  1 
ATOM   813  C CD  . PRO A 1 111 ? 8.127   4.249   -7.508  1.00 11.23 ? 111  PRO A CD  1 
ATOM   814  N N   . VAL A 1 112 ? 4.146   2.473   -9.394  1.00 10.29 ? 112  VAL A N   1 
ATOM   815  C CA  . VAL A 1 112 ? 2.842   2.945   -9.917  1.00 11.97 ? 112  VAL A CA  1 
ATOM   816  C C   . VAL A 1 112 ? 1.652   2.069   -9.532  1.00 13.29 ? 112  VAL A C   1 
ATOM   817  O O   . VAL A 1 112 ? 0.522   2.491   -9.689  1.00 15.39 ? 112  VAL A O   1 
ATOM   818  C CB  . VAL A 1 112 ? 2.848   3.136   -11.462 1.00 12.99 ? 112  VAL A CB  1 
ATOM   819  C CG1 . VAL A 1 112 ? 3.856   4.285   -11.877 1.00 15.01 ? 112  VAL A CG1 1 
ATOM   820  C CG2 . VAL A 1 112 ? 3.127   1.817   -12.179 1.00 15.25 ? 112  VAL A CG2 1 
ATOM   821  N N   . HIS A 1 113 ? 1.881   0.871   -9.006  1.00 11.40 ? 113  HIS A N   1 
ATOM   822  C CA  . HIS A 1 113 ? 0.801   -0.005  -8.573  1.00 12.68 ? 113  HIS A CA  1 
ATOM   823  C C   . HIS A 1 113 ? 1.303   -0.937  -7.463  1.00 12.40 ? 113  HIS A C   1 
ATOM   824  O O   . HIS A 1 113 ? 2.495   -1.331  -7.458  1.00 13.53 ? 113  HIS A O   1 
ATOM   825  C CB  . HIS A 1 113 ? 0.289   -0.809  -9.792  1.00 14.86 ? 113  HIS A CB  1 
ATOM   826  C CG  A HIS A 1 113 ? -0.472  -2.061  -9.488  0.50 15.80 ? 113  HIS A CG  1 
ATOM   827  C CG  B HIS A 1 113 ? -0.497  0.005   -10.772 0.50 16.71 ? 113  HIS A CG  1 
ATOM   828  N ND1 A HIS A 1 113 ? -1.823  -2.057  -9.228  0.50 18.94 ? 113  HIS A ND1 1 
ATOM   829  N ND1 B HIS A 1 113 ? -1.632  0.715   -10.424 0.50 17.17 ? 113  HIS A ND1 1 
ATOM   830  C CD2 A HIS A 1 113 ? -0.093  -3.363  -9.501  0.50 20.43 ? 113  HIS A CD2 1 
ATOM   831  C CD2 B HIS A 1 113 ? -0.296  0.235   -12.089 0.50 20.98 ? 113  HIS A CD2 1 
ATOM   832  C CE1 A HIS A 1 113 ? -2.235  -3.299  -9.043  0.50 15.57 ? 113  HIS A CE1 1 
ATOM   833  C CE1 B HIS A 1 113 ? -2.091  1.349   -11.492 0.50 19.74 ? 113  HIS A CE1 1 
ATOM   834  N NE2 A HIS A 1 113 ? -1.202  -4.109  -9.199  0.50 21.02 ? 113  HIS A NE2 1 
ATOM   835  N NE2 B HIS A 1 113 ? -1.296  1.076   -12.510 0.50 19.85 ? 113  HIS A NE2 1 
ATOM   836  N N   . PHE A 1 114 ? 0.442   -1.290  -6.527  1.00 12.68 ? 114  PHE A N   1 
ATOM   837  C CA  . PHE A 1 114 ? 0.762   -2.230  -5.469  1.00 10.79 ? 114  PHE A CA  1 
ATOM   838  C C   . PHE A 1 114 ? -0.009  -3.519  -5.722  1.00 11.35 ? 114  PHE A C   1 
ATOM   839  O O   . PHE A 1 114 ? -1.239  -3.468  -5.914  1.00 14.01 ? 114  PHE A O   1 
ATOM   840  C CB  . PHE A 1 114 ? 0.349   -1.637  -4.086  1.00 11.38 ? 114  PHE A CB  1 
ATOM   841  C CG  . PHE A 1 114 ? 0.878   -2.433  -2.929  1.00 10.37 ? 114  PHE A CG  1 
ATOM   842  C CD1 . PHE A 1 114 ? 0.183   -3.536  -2.424  1.00 12.30 ? 114  PHE A CD1 1 
ATOM   843  C CD2 . PHE A 1 114 ? 2.102   -2.124  -2.381  1.00 12.58 ? 114  PHE A CD2 1 
ATOM   844  C CE1 . PHE A 1 114 ? 0.705   -4.304  -1.406  1.00 12.96 ? 114  PHE A CE1 1 
ATOM   845  C CE2 . PHE A 1 114 ? 2.609   -2.875  -1.333  1.00 14.58 ? 114  PHE A CE2 1 
ATOM   846  C CZ  . PHE A 1 114 ? 1.904   -3.966  -0.841  1.00 14.29 ? 114  PHE A CZ  1 
ATOM   847  N N   . ASP A 1 115 ? 0.663   -4.678  -5.683  1.00 9.85  ? 115  ASP A N   1 
ATOM   848  C CA  . ASP A 1 115 ? -0.043  -5.966  -5.887  1.00 10.91 ? 115  ASP A CA  1 
ATOM   849  C C   . ASP A 1 115 ? -0.596  -6.471  -4.572  1.00 12.12 ? 115  ASP A C   1 
ATOM   850  O O   . ASP A 1 115 ? 0.107   -7.118  -3.776  1.00 13.12 ? 115  ASP A O   1 
ATOM   851  C CB  . ASP A 1 115 ? 0.945   -6.936  -6.513  1.00 13.20 ? 115  ASP A CB  1 
ATOM   852  C CG  . ASP A 1 115 ? 0.369   -8.291  -6.775  1.00 17.22 ? 115  ASP A CG  1 
ATOM   853  O OD1 . ASP A 1 115 ? -0.858  -8.498  -6.619  1.00 18.27 ? 115  ASP A OD1 1 
ATOM   854  O OD2 . ASP A 1 115 ? 1.148   -9.247  -7.051  1.00 21.11 ? 115  ASP A OD2 1 
ATOM   855  N N   . GLU A 1 116 ? -1.861  -6.149  -4.326  1.00 11.91 ? 116  GLU A N   1 
ATOM   856  C CA  . GLU A 1 116 ? -2.495  -6.638  -3.097  1.00 12.81 ? 116  GLU A CA  1 
ATOM   857  C C   . GLU A 1 116 ? -2.653  -8.159  -3.031  1.00 15.71 ? 116  GLU A C   1 
ATOM   858  O O   . GLU A 1 116 ? -2.675  -8.739  -1.947  1.00 18.40 ? 116  GLU A O   1 
ATOM   859  C CB  . GLU A 1 116 ? -3.850  -5.964  -2.854  1.00 13.27 ? 116  GLU A CB  1 
ATOM   860  C CG  . GLU A 1 116 ? -3.836  -4.438  -2.849  1.00 11.91 ? 116  GLU A CG  1 
ATOM   861  C CD  . GLU A 1 116 ? -3.266  -3.829  -1.576  1.00 11.86 ? 116  GLU A CD  1 
ATOM   862  O OE1 . GLU A 1 116 ? -2.961  -4.576  -0.622  1.00 13.80 ? 116  GLU A OE1 1 
ATOM   863  O OE2 . GLU A 1 116 ? -3.127  -2.578  -1.538  1.00 12.61 ? 116  GLU A OE2 1 
ATOM   864  N N   . SER A 1 117 ? -2.714  -8.799  -4.195  1.00 15.86 ? 117  SER A N   1 
ATOM   865  C CA  . SER A 1 117 ? -3.020  -10.223 -4.238  1.00 17.99 ? 117  SER A CA  1 
ATOM   866  C C   . SER A 1 117 ? -1.871  -11.047 -3.713  1.00 19.16 ? 117  SER A C   1 
ATOM   867  O O   . SER A 1 117 ? -2.065  -12.218 -3.371  1.00 22.59 ? 117  SER A O   1 
ATOM   868  C CB  . SER A 1 117 ? -3.373  -10.630 -5.665  1.00 18.60 ? 117  SER A CB  1 
ATOM   869  O OG  A SER A 1 117 ? -2.206  -10.818 -6.446  0.50 22.41 ? 117  SER A OG  1 
ATOM   870  O OG  B SER A 1 117 ? -4.531  -9.932  -6.076  0.50 20.60 ? 117  SER A OG  1 
ATOM   871  N N   . PHE A 1 118 ? -0.668  -10.469 -3.645  1.00 16.65 ? 118  PHE A N   1 
ATOM   872  C CA  . PHE A 1 118 ? 0.505   -11.218 -3.176  1.00 17.19 ? 118  PHE A CA  1 
ATOM   873  C C   . PHE A 1 118 ? 0.352   -11.674 -1.716  1.00 20.03 ? 118  PHE A C   1 
ATOM   874  O O   . PHE A 1 118 ? 0.832   -12.740 -1.346  1.00 23.13 ? 118  PHE A O   1 
ATOM   875  C CB  . PHE A 1 118 ? 1.814   -10.424 -3.375  1.00 18.43 ? 118  PHE A CB  1 
ATOM   876  C CG  . PHE A 1 118 ? 3.043   -11.172 -2.928  1.00 19.97 ? 118  PHE A CG  1 
ATOM   877  C CD1 . PHE A 1 118 ? 3.471   -12.285 -3.642  1.00 21.01 ? 118  PHE A CD1 1 
ATOM   878  C CD2 . PHE A 1 118 ? 3.774   -10.762 -1.807  1.00 20.01 ? 118  PHE A CD2 1 
ATOM   879  C CE1 . PHE A 1 118 ? 4.617   -12.997 -3.242  1.00 24.23 ? 118  PHE A CE1 1 
ATOM   880  C CE2 . PHE A 1 118 ? 4.932   -11.476 -1.390  1.00 25.00 ? 118  PHE A CE2 1 
ATOM   881  C CZ  . PHE A 1 118 ? 5.329   -12.603 -2.122  1.00 25.46 ? 118  PHE A CZ  1 
ATOM   882  N N   . PHE A 1 119 ? -0.343  -10.885 -0.907  1.00 19.45 ? 119  PHE A N   1 
ATOM   883  C CA  . PHE A 1 119 ? -0.565  -11.235 0.494   1.00 23.13 ? 119  PHE A CA  1 
ATOM   884  C C   . PHE A 1 119 ? -1.781  -12.166 0.644   1.00 26.86 ? 119  PHE A C   1 
ATOM   885  O O   . PHE A 1 119 ? -1.976  -12.766 1.701   1.00 30.76 ? 119  PHE A O   1 
ATOM   886  C CB  . PHE A 1 119 ? -0.774  -9.971  1.332   1.00 21.19 ? 119  PHE A CB  1 
ATOM   887  C CG  . PHE A 1 119 ? 0.421   -9.021  1.380   1.00 19.77 ? 119  PHE A CG  1 
ATOM   888  C CD1 . PHE A 1 119 ? 1.749   -9.454  1.206   1.00 19.99 ? 119  PHE A CD1 1 
ATOM   889  C CD2 . PHE A 1 119 ? 0.194   -7.665  1.674   1.00 21.66 ? 119  PHE A CD2 1 
ATOM   890  C CE1 . PHE A 1 119 ? 2.813   -8.533  1.274   1.00 24.11 ? 119  PHE A CE1 1 
ATOM   891  C CE2 . PHE A 1 119 ? 1.255   -6.772  1.788   1.00 23.02 ? 119  PHE A CE2 1 
ATOM   892  C CZ  . PHE A 1 119 ? 2.552   -7.195  1.572   1.00 22.55 ? 119  PHE A CZ  1 
ATOM   893  N N   . SER A 1 120 ? -2.587  -12.270 -0.411  1.00 30.14 ? 120  SER A N   1 
HETATM 894  S S   . SO4 B 2 .   ? -3.354  0.423   -6.922  0.67 21.59 ? 1121 SO4 A S   1 
HETATM 895  O O1  . SO4 B 2 .   ? -1.988  0.088   -6.542  0.67 22.45 ? 1121 SO4 A O1  1 
HETATM 896  O O2  . SO4 B 2 .   ? -3.259  1.355   -8.050  0.67 29.87 ? 1121 SO4 A O2  1 
HETATM 897  O O3  . SO4 B 2 .   ? -3.961  1.081   -5.759  0.67 24.20 ? 1121 SO4 A O3  1 
HETATM 898  O O4  . SO4 B 2 .   ? -4.155  -0.718  -7.349  0.67 32.02 ? 1121 SO4 A O4  1 
HETATM 899  S S   . SO4 C 2 .   ? 9.914   12.547  -5.279  1.00 34.77 ? 1122 SO4 A S   1 
HETATM 900  O O1  . SO4 C 2 .   ? 8.972   11.839  -4.422  1.00 39.33 ? 1122 SO4 A O1  1 
HETATM 901  O O2  . SO4 C 2 .   ? 10.626  11.567  -6.093  1.00 40.46 ? 1122 SO4 A O2  1 
HETATM 902  O O3  . SO4 C 2 .   ? 10.816  13.327  -4.437  1.00 41.26 ? 1122 SO4 A O3  1 
HETATM 903  O O4  . SO4 C 2 .   ? 9.156   13.425  -6.161  1.00 38.24 ? 1122 SO4 A O4  1 
HETATM 904  O O   . HOH D 3 .   ? 2.089   14.917  -10.706 1.00 21.79 ? 2001 HOH A O   1 
HETATM 905  O O   . HOH D 3 .   ? 4.033   8.460   -12.818 1.00 18.93 ? 2002 HOH A O   1 
HETATM 906  O O   . HOH D 3 .   ? 6.455   11.209  3.897   1.00 39.01 ? 2003 HOH A O   1 
HETATM 907  O O   . HOH D 3 .   ? 9.647   1.141   8.939   1.00 40.91 ? 2004 HOH A O   1 
HETATM 908  O O   . HOH D 3 .   ? -3.717  11.102  -5.693  1.00 40.59 ? 2005 HOH A O   1 
HETATM 909  O O   . HOH D 3 .   ? -5.223  5.908   14.753  1.00 55.26 ? 2006 HOH A O   1 
HETATM 910  O O   . HOH D 3 .   ? -7.386  -3.306  16.993  1.00 26.39 ? 2007 HOH A O   1 
HETATM 911  O O   . HOH D 3 .   ? -5.529  8.750   -5.026  1.00 37.02 ? 2008 HOH A O   1 
HETATM 912  O O   . HOH D 3 .   ? -1.400  3.258   -6.551  1.00 24.01 ? 2009 HOH A O   1 
HETATM 913  O O   . HOH D 3 .   ? -9.177  12.379  -4.361  1.00 57.70 ? 2010 HOH A O   1 
HETATM 914  O O   . HOH D 3 .   ? -0.104  7.987   10.451  1.00 28.97 ? 2011 HOH A O   1 
HETATM 915  O O   . HOH D 3 .   ? 1.712   10.408  6.100   1.00 44.41 ? 2012 HOH A O   1 
HETATM 916  O O   . HOH D 3 .   ? 4.374   9.793   4.931   1.00 22.68 ? 2013 HOH A O   1 
HETATM 917  O O   . HOH D 3 .   ? 8.418   3.842   10.072  1.00 44.96 ? 2014 HOH A O   1 
HETATM 918  O O   . HOH D 3 .   ? 3.930   9.421   8.776   1.00 35.45 ? 2015 HOH A O   1 
HETATM 919  O O   . HOH D 3 .   ? 3.109   2.598   14.816  1.00 43.11 ? 2016 HOH A O   1 
HETATM 920  O O   . HOH D 3 .   ? -2.456  4.521   17.878  1.00 57.79 ? 2017 HOH A O   1 
HETATM 921  O O   . HOH D 3 .   ? 10.732  9.101   6.332   1.00 41.42 ? 2018 HOH A O   1 
HETATM 922  O O   . HOH D 3 .   ? 9.108   11.426  5.915   1.00 54.02 ? 2019 HOH A O   1 
HETATM 923  O O   . HOH D 3 .   ? -4.501  3.833   16.196  1.00 37.89 ? 2020 HOH A O   1 
HETATM 924  O O   . HOH D 3 .   ? -5.214  -1.839  18.993  1.00 30.57 ? 2021 HOH A O   1 
HETATM 925  O O   . HOH D 3 .   ? 9.592   -2.695  -14.244 1.00 45.16 ? 2022 HOH A O   1 
HETATM 926  O O   . HOH D 3 .   ? -11.434 -5.829  14.948  1.00 30.75 ? 2023 HOH A O   1 
HETATM 927  O O   . HOH D 3 .   ? -7.581  -6.606  13.095  1.00 30.51 ? 2024 HOH A O   1 
HETATM 928  O O   . HOH D 3 .   ? 17.329  -4.544  -0.786  1.00 34.23 ? 2025 HOH A O   1 
HETATM 929  O O   . HOH D 3 .   ? -8.107  -0.433  16.726  1.00 21.40 ? 2026 HOH A O   1 
HETATM 930  O O   . HOH D 3 .   ? 6.980   -4.813  -17.411 1.00 51.33 ? 2027 HOH A O   1 
HETATM 931  O O   . HOH D 3 .   ? 1.012   -11.019 -12.431 1.00 44.27 ? 2028 HOH A O   1 
HETATM 932  O O   . HOH D 3 .   ? -12.907 4.778   7.079   1.00 23.72 ? 2029 HOH A O   1 
HETATM 933  O O   . HOH D 3 .   ? -12.317 0.287   15.244  1.00 44.56 ? 2030 HOH A O   1 
HETATM 934  O O   . HOH D 3 .   ? -9.592  10.493  9.265   1.00 45.74 ? 2031 HOH A O   1 
HETATM 935  O O   . HOH D 3 .   ? -4.346  13.645  3.340   1.00 37.00 ? 2032 HOH A O   1 
HETATM 936  O O   . HOH D 3 .   ? -9.197  13.892  2.816   1.00 33.69 ? 2033 HOH A O   1 
HETATM 937  O O   . HOH D 3 .   ? -7.256  9.523   -3.166  1.00 24.81 ? 2034 HOH A O   1 
HETATM 938  O O   . HOH D 3 .   ? -21.792 -1.182  6.591   1.00 42.77 ? 2035 HOH A O   1 
HETATM 939  O O   . HOH D 3 .   ? -12.811 7.112   -2.780  1.00 34.98 ? 2036 HOH A O   1 
HETATM 940  O O   . HOH D 3 .   ? -11.232 13.879  -2.312  1.00 44.01 ? 2037 HOH A O   1 
HETATM 941  O O   . HOH D 3 .   ? -10.948 10.389  -4.031  1.00 58.94 ? 2038 HOH A O   1 
HETATM 942  O O   . HOH D 3 .   ? -13.431 9.285   0.296   1.00 32.83 ? 2039 HOH A O   1 
HETATM 943  O O   . HOH D 3 .   ? -16.733 9.272   2.523   1.00 64.02 ? 2040 HOH A O   1 
HETATM 944  O O   . HOH D 3 .   ? -15.718 8.509   4.960   1.00 41.39 ? 2041 HOH A O   1 
HETATM 945  O O   . HOH D 3 .   ? -12.363 3.549   -3.656  1.00 41.89 ? 2042 HOH A O   1 
HETATM 946  O O   . HOH D 3 .   ? -12.258 -1.544  -4.044  1.00 34.69 ? 2043 HOH A O   1 
HETATM 947  O O   . HOH D 3 .   ? -9.540  -3.065  -3.406  1.00 38.65 ? 2044 HOH A O   1 
HETATM 948  O O   . HOH D 3 .   ? -7.172  -3.009  -4.270  1.00 40.72 ? 2045 HOH A O   1 
HETATM 949  O O   . HOH D 3 .   ? -3.305  4.382   -10.561 1.00 43.83 ? 2046 HOH A O   1 
HETATM 950  O O   . HOH D 3 .   ? -4.852  -8.717  2.005   1.00 45.25 ? 2047 HOH A O   1 
HETATM 951  O O   . HOH D 3 .   ? 10.369  2.380   3.083   1.00 17.12 ? 2048 HOH A O   1 
HETATM 952  O O   . HOH D 3 .   ? 13.013  3.676   5.918   1.00 35.62 ? 2049 HOH A O   1 
HETATM 953  O O   . HOH D 3 .   ? 9.767   9.819   3.293   1.00 35.53 ? 2050 HOH A O   1 
HETATM 954  O O   . HOH D 3 .   ? 15.743  8.595   -4.207  1.00 49.92 ? 2051 HOH A O   1 
HETATM 955  O O   . HOH D 3 .   ? 15.912  5.572   -4.322  1.00 28.68 ? 2052 HOH A O   1 
HETATM 956  O O   . HOH D 3 .   ? 13.064  9.711   1.273   1.00 36.92 ? 2053 HOH A O   1 
HETATM 957  O O   . HOH D 3 .   ? 13.246  9.904   -2.295  1.00 53.24 ? 2054 HOH A O   1 
HETATM 958  O O   . HOH D 3 .   ? 12.105  0.929   4.453   1.00 25.42 ? 2055 HOH A O   1 
HETATM 959  O O   . HOH D 3 .   ? 14.782  -0.991  -0.908  1.00 21.31 ? 2056 HOH A O   1 
HETATM 960  O O   . HOH D 3 .   ? 15.887  -1.715  -13.141 1.00 43.20 ? 2057 HOH A O   1 
HETATM 961  O O   . HOH D 3 .   ? 11.772  -0.809  -13.039 1.00 27.94 ? 2058 HOH A O   1 
HETATM 962  O O   . HOH D 3 .   ? 19.108  1.145   -8.359  1.00 32.50 ? 2059 HOH A O   1 
HETATM 963  O O   . HOH D 3 .   ? 14.054  -4.029  -1.161  1.00 20.69 ? 2060 HOH A O   1 
HETATM 964  O O   . HOH D 3 .   ? 17.900  -6.384  -9.433  1.00 28.93 ? 2061 HOH A O   1 
HETATM 965  O O   . HOH D 3 .   ? 13.618  -10.258 -4.832  1.00 34.89 ? 2062 HOH A O   1 
HETATM 966  O O   . HOH D 3 .   ? 13.719  -12.428 -11.046 1.00 28.55 ? 2063 HOH A O   1 
HETATM 967  O O   . HOH D 3 .   ? 11.347  -12.225 -8.034  1.00 28.21 ? 2064 HOH A O   1 
HETATM 968  O O   . HOH D 3 .   ? 1.406   -13.924 -6.822  1.00 37.21 ? 2065 HOH A O   1 
HETATM 969  O O   . HOH D 3 .   ? 8.743   -8.629  -14.469 1.00 21.54 ? 2066 HOH A O   1 
HETATM 970  O O   . HOH D 3 .   ? 0.875   -13.260 -13.926 1.00 24.17 ? 2067 HOH A O   1 
HETATM 971  O O   . HOH D 3 .   ? 8.498   -7.466  -18.844 1.00 35.82 ? 2068 HOH A O   1 
HETATM 972  O O   . HOH D 3 .   ? 2.725   -9.599  -14.237 1.00 24.98 ? 2069 HOH A O   1 
HETATM 973  O O   . HOH D 3 .   ? 7.361   -3.449  -12.826 1.00 19.43 ? 2070 HOH A O   1 
HETATM 974  O O   . HOH D 3 .   ? 10.431  -5.837  -13.155 1.00 37.80 ? 2071 HOH A O   1 
HETATM 975  O O   . HOH D 3 .   ? 15.940  -9.927  2.643   0.50 23.13 ? 2072 HOH A O   1 
HETATM 976  O O   . HOH D 3 .   ? 15.088  -1.224  1.824   1.00 36.14 ? 2073 HOH A O   1 
HETATM 977  O O   . HOH D 3 .   ? 13.015  -1.907  3.700   1.00 29.72 ? 2074 HOH A O   1 
HETATM 978  O O   . HOH D 3 .   ? 5.401   -5.825  11.939  1.00 27.94 ? 2075 HOH A O   1 
HETATM 979  O O   . HOH D 3 .   ? 9.646   -0.316  6.254   1.00 20.61 ? 2076 HOH A O   1 
HETATM 980  O O   . HOH D 3 .   ? 0.013   -7.111  5.660   1.00 32.80 ? 2077 HOH A O   1 
HETATM 981  O O   . HOH D 3 .   ? -15.212 -3.921  -0.200  1.00 43.70 ? 2078 HOH A O   1 
HETATM 982  O O   . HOH D 3 .   ? -19.329 0.329   4.484   1.00 32.13 ? 2079 HOH A O   1 
HETATM 983  O O   . HOH D 3 .   ? -23.092 7.017   3.606   1.00 35.67 ? 2080 HOH A O   1 
HETATM 984  O O   . HOH D 3 .   ? -21.423 1.798   7.767   1.00 29.43 ? 2081 HOH A O   1 
HETATM 985  O O   . HOH D 3 .   ? -15.286 6.016   6.599   1.00 23.90 ? 2082 HOH A O   1 
HETATM 986  O O   . HOH D 3 .   ? -17.961 -0.837  6.548   1.00 33.28 ? 2083 HOH A O   1 
HETATM 987  O O   . HOH D 3 .   ? -6.513  -8.790  10.758  1.00 40.25 ? 2084 HOH A O   1 
HETATM 988  O O   . HOH D 3 .   ? 0.514   -8.388  13.248  1.00 38.72 ? 2085 HOH A O   1 
HETATM 989  O O   . HOH D 3 .   ? 5.457   -10.096 9.878   1.00 31.62 ? 2086 HOH A O   1 
HETATM 990  O O   . HOH D 3 .   ? 9.770   -10.967 5.973   1.00 42.21 ? 2087 HOH A O   1 
HETATM 991  O O   . HOH D 3 .   ? 7.516   -12.268 2.942   1.00 38.38 ? 2088 HOH A O   1 
HETATM 992  O O   . HOH D 3 .   ? 2.680   -7.001  -2.294  1.00 16.58 ? 2089 HOH A O   1 
HETATM 993  O O   . HOH D 3 .   ? 5.821   6.690   -13.925 1.00 18.82 ? 2090 HOH A O   1 
HETATM 994  O O   . HOH D 3 .   ? 7.129   9.422   -14.973 1.00 19.86 ? 2091 HOH A O   1 
HETATM 995  O O   . HOH D 3 .   ? 9.382   1.498   -17.739 1.00 44.39 ? 2092 HOH A O   1 
HETATM 996  O O   . HOH D 3 .   ? 11.997  8.922   -13.010 1.00 34.93 ? 2093 HOH A O   1 
HETATM 997  O O   . HOH D 3 .   ? 10.617  1.250   -14.505 1.00 24.56 ? 2094 HOH A O   1 
HETATM 998  O O   . HOH D 3 .   ? 13.960  3.073   -15.548 1.00 53.51 ? 2095 HOH A O   1 
HETATM 999  O O   . HOH D 3 .   ? -0.938  4.602   -9.173  1.00 21.34 ? 2096 HOH A O   1 
HETATM 1000 O O   . HOH D 3 .   ? -1.348  -6.847  -9.363  1.00 40.41 ? 2097 HOH A O   1 
HETATM 1001 O O   . HOH D 3 .   ? 0.581   -11.591 -7.628  1.00 35.67 ? 2098 HOH A O   1 
HETATM 1002 O O   . HOH D 3 .   ? -0.513  -10.292 -9.754  1.00 61.88 ? 2099 HOH A O   1 
HETATM 1003 O O   . HOH D 3 .   ? -4.381  -1.357  -3.685  1.00 21.44 ? 2100 HOH A O   1 
HETATM 1004 O O   . HOH D 3 .   ? -3.255  -7.323  0.332   1.00 22.71 ? 2101 HOH A O   1 
HETATM 1005 O O   . HOH D 3 .   ? -3.926  -5.281  -6.454  1.00 31.29 ? 2102 HOH A O   1 
HETATM 1006 O O   . HOH D 3 .   ? -5.862  -9.253  -0.996  1.00 49.25 ? 2103 HOH A O   1 
HETATM 1007 O O   . HOH D 3 .   ? -3.063  -9.482  -9.313  1.00 74.63 ? 2104 HOH A O   1 
HETATM 1008 O O   . HOH D 3 .   ? -3.822  -2.351  -6.240  0.33 16.36 ? 2105 HOH A O   1 
HETATM 1009 O O   . HOH D 3 .   ? -6.620  -0.742  -6.561  1.00 60.78 ? 2106 HOH A O   1 
HETATM 1010 O O   . HOH D 3 .   ? 8.102   13.556  -8.128  1.00 38.54 ? 2107 HOH A O   1 
HETATM 1011 O O   . HOH D 3 .   ? 11.127  11.149  -8.661  1.00 41.03 ? 2108 HOH A O   1 
# 
